data_5HDF
#
_entry.id   5HDF
#
_cell.length_a   178.420
_cell.length_b   81.970
_cell.length_c   118.693
_cell.angle_alpha   90.00
_cell.angle_beta   126.75
_cell.angle_gamma   90.00
#
_symmetry.space_group_name_H-M   'C 1 2 1'
#
loop_
_entity.id
_entity.type
_entity.pdbx_description
1 polymer Hydrolase
2 water water
#
_entity_poly.entity_id   1
_entity_poly.type   'polypeptide(L)'
_entity_poly.pdbx_seq_one_letter_code
;VTALSRLGEPPSGHDGNSEVRRIA(MSE)KRATVPVLRRVAAVCAAALLVTVGTGGPASATGTRSAICRATTVEVTLGKG
TGK(MSE)WGELCRPAGSSPDTVVT(MSE)VHGATYNHNYWDFPYQPDKYSFRK(MSE)LNGAGYATFVVDRLGTGNSTV
PPSSELNLTVEARQ(MSE)HEVVQGLRTGRIGGTGFGKVVLAGYSLGSAVTSIEASTFHDVDAVLITALGHYNNPAGTQA
IIDNGLSPNDDPVLKDRHHYDDGYATTKPGSRKHVFYADRP(MSE)DPGVLATDELTKDANVFTEAADPLVIDPAVSRAI
DVPV(MSE)FALGDRDPL(MSE)CGDGYEDCSSQAALRAQEAPFWTSAPSFDVILVEDAGHGLNLVPNTRVYQDASRDWL
DRVVGHGLEHHHHHH
;
_entity_poly.pdbx_strand_id   B,A,C,D
#
# COMPACT_ATOMS: atom_id res chain seq x y z
N SER A 61 -18.09 10.95 2.30
CA SER A 61 -17.23 10.06 1.46
C SER A 61 -15.81 9.83 2.04
N ALA A 62 -15.58 8.57 2.27
CA ALA A 62 -14.72 8.07 3.36
C ALA A 62 -13.35 7.68 2.80
N ILE A 63 -12.38 7.58 3.68
CA ILE A 63 -11.00 7.23 3.31
C ILE A 63 -10.69 5.79 3.69
N CYS A 64 -10.36 4.99 2.70
CA CYS A 64 -10.34 3.53 2.81
C CYS A 64 -9.02 2.93 2.31
N ARG A 65 -8.59 1.87 2.96
CA ARG A 65 -7.40 1.13 2.51
C ARG A 65 -7.57 -0.36 2.80
N ALA A 66 -7.45 -1.17 1.76
CA ALA A 66 -7.51 -2.62 1.90
C ALA A 66 -6.13 -3.17 2.30
N THR A 67 -6.14 -4.25 3.04
CA THR A 67 -4.90 -5.01 3.38
C THR A 67 -5.17 -6.49 3.51
N THR A 68 -4.09 -7.24 3.66
CA THR A 68 -4.16 -8.62 4.13
C THR A 68 -3.53 -8.71 5.51
N VAL A 69 -4.10 -9.56 6.36
CA VAL A 69 -3.55 -9.84 7.69
C VAL A 69 -3.08 -11.29 7.74
N GLU A 70 -1.85 -11.52 8.15
CA GLU A 70 -1.37 -12.86 8.46
C GLU A 70 -2.02 -13.34 9.74
N VAL A 71 -2.55 -14.54 9.69
CA VAL A 71 -3.43 -15.03 10.70
C VAL A 71 -3.18 -16.52 10.91
N THR A 72 -3.32 -17.00 12.16
CA THR A 72 -3.01 -18.40 12.47
C THR A 72 -3.95 -19.38 11.79
N LEU A 73 -3.34 -20.37 11.16
CA LEU A 73 -4.03 -21.34 10.35
C LEU A 73 -3.26 -22.65 10.45
N GLY A 74 -3.80 -23.55 11.24
CA GLY A 74 -3.24 -24.88 11.40
C GLY A 74 -1.85 -24.77 11.98
N LYS A 75 -0.89 -25.47 11.39
CA LYS A 75 0.51 -25.40 11.83
C LYS A 75 1.17 -24.06 11.51
N GLY A 76 0.83 -23.50 10.36
CA GLY A 76 1.38 -22.22 9.91
C GLY A 76 0.39 -21.07 9.98
N THR A 77 0.33 -20.30 8.90
CA THR A 77 -0.57 -19.14 8.83
C THR A 77 -1.32 -19.06 7.48
N GLY A 78 -2.39 -18.27 7.49
CA GLY A 78 -3.08 -17.84 6.25
C GLY A 78 -3.27 -16.33 6.17
N LYS A 79 -3.75 -15.90 5.01
CA LYS A 79 -4.00 -14.48 4.74
C LYS A 79 -5.50 -14.15 4.79
N MSE A 80 -5.84 -13.18 5.63
CA MSE A 80 -7.21 -12.64 5.72
C MSE A 80 -7.28 -11.26 5.12
O MSE A 80 -6.61 -10.34 5.58
CB MSE A 80 -7.65 -12.53 7.18
CG MSE A 80 -9.16 -12.39 7.21
SE MSE A 80 -9.86 -12.16 9.04
CE MSE A 80 -9.49 -13.98 9.68
N TRP A 81 -8.12 -11.10 4.12
CA TRP A 81 -8.32 -9.78 3.51
C TRP A 81 -9.26 -8.94 4.35
N GLY A 82 -8.96 -7.66 4.42
CA GLY A 82 -9.82 -6.71 5.13
C GLY A 82 -9.68 -5.30 4.61
N GLU A 83 -10.70 -4.49 4.84
CA GLU A 83 -10.66 -3.08 4.47
C GLU A 83 -10.91 -2.18 5.69
N LEU A 84 -10.01 -1.25 5.90
CA LEU A 84 -10.13 -0.24 6.96
C LEU A 84 -10.57 1.08 6.34
N CYS A 85 -11.66 1.63 6.87
CA CYS A 85 -12.14 2.96 6.45
C CYS A 85 -12.35 3.87 7.65
N ARG A 86 -11.99 5.14 7.46
CA ARG A 86 -12.28 6.22 8.41
C ARG A 86 -13.15 7.28 7.78
N PRO A 87 -13.92 8.04 8.59
CA PRO A 87 -14.56 9.22 8.03
C PRO A 87 -13.52 10.17 7.55
N ALA A 88 -13.84 10.88 6.47
CA ALA A 88 -12.88 11.85 5.85
C ALA A 88 -12.66 13.04 6.76
N GLY A 89 -11.40 13.43 6.88
CA GLY A 89 -11.01 14.53 7.80
C GLY A 89 -11.15 14.26 9.30
N SER A 90 -11.06 13.00 9.70
CA SER A 90 -11.19 12.62 11.11
C SER A 90 -10.45 11.34 11.44
N SER A 91 -10.19 11.13 12.71
CA SER A 91 -9.47 9.95 13.18
C SER A 91 -10.16 9.41 14.45
N PRO A 92 -11.13 8.48 14.28
CA PRO A 92 -11.86 7.93 15.41
C PRO A 92 -11.02 7.04 16.29
N ASP A 93 -11.41 6.98 17.55
CA ASP A 93 -10.76 6.09 18.54
C ASP A 93 -11.49 4.74 18.63
N THR A 94 -12.69 4.71 18.11
CA THR A 94 -13.48 3.47 18.01
C THR A 94 -13.51 2.95 16.59
N VAL A 95 -13.18 1.68 16.46
CA VAL A 95 -13.32 0.95 15.21
C VAL A 95 -14.31 -0.20 15.39
N VAL A 96 -15.16 -0.36 14.40
CA VAL A 96 -16.17 -1.43 14.39
C VAL A 96 -15.78 -2.49 13.35
N THR A 97 -15.47 -3.67 13.84
CA THR A 97 -15.06 -4.80 13.01
C THR A 97 -16.22 -5.73 12.74
N MSE A 98 -16.41 -6.05 11.46
CA MSE A 98 -17.63 -6.72 10.99
C MSE A 98 -17.33 -8.04 10.35
O MSE A 98 -16.56 -8.14 9.41
CB MSE A 98 -18.40 -5.84 10.03
CG MSE A 98 -18.78 -4.56 10.74
SE MSE A 98 -19.31 -3.12 9.53
CE MSE A 98 -21.10 -3.36 10.14
N VAL A 99 -18.01 -9.04 10.84
CA VAL A 99 -17.79 -10.42 10.43
C VAL A 99 -19.06 -10.96 9.75
N HIS A 100 -18.91 -11.29 8.48
CA HIS A 100 -20.04 -11.78 7.68
C HIS A 100 -20.42 -13.24 8.05
N GLY A 101 -21.56 -13.65 7.53
CA GLY A 101 -22.05 -15.01 7.71
C GLY A 101 -21.77 -15.96 6.54
N ALA A 102 -22.34 -17.15 6.66
CA ALA A 102 -22.08 -18.27 5.74
C ALA A 102 -22.70 -18.04 4.37
N THR A 103 -21.89 -18.25 3.36
CA THR A 103 -22.22 -17.94 1.92
C THR A 103 -22.25 -16.43 1.59
N TYR A 104 -21.74 -15.63 2.50
CA TYR A 104 -21.46 -14.22 2.25
C TYR A 104 -19.94 -13.96 2.28
N ASN A 105 -19.57 -12.75 1.94
CA ASN A 105 -18.26 -12.22 2.25
C ASN A 105 -18.41 -10.78 2.76
N HIS A 106 -17.35 -9.99 2.71
CA HIS A 106 -17.40 -8.60 3.21
C HIS A 106 -18.53 -7.76 2.61
N ASN A 107 -18.97 -8.11 1.42
CA ASN A 107 -20.03 -7.33 0.72
C ASN A 107 -21.32 -7.17 1.51
N TYR A 108 -21.66 -8.19 2.30
CA TYR A 108 -22.83 -8.09 3.19
C TYR A 108 -22.80 -6.82 4.07
N TRP A 109 -21.65 -6.54 4.64
CA TRP A 109 -21.50 -5.40 5.56
C TRP A 109 -21.11 -4.10 4.88
N ASP A 110 -20.73 -4.18 3.61
CA ASP A 110 -20.50 -2.96 2.80
C ASP A 110 -21.05 -3.15 1.42
N PHE A 111 -22.34 -3.09 1.33
CA PHE A 111 -23.07 -3.53 0.15
C PHE A 111 -22.89 -2.51 -0.98
N PRO A 112 -22.50 -2.98 -2.17
CA PRO A 112 -22.18 -2.08 -3.24
C PRO A 112 -23.37 -1.59 -4.08
N TYR A 113 -24.57 -2.00 -3.77
CA TYR A 113 -25.78 -1.45 -4.44
C TYR A 113 -26.44 -0.44 -3.55
N GLN A 114 -26.62 0.78 -4.06
CA GLN A 114 -27.24 1.88 -3.32
C GLN A 114 -26.66 1.98 -1.90
N PRO A 115 -25.34 2.19 -1.82
CA PRO A 115 -24.65 2.08 -0.55
C PRO A 115 -25.11 3.10 0.46
N ASP A 116 -25.54 4.27 0.00
CA ASP A 116 -26.08 5.31 0.93
C ASP A 116 -27.29 4.79 1.69
N LYS A 117 -27.94 3.77 1.15
CA LYS A 117 -28.99 3.09 1.84
C LYS A 117 -28.52 1.80 2.54
N TYR A 118 -27.84 0.94 1.81
CA TYR A 118 -27.66 -0.48 2.25
C TYR A 118 -26.29 -0.81 2.83
N SER A 119 -25.35 0.10 2.70
CA SER A 119 -24.04 -0.10 3.26
C SER A 119 -23.96 0.29 4.74
N PHE A 120 -23.90 -0.72 5.59
CA PHE A 120 -23.80 -0.52 7.04
C PHE A 120 -22.47 0.19 7.40
N ARG A 121 -21.41 -0.29 6.77
CA ARG A 121 -20.06 0.31 6.89
C ARG A 121 -20.10 1.80 6.63
N LYS A 122 -20.68 2.16 5.51
CA LYS A 122 -20.83 3.59 5.13
C LYS A 122 -21.62 4.39 6.15
N MSE A 123 -22.70 3.82 6.64
CA MSE A 123 -23.52 4.48 7.66
C MSE A 123 -22.68 4.75 8.90
O MSE A 123 -22.77 5.83 9.49
CB MSE A 123 -24.72 3.60 7.94
CG MSE A 123 -25.63 4.18 8.97
SE MSE A 123 -25.04 3.73 10.81
CE MSE A 123 -25.16 1.74 10.92
N LEU A 124 -21.87 3.77 9.29
CA LEU A 124 -21.01 3.92 10.48
C LEU A 124 -19.97 5.00 10.34
N ASN A 125 -19.30 5.03 9.20
CA ASN A 125 -18.36 6.12 8.90
C ASN A 125 -19.04 7.47 9.01
N GLY A 126 -20.22 7.55 8.41
CA GLY A 126 -21.01 8.81 8.42
C GLY A 126 -21.43 9.20 9.84
N ALA A 127 -21.57 8.21 10.70
CA ALA A 127 -21.80 8.42 12.14
C ALA A 127 -20.51 8.68 12.94
N GLY A 128 -19.39 8.76 12.24
CA GLY A 128 -18.05 9.09 12.88
C GLY A 128 -17.23 7.88 13.42
N TYR A 129 -17.68 6.67 13.15
CA TYR A 129 -16.91 5.47 13.50
C TYR A 129 -15.94 5.03 12.40
N ALA A 130 -14.80 4.47 12.81
CA ALA A 130 -13.93 3.70 11.89
C ALA A 130 -14.51 2.32 11.71
N THR A 131 -14.20 1.69 10.60
CA THR A 131 -14.77 0.38 10.27
C THR A 131 -13.73 -0.55 9.71
N PHE A 132 -13.86 -1.82 10.00
CA PHE A 132 -12.99 -2.84 9.41
C PHE A 132 -13.81 -4.03 9.01
N VAL A 133 -14.00 -4.20 7.70
CA VAL A 133 -14.74 -5.36 7.18
C VAL A 133 -13.78 -6.41 6.63
N VAL A 134 -14.07 -7.67 6.91
CA VAL A 134 -13.18 -8.77 6.52
C VAL A 134 -13.86 -9.75 5.56
N ASP A 135 -13.05 -10.39 4.72
CA ASP A 135 -13.39 -11.67 4.11
C ASP A 135 -12.85 -12.76 5.00
N ARG A 136 -13.73 -13.53 5.57
CA ARG A 136 -13.33 -14.76 6.30
C ARG A 136 -12.56 -15.72 5.40
N LEU A 137 -11.66 -16.50 6.00
CA LEU A 137 -10.91 -17.47 5.22
C LEU A 137 -11.89 -18.45 4.62
N GLY A 138 -11.61 -18.83 3.38
CA GLY A 138 -12.53 -19.65 2.58
C GLY A 138 -13.31 -18.82 1.58
N THR A 139 -13.24 -17.51 1.75
CA THR A 139 -14.09 -16.60 0.97
C THR A 139 -13.32 -15.44 0.40
N GLY A 140 -13.89 -14.82 -0.62
CA GLY A 140 -13.54 -13.48 -1.06
C GLY A 140 -12.12 -13.42 -1.55
N ASN A 141 -11.38 -12.43 -1.09
CA ASN A 141 -9.94 -12.32 -1.38
C ASN A 141 -9.03 -12.92 -0.29
N SER A 142 -9.55 -13.77 0.54
CA SER A 142 -8.73 -14.40 1.55
C SER A 142 -8.23 -15.73 1.06
N THR A 143 -7.30 -16.29 1.83
CA THR A 143 -6.84 -17.65 1.60
C THR A 143 -8.06 -18.60 1.61
N VAL A 144 -8.08 -19.52 0.66
CA VAL A 144 -9.08 -20.62 0.63
C VAL A 144 -8.35 -21.95 0.92
N PRO A 145 -8.28 -22.34 2.21
CA PRO A 145 -7.60 -23.54 2.57
C PRO A 145 -8.47 -24.79 2.43
N PRO A 146 -7.86 -25.98 2.64
CA PRO A 146 -8.72 -27.18 2.83
C PRO A 146 -9.69 -26.94 3.99
N SER A 147 -10.89 -27.45 3.84
CA SER A 147 -11.99 -27.13 4.77
C SER A 147 -11.76 -27.73 6.15
N SER A 148 -10.99 -28.80 6.19
CA SER A 148 -10.67 -29.51 7.45
C SER A 148 -9.87 -28.62 8.43
N GLU A 149 -9.17 -27.63 7.89
CA GLU A 149 -8.35 -26.68 8.69
C GLU A 149 -9.15 -25.54 9.31
N LEU A 150 -10.41 -25.39 8.88
CA LEU A 150 -11.30 -24.29 9.35
C LEU A 150 -12.42 -24.78 10.24
N ASN A 151 -12.57 -24.12 11.36
CA ASN A 151 -13.74 -24.25 12.22
C ASN A 151 -13.94 -22.99 13.03
N LEU A 152 -15.03 -22.91 13.76
CA LEU A 152 -15.42 -21.63 14.44
C LEU A 152 -14.36 -21.17 15.43
N THR A 153 -13.81 -22.11 16.18
CA THR A 153 -12.76 -21.82 17.19
C THR A 153 -11.52 -21.25 16.51
N VAL A 154 -11.08 -21.95 15.49
CA VAL A 154 -9.95 -21.46 14.69
C VAL A 154 -10.22 -20.05 14.18
N GLU A 155 -11.42 -19.84 13.66
CA GLU A 155 -11.80 -18.52 13.07
C GLU A 155 -11.93 -17.42 14.12
N ALA A 156 -12.37 -17.79 15.30
CA ALA A 156 -12.46 -16.84 16.45
C ALA A 156 -11.07 -16.34 16.88
N ARG A 157 -10.11 -17.26 16.90
CA ARG A 157 -8.73 -16.91 17.22
C ARG A 157 -8.14 -15.99 16.15
N GLN A 158 -8.54 -16.22 14.92
CA GLN A 158 -8.13 -15.34 13.80
C GLN A 158 -8.67 -13.91 13.98
N MSE A 159 -9.93 -13.80 14.38
CA MSE A 159 -10.56 -12.48 14.72
C MSE A 159 -9.90 -11.81 15.89
O MSE A 159 -9.71 -10.60 15.90
CB MSE A 159 -12.06 -12.62 15.02
CG MSE A 159 -12.83 -13.05 13.78
SE MSE A 159 -12.42 -12.00 12.14
CE MSE A 159 -12.89 -10.26 13.02
N HIS A 160 -9.55 -12.61 16.91
CA HIS A 160 -8.75 -12.12 18.06
C HIS A 160 -7.42 -11.45 17.62
N GLU A 161 -6.77 -12.06 16.65
CA GLU A 161 -5.53 -11.52 16.09
C GLU A 161 -5.77 -10.23 15.31
N VAL A 162 -6.92 -10.13 14.66
CA VAL A 162 -7.37 -8.87 13.99
C VAL A 162 -7.65 -7.75 15.01
N VAL A 163 -8.41 -8.09 16.05
CA VAL A 163 -8.69 -7.13 17.17
C VAL A 163 -7.37 -6.55 17.74
N GLN A 164 -6.45 -7.43 18.13
CA GLN A 164 -5.11 -7.01 18.61
C GLN A 164 -4.38 -6.15 17.59
N GLY A 165 -4.42 -6.59 16.34
CA GLY A 165 -3.81 -5.82 15.24
C GLY A 165 -4.34 -4.40 15.19
N LEU A 166 -5.64 -4.27 15.28
CA LEU A 166 -6.29 -2.94 15.35
C LEU A 166 -5.94 -2.11 16.62
N ARG A 167 -5.95 -2.75 17.77
CA ARG A 167 -5.65 -2.03 19.05
C ARG A 167 -4.21 -1.48 18.99
N THR A 168 -3.27 -2.33 18.58
CA THR A 168 -1.83 -1.95 18.57
C THR A 168 -1.44 -1.00 17.45
N GLY A 169 -2.22 -0.94 16.40
CA GLY A 169 -1.87 -0.13 15.21
C GLY A 169 -1.13 -0.90 14.13
N ARG A 170 -0.90 -2.16 14.37
CA ARG A 170 -0.33 -3.07 13.36
C ARG A 170 -1.16 -3.12 12.09
N ILE A 171 -2.47 -3.12 12.28
CA ILE A 171 -3.43 -2.81 11.21
C ILE A 171 -3.84 -1.35 11.32
N GLY A 172 -3.51 -0.57 10.31
CA GLY A 172 -4.03 0.80 10.19
C GLY A 172 -3.16 1.91 10.77
N GLY A 173 -2.09 1.54 11.45
CA GLY A 173 -1.07 2.53 11.89
C GLY A 173 -1.39 3.35 13.14
N THR A 174 -2.62 3.82 13.28
CA THR A 174 -2.99 4.73 14.42
C THR A 174 -3.10 4.02 15.74
N GLY A 175 -3.58 2.79 15.70
CA GLY A 175 -4.02 2.08 16.93
C GLY A 175 -5.39 2.61 17.35
N PHE A 176 -6.23 1.72 17.88
CA PHE A 176 -7.62 2.09 18.28
C PHE A 176 -7.84 1.78 19.75
N GLY A 177 -8.41 2.74 20.45
CA GLY A 177 -8.68 2.61 21.89
C GLY A 177 -9.88 1.70 22.19
N LYS A 178 -10.86 1.73 21.30
CA LYS A 178 -12.03 0.87 21.44
C LYS A 178 -12.29 0.06 20.18
N VAL A 179 -12.69 -1.18 20.39
CA VAL A 179 -12.98 -2.11 19.31
C VAL A 179 -14.29 -2.77 19.54
N VAL A 180 -15.22 -2.55 18.61
CA VAL A 180 -16.52 -3.23 18.61
C VAL A 180 -16.51 -4.34 17.59
N LEU A 181 -17.01 -5.48 17.99
CA LEU A 181 -17.07 -6.64 17.09
C LEU A 181 -18.51 -6.93 16.72
N ALA A 182 -18.77 -6.96 15.44
CA ALA A 182 -20.16 -7.12 14.91
C ALA A 182 -20.25 -8.35 14.01
N GLY A 183 -21.30 -9.11 14.19
CA GLY A 183 -21.50 -10.36 13.48
C GLY A 183 -22.86 -10.56 12.85
N TYR A 184 -22.92 -11.54 11.94
CA TYR A 184 -24.12 -11.88 11.18
C TYR A 184 -24.17 -13.39 10.91
N SER A 185 -25.30 -14.04 11.19
CA SER A 185 -25.50 -15.54 10.92
C SER A 185 -24.37 -16.21 11.75
N LEU A 186 -23.61 -17.12 11.15
CA LEU A 186 -22.45 -17.74 11.83
C LEU A 186 -21.28 -16.77 12.12
N GLY A 187 -21.31 -15.62 11.48
CA GLY A 187 -20.39 -14.52 11.84
C GLY A 187 -20.57 -14.09 13.29
N SER A 188 -21.79 -14.19 13.75
CA SER A 188 -22.14 -13.86 15.15
C SER A 188 -21.66 -14.91 16.13
N ALA A 189 -21.60 -16.16 15.68
CA ALA A 189 -21.06 -17.25 16.49
C ALA A 189 -19.54 -17.10 16.68
N VAL A 190 -18.88 -16.74 15.61
CA VAL A 190 -17.45 -16.41 15.64
C VAL A 190 -17.20 -15.26 16.61
N THR A 191 -18.01 -14.24 16.46
CA THR A 191 -17.94 -13.03 17.28
C THR A 191 -18.14 -13.37 18.79
N SER A 192 -19.13 -14.19 19.07
CA SER A 192 -19.44 -14.59 20.43
C SER A 192 -18.33 -15.42 21.05
N ILE A 193 -17.82 -16.38 20.30
CA ILE A 193 -16.68 -17.21 20.75
C ILE A 193 -15.45 -16.35 21.04
N GLU A 194 -15.17 -15.44 20.14
CA GLU A 194 -14.03 -14.50 20.29
C GLU A 194 -14.14 -13.73 21.61
N ALA A 195 -15.26 -13.06 21.78
CA ALA A 195 -15.47 -12.19 22.93
C ALA A 195 -15.46 -13.02 24.21
N SER A 196 -16.07 -14.18 24.12
CA SER A 196 -16.18 -15.10 25.25
C SER A 196 -14.80 -15.64 25.67
N THR A 197 -13.97 -15.93 24.68
CA THR A 197 -12.65 -16.51 24.94
C THR A 197 -11.62 -15.46 25.38
N PHE A 198 -11.53 -14.39 24.63
CA PHE A 198 -10.39 -13.44 24.75
C PHE A 198 -10.70 -12.15 25.49
N HIS A 199 -11.97 -11.82 25.64
CA HIS A 199 -12.39 -10.63 26.39
C HIS A 199 -11.60 -9.38 26.00
N ASP A 200 -11.35 -9.21 24.73
CA ASP A 200 -10.60 -8.03 24.25
C ASP A 200 -11.40 -7.09 23.33
N VAL A 201 -12.72 -7.07 23.52
CA VAL A 201 -13.62 -6.16 22.80
C VAL A 201 -14.55 -5.43 23.74
N ASP A 202 -14.88 -4.22 23.36
CA ASP A 202 -15.58 -3.26 24.22
C ASP A 202 -17.10 -3.38 24.12
N ALA A 203 -17.55 -4.04 23.06
CA ALA A 203 -18.94 -4.30 22.82
C ALA A 203 -19.12 -5.22 21.66
N VAL A 204 -20.31 -5.78 21.59
CA VAL A 204 -20.61 -6.88 20.72
C VAL A 204 -22.00 -6.68 20.06
N LEU A 205 -22.01 -6.74 18.74
CA LEU A 205 -23.26 -6.65 17.94
C LEU A 205 -23.57 -8.02 17.31
N ILE A 206 -24.67 -8.62 17.75
CA ILE A 206 -25.08 -9.97 17.33
C ILE A 206 -26.27 -9.82 16.42
N THR A 207 -26.13 -10.25 15.16
CA THR A 207 -27.26 -10.17 14.22
C THR A 207 -27.55 -11.50 13.59
N ALA A 208 -28.83 -11.78 13.48
CA ALA A 208 -29.33 -12.94 12.73
C ALA A 208 -28.84 -14.25 13.30
N LEU A 209 -28.74 -14.33 14.61
CA LEU A 209 -28.35 -15.61 15.26
C LEU A 209 -28.91 -15.68 16.62
N GLY A 210 -29.78 -16.61 16.82
CA GLY A 210 -30.36 -16.84 18.11
C GLY A 210 -29.98 -18.20 18.64
N HIS A 211 -30.38 -18.45 19.87
CA HIS A 211 -30.09 -19.75 20.52
C HIS A 211 -31.08 -20.87 20.19
N TYR A 212 -32.24 -20.51 19.63
CA TYR A 212 -33.20 -21.47 19.02
C TYR A 212 -33.25 -21.26 17.55
N ASN A 213 -33.24 -22.33 16.80
CA ASN A 213 -33.37 -22.23 15.38
C ASN A 213 -34.50 -23.05 14.86
N ASN A 214 -34.91 -22.70 13.65
CA ASN A 214 -35.98 -23.41 12.95
C ASN A 214 -35.39 -24.51 12.07
N PRO A 215 -35.56 -25.80 12.46
CA PRO A 215 -34.90 -26.88 11.73
C PRO A 215 -35.37 -27.01 10.32
N ALA A 216 -36.62 -26.63 10.06
CA ALA A 216 -37.19 -26.66 8.69
C ALA A 216 -36.54 -25.60 7.81
N GLY A 217 -36.21 -24.48 8.41
CA GLY A 217 -35.45 -23.44 7.75
C GLY A 217 -34.03 -23.87 7.46
N THR A 218 -33.39 -24.47 8.45
CA THR A 218 -32.04 -25.07 8.28
C THR A 218 -32.04 -26.12 7.14
N GLN A 219 -32.99 -27.01 7.19
CA GLN A 219 -33.12 -28.08 6.22
C GLN A 219 -33.40 -27.52 4.80
N ALA A 220 -34.17 -26.44 4.73
CA ALA A 220 -34.44 -25.77 3.46
C ALA A 220 -33.15 -25.25 2.80
N ILE A 221 -32.20 -24.77 3.60
CA ILE A 221 -30.89 -24.33 3.04
C ILE A 221 -30.15 -25.54 2.46
N ILE A 222 -30.14 -26.61 3.23
CA ILE A 222 -29.44 -27.83 2.84
C ILE A 222 -30.00 -28.36 1.50
N ASP A 223 -31.32 -28.36 1.38
CA ASP A 223 -32.00 -28.71 0.12
C ASP A 223 -31.58 -27.79 -1.05
N ASN A 224 -31.22 -26.55 -0.74
CA ASN A 224 -30.74 -25.59 -1.76
C ASN A 224 -29.24 -25.38 -1.74
N GLY A 225 -28.53 -26.35 -1.19
CA GLY A 225 -27.09 -26.34 -1.14
C GLY A 225 -26.47 -27.07 -2.27
N LEU A 226 -25.25 -26.68 -2.56
CA LEU A 226 -24.55 -27.17 -3.67
C LEU A 226 -23.04 -26.85 -3.53
N SER A 227 -22.20 -27.61 -4.22
CA SER A 227 -20.77 -27.28 -4.27
C SER A 227 -20.51 -26.00 -5.08
N PRO A 228 -19.64 -25.13 -4.58
CA PRO A 228 -19.25 -23.98 -5.42
C PRO A 228 -18.67 -24.36 -6.79
N ASN A 229 -18.24 -25.60 -6.95
CA ASN A 229 -17.70 -26.08 -8.25
C ASN A 229 -18.78 -26.27 -9.32
N ASP A 230 -20.03 -26.35 -8.88
CA ASP A 230 -21.19 -26.43 -9.80
C ASP A 230 -21.99 -25.12 -9.84
N ASP A 231 -21.43 -24.06 -9.30
CA ASP A 231 -22.13 -22.76 -9.21
C ASP A 231 -21.51 -21.70 -10.16
N PRO A 232 -22.34 -21.02 -10.95
CA PRO A 232 -21.80 -20.17 -12.02
C PRO A 232 -21.00 -18.95 -11.51
N VAL A 233 -21.30 -18.48 -10.32
CA VAL A 233 -20.59 -17.32 -9.73
C VAL A 233 -19.21 -17.74 -9.20
N LEU A 234 -19.11 -18.94 -8.68
CA LEU A 234 -17.89 -19.38 -7.95
C LEU A 234 -17.02 -20.43 -8.69
N LYS A 235 -17.58 -21.07 -9.73
CA LYS A 235 -16.92 -22.21 -10.48
C LYS A 235 -15.43 -22.03 -10.67
N ASP A 236 -15.10 -20.87 -11.20
CA ASP A 236 -13.78 -20.62 -11.81
C ASP A 236 -12.77 -19.93 -10.88
N ARG A 237 -13.13 -19.76 -9.63
CA ARG A 237 -12.25 -19.13 -8.66
C ARG A 237 -11.23 -20.10 -8.11
N HIS A 238 -11.71 -21.26 -7.73
CA HIS A 238 -10.90 -22.29 -7.07
C HIS A 238 -11.48 -23.66 -7.40
N HIS A 239 -10.67 -24.68 -7.24
CA HIS A 239 -11.26 -25.99 -7.11
C HIS A 239 -11.49 -26.22 -5.64
N TYR A 240 -12.75 -26.17 -5.25
CA TYR A 240 -13.10 -26.28 -3.85
C TYR A 240 -13.14 -27.72 -3.46
N ASP A 241 -12.68 -28.03 -2.27
CA ASP A 241 -12.83 -29.40 -1.79
C ASP A 241 -14.26 -29.67 -1.32
N ASP A 242 -14.48 -30.91 -0.90
CA ASP A 242 -15.81 -31.47 -0.59
C ASP A 242 -16.48 -30.87 0.67
N GLY A 243 -15.70 -30.18 1.49
CA GLY A 243 -16.21 -29.52 2.70
C GLY A 243 -16.82 -28.12 2.50
N TYR A 244 -16.78 -27.63 1.25
CA TYR A 244 -17.35 -26.31 0.88
C TYR A 244 -18.72 -26.45 0.23
N ALA A 245 -19.60 -25.53 0.57
CA ALA A 245 -20.91 -25.41 -0.11
C ALA A 245 -21.25 -23.93 -0.36
N THR A 246 -22.22 -23.73 -1.22
CA THR A 246 -22.86 -22.43 -1.36
C THR A 246 -24.36 -22.67 -1.64
N THR A 247 -25.09 -21.61 -1.95
CA THR A 247 -26.52 -21.71 -2.25
C THR A 247 -26.80 -21.84 -3.75
N LYS A 248 -27.89 -22.52 -4.08
CA LYS A 248 -28.38 -22.63 -5.49
C LYS A 248 -28.84 -21.28 -6.01
N PRO A 249 -28.49 -20.95 -7.26
CA PRO A 249 -28.93 -19.67 -7.85
C PRO A 249 -30.42 -19.50 -7.76
N GLY A 250 -30.84 -18.33 -7.27
CA GLY A 250 -32.26 -18.01 -7.16
C GLY A 250 -32.89 -18.42 -5.84
N SER A 251 -32.17 -19.19 -5.03
CA SER A 251 -32.72 -19.74 -3.81
C SER A 251 -32.65 -18.79 -2.57
N ARG A 252 -31.71 -17.86 -2.60
CA ARG A 252 -31.47 -16.97 -1.43
C ARG A 252 -32.70 -16.16 -1.08
N LYS A 253 -33.42 -15.72 -2.10
CA LYS A 253 -34.72 -15.02 -1.93
C LYS A 253 -35.61 -15.71 -0.91
N HIS A 254 -35.72 -17.02 -1.05
CA HIS A 254 -36.58 -17.82 -0.20
C HIS A 254 -35.88 -18.19 1.14
N VAL A 255 -34.77 -18.88 1.03
CA VAL A 255 -34.18 -19.57 2.20
C VAL A 255 -33.57 -18.64 3.20
N PHE A 256 -33.22 -17.43 2.73
CA PHE A 256 -32.71 -16.35 3.61
C PHE A 256 -33.72 -15.20 3.83
N TYR A 257 -34.26 -14.69 2.76
CA TYR A 257 -35.06 -13.44 2.83
C TYR A 257 -36.57 -13.69 2.92
N ALA A 258 -36.96 -14.95 2.91
CA ALA A 258 -38.36 -15.40 3.22
C ALA A 258 -39.37 -14.77 2.26
N ASP A 259 -38.88 -14.46 1.04
CA ASP A 259 -39.71 -13.89 -0.06
C ASP A 259 -40.35 -12.55 0.30
N ARG A 260 -39.77 -11.87 1.25
CA ARG A 260 -40.33 -10.59 1.73
C ARG A 260 -39.90 -9.51 0.74
N PRO A 261 -40.63 -8.37 0.68
CA PRO A 261 -40.35 -7.32 -0.29
C PRO A 261 -38.93 -6.84 -0.23
N MSE A 262 -38.23 -6.85 -1.37
CA MSE A 262 -36.87 -6.41 -1.49
C MSE A 262 -36.65 -5.83 -2.80
O MSE A 262 -37.29 -6.17 -3.74
CB MSE A 262 -35.94 -7.57 -1.34
CG MSE A 262 -35.79 -7.80 0.12
SE MSE A 262 -34.29 -9.06 0.49
CE MSE A 262 -32.82 -8.32 -0.42
N ASP A 263 -35.73 -4.93 -2.87
CA ASP A 263 -35.37 -4.33 -4.13
C ASP A 263 -34.72 -5.42 -5.05
N PRO A 264 -35.18 -5.52 -6.32
CA PRO A 264 -34.58 -6.53 -7.24
C PRO A 264 -33.07 -6.34 -7.41
N GLY A 265 -32.65 -5.10 -7.40
CA GLY A 265 -31.24 -4.76 -7.49
C GLY A 265 -30.43 -5.34 -6.34
N VAL A 266 -31.01 -5.31 -5.14
CA VAL A 266 -30.42 -5.94 -3.96
C VAL A 266 -30.33 -7.48 -4.11
N LEU A 267 -31.40 -8.11 -4.59
CA LEU A 267 -31.39 -9.59 -4.76
C LEU A 267 -30.32 -10.04 -5.69
N ALA A 268 -30.22 -9.35 -6.82
CA ALA A 268 -29.24 -9.66 -7.87
C ALA A 268 -27.81 -9.39 -7.40
N THR A 269 -27.60 -8.25 -6.77
CA THR A 269 -26.29 -7.90 -6.22
C THR A 269 -25.87 -8.93 -5.16
N ASP A 270 -26.81 -9.36 -4.36
CA ASP A 270 -26.53 -10.37 -3.30
C ASP A 270 -26.16 -11.71 -3.91
N GLU A 271 -26.94 -12.15 -4.88
CA GLU A 271 -26.62 -13.38 -5.61
C GLU A 271 -25.21 -13.26 -6.29
N LEU A 272 -24.91 -12.13 -6.88
CA LEU A 272 -23.60 -11.95 -7.59
C LEU A 272 -22.38 -11.79 -6.65
N THR A 273 -22.65 -11.48 -5.39
CA THR A 273 -21.58 -11.27 -4.38
C THR A 273 -21.59 -12.30 -3.32
N LYS A 274 -22.30 -13.39 -3.57
CA LYS A 274 -22.32 -14.55 -2.63
C LYS A 274 -20.99 -15.28 -2.61
N ASP A 275 -20.89 -16.25 -1.73
CA ASP A 275 -19.63 -16.96 -1.54
C ASP A 275 -19.81 -18.35 -0.94
N ALA A 276 -18.70 -19.04 -0.77
CA ALA A 276 -18.67 -20.40 -0.23
C ALA A 276 -18.61 -20.39 1.28
N ASN A 277 -19.08 -21.46 1.89
CA ASN A 277 -18.79 -21.74 3.30
C ASN A 277 -18.31 -23.14 3.56
N VAL A 278 -17.65 -23.28 4.70
CA VAL A 278 -17.34 -24.59 5.28
C VAL A 278 -18.53 -25.09 6.11
N PHE A 279 -19.36 -25.91 5.50
CA PHE A 279 -20.69 -26.22 6.03
C PHE A 279 -20.75 -26.94 7.39
N THR A 280 -19.74 -27.71 7.74
CA THR A 280 -19.74 -28.44 9.03
C THR A 280 -19.73 -27.47 10.20
N GLU A 281 -19.26 -26.25 9.98
CA GLU A 281 -19.31 -25.16 11.03
C GLU A 281 -20.76 -24.91 11.55
N ALA A 282 -21.72 -25.01 10.67
CA ALA A 282 -23.16 -24.89 11.05
C ALA A 282 -23.60 -25.95 12.08
N ALA A 283 -22.94 -27.09 12.09
CA ALA A 283 -23.29 -28.21 13.02
C ALA A 283 -22.52 -28.17 14.35
N ASP A 284 -21.68 -27.16 14.49
CA ASP A 284 -20.80 -27.01 15.69
C ASP A 284 -21.65 -26.65 16.90
N PRO A 285 -21.64 -27.49 17.95
CA PRO A 285 -22.49 -27.20 19.13
C PRO A 285 -22.17 -25.85 19.78
N LEU A 286 -20.98 -25.33 19.52
CA LEU A 286 -20.57 -23.97 20.03
C LEU A 286 -21.49 -22.82 19.56
N VAL A 287 -22.14 -23.00 18.40
CA VAL A 287 -23.08 -21.97 17.83
C VAL A 287 -24.17 -21.59 18.83
N ILE A 288 -24.69 -22.58 19.52
CA ILE A 288 -25.82 -22.35 20.43
C ILE A 288 -25.48 -22.69 21.90
N ASP A 289 -24.20 -22.95 22.18
CA ASP A 289 -23.78 -23.31 23.54
C ASP A 289 -23.93 -22.06 24.48
N PRO A 290 -24.70 -22.21 25.59
CA PRO A 290 -24.91 -21.08 26.49
C PRO A 290 -23.64 -20.66 27.23
N ALA A 291 -22.71 -21.58 27.38
CA ALA A 291 -21.40 -21.27 28.02
C ALA A 291 -20.65 -20.16 27.28
N VAL A 292 -20.80 -20.14 25.97
CA VAL A 292 -20.19 -19.05 25.15
C VAL A 292 -20.82 -17.69 25.48
N SER A 293 -22.12 -17.57 25.30
CA SER A 293 -22.79 -16.24 25.44
C SER A 293 -22.86 -15.73 26.88
N ARG A 294 -23.14 -16.65 27.82
CA ARG A 294 -23.26 -16.31 29.27
C ARG A 294 -21.94 -15.75 29.85
N ALA A 295 -20.83 -16.10 29.25
CA ALA A 295 -19.49 -15.58 29.69
C ALA A 295 -19.13 -14.16 29.15
N ILE A 296 -19.93 -13.63 28.24
CA ILE A 296 -19.63 -12.32 27.62
C ILE A 296 -20.04 -11.17 28.54
N ASP A 297 -19.06 -10.32 28.83
CA ASP A 297 -19.17 -9.33 29.93
C ASP A 297 -19.06 -7.89 29.45
N VAL A 298 -19.30 -7.67 28.17
CA VAL A 298 -19.46 -6.28 27.62
C VAL A 298 -20.86 -6.08 27.12
N PRO A 299 -21.22 -4.85 26.84
CA PRO A 299 -22.53 -4.60 26.27
C PRO A 299 -22.78 -5.37 24.98
N VAL A 300 -23.94 -5.99 24.93
CA VAL A 300 -24.41 -6.73 23.76
C VAL A 300 -25.68 -6.12 23.17
N MSE A 301 -25.69 -5.99 21.87
CA MSE A 301 -26.92 -5.79 21.13
C MSE A 301 -27.24 -7.00 20.35
O MSE A 301 -26.39 -7.57 19.69
CB MSE A 301 -26.89 -4.64 20.17
CG MSE A 301 -28.35 -4.51 19.63
SE MSE A 301 -28.54 -2.85 18.67
CE MSE A 301 -29.26 -1.71 20.12
N PHE A 302 -28.51 -7.34 20.35
CA PHE A 302 -29.02 -8.49 19.65
C PHE A 302 -30.11 -8.05 18.63
N ALA A 303 -29.89 -8.33 17.37
CA ALA A 303 -30.84 -7.96 16.32
C ALA A 303 -31.34 -9.14 15.50
N LEU A 304 -32.61 -9.10 15.18
CA LEU A 304 -33.28 -10.19 14.49
C LEU A 304 -34.48 -9.71 13.71
N GLY A 305 -34.72 -10.36 12.59
CA GLY A 305 -35.87 -10.02 11.73
C GLY A 305 -37.06 -10.87 12.13
N ASP A 306 -38.23 -10.27 12.15
CA ASP A 306 -39.44 -11.00 12.61
C ASP A 306 -40.01 -12.01 11.57
N ARG A 307 -39.44 -12.01 10.36
CA ARG A 307 -39.71 -13.08 9.35
C ARG A 307 -38.51 -13.97 9.01
N ASP A 308 -37.52 -13.95 9.87
CA ASP A 308 -36.29 -14.72 9.68
C ASP A 308 -36.63 -16.24 9.65
N PRO A 309 -36.49 -16.87 8.47
CA PRO A 309 -36.90 -18.25 8.28
C PRO A 309 -36.02 -19.27 8.97
N LEU A 310 -34.82 -18.85 9.33
CA LEU A 310 -33.86 -19.77 10.04
C LEU A 310 -34.06 -19.84 11.53
N MSE A 311 -34.62 -18.76 12.09
CA MSE A 311 -34.83 -18.66 13.54
C MSE A 311 -36.31 -18.77 13.93
O MSE A 311 -36.68 -19.57 14.78
CB MSE A 311 -34.28 -17.32 14.07
CG MSE A 311 -32.83 -17.01 13.63
SE MSE A 311 -31.53 -18.38 14.28
CE MSE A 311 -30.27 -18.55 12.78
N CYS A 312 -37.13 -17.94 13.31
CA CYS A 312 -38.52 -17.72 13.72
C CYS A 312 -39.46 -18.85 13.39
N GLY A 313 -40.43 -19.03 14.26
CA GLY A 313 -41.46 -20.04 14.12
C GLY A 313 -41.97 -20.58 15.47
N ASP A 314 -43.15 -21.17 15.43
CA ASP A 314 -43.81 -21.76 16.59
C ASP A 314 -42.95 -22.86 17.22
N GLY A 315 -42.49 -22.63 18.46
CA GLY A 315 -41.61 -23.59 19.16
C GLY A 315 -40.13 -23.32 18.98
N TYR A 316 -39.80 -22.28 18.23
CA TYR A 316 -38.38 -21.93 17.99
C TYR A 316 -38.12 -20.52 18.52
N GLU A 317 -37.36 -19.73 17.78
CA GLU A 317 -37.09 -18.36 18.21
C GLU A 317 -38.38 -17.56 18.16
N ASP A 318 -38.60 -16.83 19.22
CA ASP A 318 -39.87 -16.15 19.49
C ASP A 318 -39.84 -14.77 18.87
N CYS A 319 -40.46 -14.65 17.71
CA CYS A 319 -40.47 -13.38 16.92
C CYS A 319 -41.81 -12.64 17.03
N SER A 320 -42.62 -13.06 18.01
CA SER A 320 -43.97 -12.47 18.20
C SER A 320 -43.93 -11.00 18.64
N SER A 321 -42.89 -10.63 19.35
CA SER A 321 -42.68 -9.23 19.81
C SER A 321 -41.25 -9.04 20.30
N GLN A 322 -40.80 -7.80 20.30
CA GLN A 322 -39.48 -7.46 20.80
C GLN A 322 -39.31 -7.91 22.26
N ALA A 323 -40.35 -7.72 23.06
CA ALA A 323 -40.30 -8.08 24.49
C ALA A 323 -40.20 -9.56 24.67
N ALA A 324 -40.95 -10.29 23.87
CA ALA A 324 -40.98 -11.77 23.98
C ALA A 324 -39.62 -12.33 23.60
N LEU A 325 -39.04 -11.74 22.56
CA LEU A 325 -37.72 -12.12 22.08
C LEU A 325 -36.64 -11.89 23.15
N ARG A 326 -36.65 -10.71 23.74
CA ARG A 326 -35.74 -10.39 24.87
C ARG A 326 -35.90 -11.38 26.03
N ALA A 327 -37.13 -11.69 26.38
CA ALA A 327 -37.41 -12.59 27.50
C ALA A 327 -36.79 -13.98 27.23
N GLN A 328 -36.84 -14.39 26.00
CA GLN A 328 -36.37 -15.71 25.62
C GLN A 328 -34.83 -15.78 25.54
N GLU A 329 -34.21 -14.70 25.10
CA GLU A 329 -32.74 -14.66 24.91
C GLU A 329 -31.99 -14.21 26.18
N ALA A 330 -32.63 -13.40 26.99
CA ALA A 330 -31.99 -12.85 28.20
C ALA A 330 -31.22 -13.90 29.05
N PRO A 331 -31.82 -15.07 29.33
CA PRO A 331 -31.13 -16.11 30.13
C PRO A 331 -29.78 -16.52 29.61
N PHE A 332 -29.52 -16.24 28.35
CA PHE A 332 -28.23 -16.59 27.69
C PHE A 332 -27.13 -15.50 27.76
N TRP A 333 -27.44 -14.34 28.33
CA TRP A 333 -26.54 -13.18 28.30
C TRP A 333 -26.40 -12.56 29.68
N THR A 334 -26.19 -13.42 30.64
CA THR A 334 -26.29 -13.06 32.06
C THR A 334 -25.09 -12.26 32.59
N SER A 335 -23.93 -12.40 31.97
CA SER A 335 -22.73 -11.56 32.34
C SER A 335 -22.71 -10.18 31.68
N ALA A 336 -23.66 -9.91 30.81
CA ALA A 336 -23.59 -8.66 30.00
C ALA A 336 -24.11 -7.52 30.86
N PRO A 337 -23.33 -6.44 30.99
CA PRO A 337 -23.85 -5.28 31.76
C PRO A 337 -25.09 -4.65 31.14
N SER A 338 -25.29 -4.86 29.86
CA SER A 338 -26.52 -4.45 29.21
C SER A 338 -26.83 -5.35 28.06
N PHE A 339 -28.11 -5.49 27.79
CA PHE A 339 -28.58 -6.35 26.74
C PHE A 339 -29.68 -5.65 26.01
N ASP A 340 -29.35 -5.11 24.85
CA ASP A 340 -30.35 -4.46 24.00
C ASP A 340 -30.82 -5.39 22.90
N VAL A 341 -32.07 -5.22 22.51
CA VAL A 341 -32.73 -6.13 21.55
C VAL A 341 -33.55 -5.34 20.55
N ILE A 342 -33.38 -5.65 19.27
CA ILE A 342 -34.22 -5.09 18.21
C ILE A 342 -34.82 -6.15 17.35
N LEU A 343 -36.12 -6.06 17.20
CA LEU A 343 -36.86 -6.94 16.34
C LEU A 343 -37.32 -6.15 15.12
N VAL A 344 -36.77 -6.50 13.96
CA VAL A 344 -37.03 -5.69 12.74
C VAL A 344 -38.26 -6.24 12.02
N GLU A 345 -39.20 -5.36 11.75
CA GLU A 345 -40.49 -5.77 11.18
C GLU A 345 -40.38 -6.10 9.71
N ASP A 346 -41.07 -7.19 9.33
CA ASP A 346 -41.15 -7.67 7.94
C ASP A 346 -39.77 -8.02 7.29
N ALA A 347 -38.85 -8.49 8.13
CA ALA A 347 -37.42 -8.69 7.70
C ALA A 347 -37.01 -10.09 7.91
N GLY A 348 -36.41 -10.66 6.90
CA GLY A 348 -35.89 -12.00 6.96
C GLY A 348 -34.53 -11.99 7.65
N HIS A 349 -33.71 -12.94 7.26
CA HIS A 349 -32.39 -13.17 7.86
C HIS A 349 -31.41 -12.00 7.63
N GLY A 350 -31.40 -11.47 6.43
CA GLY A 350 -30.45 -10.38 6.06
C GLY A 350 -30.87 -8.94 6.40
N LEU A 351 -30.55 -8.50 7.59
CA LEU A 351 -31.07 -7.21 8.12
C LEU A 351 -30.51 -6.03 7.38
N ASN A 352 -29.29 -6.17 6.90
CA ASN A 352 -28.66 -5.07 6.14
C ASN A 352 -29.33 -4.79 4.81
N LEU A 353 -30.12 -5.75 4.31
CA LEU A 353 -30.55 -5.75 2.86
C LEU A 353 -32.04 -5.46 2.64
N VAL A 354 -32.78 -5.32 3.74
CA VAL A 354 -34.25 -5.16 3.70
C VAL A 354 -34.62 -3.69 3.47
N PRO A 355 -35.83 -3.42 2.93
CA PRO A 355 -36.23 -2.02 2.61
C PRO A 355 -36.27 -1.10 3.79
N ASN A 356 -36.64 -1.63 4.96
CA ASN A 356 -36.67 -0.82 6.21
C ASN A 356 -35.40 -0.93 7.04
N THR A 357 -34.26 -1.13 6.39
CA THR A 357 -32.98 -1.38 7.10
C THR A 357 -32.50 -0.19 7.95
N ARG A 358 -32.96 1.00 7.60
CA ARG A 358 -32.52 2.24 8.30
C ARG A 358 -32.93 2.27 9.77
N VAL A 359 -34.07 1.71 10.05
CA VAL A 359 -34.57 1.59 11.44
C VAL A 359 -33.54 0.86 12.28
N TYR A 360 -32.97 -0.18 11.68
CA TYR A 360 -32.01 -1.08 12.34
C TYR A 360 -30.62 -0.41 12.46
N GLN A 361 -30.26 0.28 11.39
CA GLN A 361 -29.02 1.07 11.33
C GLN A 361 -29.04 2.12 12.41
N ASP A 362 -30.17 2.81 12.53
CA ASP A 362 -30.36 3.90 13.50
C ASP A 362 -30.30 3.40 14.90
N ALA A 363 -30.94 2.29 15.13
CA ALA A 363 -30.92 1.68 16.48
C ALA A 363 -29.52 1.20 16.86
N SER A 364 -28.80 0.67 15.90
CA SER A 364 -27.40 0.24 16.11
C SER A 364 -26.47 1.41 16.40
N ARG A 365 -26.65 2.48 15.66
CA ARG A 365 -25.84 3.67 15.82
C ARG A 365 -26.08 4.28 17.19
N ASP A 366 -27.35 4.41 17.55
CA ASP A 366 -27.74 4.97 18.85
C ASP A 366 -27.12 4.17 19.97
N TRP A 367 -27.15 2.87 19.82
CA TRP A 367 -26.57 1.94 20.79
C TRP A 367 -25.04 2.17 20.94
N LEU A 368 -24.33 2.20 19.81
CA LEU A 368 -22.89 2.49 19.80
C LEU A 368 -22.59 3.79 20.51
N ASP A 369 -23.36 4.82 20.18
CA ASP A 369 -23.16 6.17 20.76
C ASP A 369 -23.37 6.12 22.27
N ARG A 370 -24.35 5.36 22.70
CA ARG A 370 -24.64 5.19 24.13
C ARG A 370 -23.57 4.42 24.94
N VAL A 371 -22.89 3.50 24.30
CA VAL A 371 -22.24 2.36 25.00
C VAL A 371 -20.71 2.38 24.81
N VAL A 372 -20.26 2.94 23.69
CA VAL A 372 -18.79 3.19 23.45
C VAL A 372 -18.47 4.57 22.99
N GLY A 373 -19.29 5.12 22.12
CA GLY A 373 -18.93 6.40 21.47
C GLY A 373 -17.80 6.19 20.47
N HIS A 374 -17.49 7.24 19.71
CA HIS A 374 -16.50 7.12 18.60
C HIS A 374 -15.15 7.82 18.85
N GLY A 375 -15.01 8.53 19.96
CA GLY A 375 -13.76 9.25 20.27
C GLY A 375 -13.61 10.61 19.59
N LEU A 376 -14.73 11.19 19.15
CA LEU A 376 -14.75 12.56 18.49
C LEU A 376 -15.80 13.51 19.10
N GLU A 377 -16.43 13.07 20.18
CA GLU A 377 -17.48 13.85 20.80
C GLU A 377 -16.91 14.93 21.77
N HIS A 378 -17.78 15.84 22.19
CA HIS A 378 -17.51 16.84 23.27
C HIS A 378 -18.51 16.68 24.44
N HIS A 379 -19.14 15.50 24.52
CA HIS A 379 -20.47 15.32 25.18
C HIS A 379 -20.31 14.83 26.64
N HIS A 380 -21.46 14.76 27.33
CA HIS A 380 -21.51 14.43 28.74
C HIS A 380 -22.70 13.48 28.99
N SER B 61 -2.33 -13.73 -8.49
CA SER B 61 -2.36 -14.01 -9.97
C SER B 61 -1.93 -12.78 -10.83
N ALA B 62 -2.61 -11.64 -10.64
CA ALA B 62 -2.06 -10.35 -11.07
C ALA B 62 -1.92 -9.36 -9.94
N ILE B 63 -0.98 -8.44 -10.10
CA ILE B 63 -0.68 -7.42 -9.09
C ILE B 63 -1.18 -6.07 -9.54
N CYS B 64 -2.04 -5.49 -8.74
CA CYS B 64 -2.88 -4.35 -9.16
C CYS B 64 -2.81 -3.21 -8.15
N ARG B 65 -2.85 -2.00 -8.65
CA ARG B 65 -2.92 -0.80 -7.78
C ARG B 65 -3.71 0.27 -8.43
N ALA B 66 -4.70 0.75 -7.71
CA ALA B 66 -5.52 1.87 -8.18
C ALA B 66 -4.83 3.20 -7.83
N THR B 67 -5.03 4.19 -8.68
CA THR B 67 -4.61 5.59 -8.41
C THR B 67 -5.59 6.59 -9.01
N THR B 68 -5.36 7.86 -8.69
CA THR B 68 -5.98 8.95 -9.41
C THR B 68 -4.91 9.72 -10.18
N VAL B 69 -5.27 10.21 -11.34
CA VAL B 69 -4.38 11.05 -12.16
C VAL B 69 -4.98 12.44 -12.30
N GLU B 70 -4.17 13.46 -12.03
CA GLU B 70 -4.60 14.84 -12.31
C GLU B 70 -4.55 15.08 -13.80
N VAL B 71 -5.65 15.57 -14.33
CA VAL B 71 -5.80 15.76 -15.77
C VAL B 71 -6.43 17.10 -16.05
N THR B 72 -6.10 17.67 -17.19
CA THR B 72 -6.59 18.98 -17.56
C THR B 72 -8.12 19.01 -17.77
N LEU B 73 -8.75 19.97 -17.11
CA LEU B 73 -10.20 20.10 -17.05
C LEU B 73 -10.55 21.57 -16.98
N GLY B 74 -10.96 22.11 -18.11
CA GLY B 74 -11.41 23.50 -18.19
C GLY B 74 -10.30 24.44 -17.82
N LYS B 75 -10.60 25.39 -16.92
CA LYS B 75 -9.60 26.34 -16.39
C LYS B 75 -8.52 25.62 -15.59
N GLY B 76 -8.93 24.66 -14.75
CA GLY B 76 -8.00 23.95 -13.86
C GLY B 76 -7.77 22.50 -14.25
N THR B 77 -7.90 21.62 -13.24
CA THR B 77 -7.74 20.19 -13.45
C THR B 77 -8.84 19.38 -12.77
N GLY B 78 -8.97 18.12 -13.19
CA GLY B 78 -9.79 17.11 -12.50
C GLY B 78 -9.03 15.81 -12.24
N LYS B 79 -9.68 14.93 -11.50
CA LYS B 79 -9.10 13.63 -11.11
C LYS B 79 -9.72 12.48 -11.89
N MSE B 80 -8.85 11.72 -12.52
CA MSE B 80 -9.24 10.49 -13.25
C MSE B 80 -8.78 9.27 -12.52
O MSE B 80 -7.60 9.09 -12.31
CB MSE B 80 -8.63 10.46 -14.65
CG MSE B 80 -9.37 9.44 -15.50
SE MSE B 80 -8.64 9.26 -17.33
CE MSE B 80 -9.15 11.01 -18.02
N TRP B 81 -9.72 8.42 -12.14
CA TRP B 81 -9.37 7.15 -11.48
C TRP B 81 -8.92 6.12 -12.51
N GLY B 82 -7.93 5.36 -12.13
CA GLY B 82 -7.42 4.28 -12.98
C GLY B 82 -6.78 3.18 -12.19
N GLU B 83 -6.75 1.99 -12.76
CA GLU B 83 -6.10 0.85 -12.13
C GLU B 83 -5.03 0.26 -13.02
N LEU B 84 -3.82 0.19 -12.48
CA LEU B 84 -2.67 -0.41 -13.17
C LEU B 84 -2.43 -1.80 -12.63
N CYS B 85 -2.42 -2.78 -13.52
CA CYS B 85 -2.14 -4.18 -13.18
C CYS B 85 -1.02 -4.71 -14.04
N ARG B 86 -0.13 -5.49 -13.40
CA ARG B 86 0.90 -6.26 -14.08
C ARG B 86 0.70 -7.73 -13.85
N PRO B 87 1.18 -8.57 -14.78
CA PRO B 87 1.29 -9.97 -14.41
C PRO B 87 2.18 -10.12 -13.23
N ALA B 88 1.86 -11.05 -12.36
CA ALA B 88 2.68 -11.32 -11.16
C ALA B 88 4.09 -11.79 -11.53
N GLY B 89 5.06 -11.24 -10.85
CA GLY B 89 6.48 -11.62 -11.06
C GLY B 89 7.06 -11.18 -12.40
N SER B 90 6.48 -10.14 -12.96
CA SER B 90 6.89 -9.61 -14.29
C SER B 90 6.76 -8.13 -14.35
N SER B 91 7.50 -7.53 -15.26
CA SER B 91 7.46 -6.09 -15.45
C SER B 91 7.43 -5.75 -16.95
N PRO B 92 6.21 -5.77 -17.57
CA PRO B 92 6.12 -5.63 -19.02
C PRO B 92 6.50 -4.26 -19.48
N ASP B 93 7.01 -4.19 -20.69
CA ASP B 93 7.38 -2.91 -21.29
C ASP B 93 6.19 -2.32 -22.04
N THR B 94 5.23 -3.18 -22.35
CA THR B 94 3.99 -2.75 -23.00
C THR B 94 2.82 -2.70 -22.02
N VAL B 95 2.16 -1.57 -22.01
CA VAL B 95 0.93 -1.37 -21.25
C VAL B 95 -0.21 -1.06 -22.19
N VAL B 96 -1.34 -1.70 -21.94
CA VAL B 96 -2.57 -1.51 -22.74
C VAL B 96 -3.56 -0.70 -21.94
N THR B 97 -3.81 0.51 -22.41
CA THR B 97 -4.76 1.45 -21.76
C THR B 97 -6.14 1.38 -22.41
N MSE B 98 -7.15 1.20 -21.57
CA MSE B 98 -8.51 0.85 -22.04
C MSE B 98 -9.51 1.89 -21.66
O MSE B 98 -9.68 2.22 -20.48
CB MSE B 98 -8.96 -0.52 -21.53
CG MSE B 98 -7.98 -1.56 -22.03
SE MSE B 98 -8.09 -3.25 -21.04
CE MSE B 98 -8.88 -4.01 -22.57
N VAL B 99 -10.24 2.34 -22.65
CA VAL B 99 -11.19 3.42 -22.48
C VAL B 99 -12.59 2.91 -22.77
N HIS B 100 -13.44 2.98 -21.76
CA HIS B 100 -14.81 2.48 -21.87
C HIS B 100 -15.71 3.44 -22.66
N GLY B 101 -16.88 2.96 -22.99
CA GLY B 101 -17.87 3.75 -23.70
C GLY B 101 -18.95 4.37 -22.82
N ALA B 102 -19.93 4.95 -23.49
CA ALA B 102 -21.02 5.74 -22.87
C ALA B 102 -22.02 4.88 -22.08
N THR B 103 -22.26 5.29 -20.86
CA THR B 103 -23.04 4.54 -19.83
C THR B 103 -22.31 3.31 -19.25
N TYR B 104 -21.02 3.23 -19.52
CA TYR B 104 -20.14 2.27 -18.86
C TYR B 104 -19.08 3.00 -18.01
N ASN B 105 -18.34 2.22 -17.26
CA ASN B 105 -17.12 2.70 -16.63
C ASN B 105 -16.06 1.62 -16.81
N HIS B 106 -15.02 1.64 -15.98
CA HIS B 106 -13.92 0.66 -16.10
C HIS B 106 -14.39 -0.83 -16.06
N ASN B 107 -15.51 -1.10 -15.45
CA ASN B 107 -16.01 -2.48 -15.34
C ASN B 107 -16.16 -3.20 -16.67
N TYR B 108 -16.49 -2.46 -17.71
CA TYR B 108 -16.64 -3.03 -19.04
C TYR B 108 -15.36 -3.78 -19.46
N TRP B 109 -14.23 -3.17 -19.22
CA TRP B 109 -12.91 -3.72 -19.62
C TRP B 109 -12.27 -4.65 -18.55
N ASP B 110 -12.82 -4.65 -17.34
CA ASP B 110 -12.42 -5.62 -16.31
C ASP B 110 -13.63 -6.15 -15.55
N PHE B 111 -14.36 -7.01 -16.18
CA PHE B 111 -15.70 -7.36 -15.76
C PHE B 111 -15.62 -8.27 -14.55
N PRO B 112 -16.39 -7.94 -13.47
CA PRO B 112 -16.27 -8.67 -12.21
C PRO B 112 -17.10 -9.98 -12.11
N TYR B 113 -17.85 -10.32 -13.14
CA TYR B 113 -18.54 -11.62 -13.19
C TYR B 113 -17.78 -12.57 -14.08
N GLN B 114 -17.41 -13.73 -13.51
CA GLN B 114 -16.67 -14.79 -14.22
C GLN B 114 -15.52 -14.16 -14.99
N PRO B 115 -14.62 -13.49 -14.26
CA PRO B 115 -13.56 -12.73 -14.91
C PRO B 115 -12.67 -13.58 -15.77
N ASP B 116 -12.45 -14.83 -15.39
CA ASP B 116 -11.58 -15.74 -16.21
C ASP B 116 -12.12 -15.89 -17.60
N LYS B 117 -13.40 -15.63 -17.75
CA LYS B 117 -14.04 -15.64 -19.06
C LYS B 117 -14.22 -14.23 -19.65
N TYR B 118 -14.74 -13.30 -18.86
CA TYR B 118 -15.24 -11.98 -19.42
C TYR B 118 -14.32 -10.79 -19.19
N SER B 119 -13.32 -10.93 -18.37
CA SER B 119 -12.41 -9.80 -18.08
C SER B 119 -11.28 -9.70 -19.11
N PHE B 120 -11.39 -8.75 -19.99
CA PHE B 120 -10.39 -8.54 -21.04
C PHE B 120 -9.03 -8.18 -20.41
N ARG B 121 -9.08 -7.31 -19.43
CA ARG B 121 -7.90 -6.91 -18.63
C ARG B 121 -7.15 -8.14 -18.14
N LYS B 122 -7.88 -9.04 -17.52
CA LYS B 122 -7.30 -10.28 -16.99
C LYS B 122 -6.65 -11.14 -18.05
N MSE B 123 -7.36 -11.31 -19.15
CA MSE B 123 -6.82 -12.03 -20.31
C MSE B 123 -5.49 -11.43 -20.76
O MSE B 123 -4.53 -12.15 -21.03
CB MSE B 123 -7.88 -12.01 -21.39
CG MSE B 123 -7.47 -12.76 -22.62
SE MSE B 123 -6.33 -11.65 -23.83
CE MSE B 123 -7.58 -10.20 -24.40
N LEU B 124 -5.41 -10.11 -20.78
CA LEU B 124 -4.17 -9.41 -21.19
C LEU B 124 -3.01 -9.64 -20.26
N ASN B 125 -3.28 -9.51 -18.97
CA ASN B 125 -2.25 -9.80 -17.94
C ASN B 125 -1.74 -11.23 -18.10
N GLY B 126 -2.68 -12.15 -18.28
CA GLY B 126 -2.34 -13.56 -18.50
C GLY B 126 -1.52 -13.80 -19.75
N ALA B 127 -1.71 -12.94 -20.73
CA ALA B 127 -0.89 -12.92 -21.97
C ALA B 127 0.45 -12.15 -21.79
N GLY B 128 0.73 -11.70 -20.59
CA GLY B 128 2.00 -10.95 -20.26
C GLY B 128 2.01 -9.42 -20.44
N TYR B 129 0.85 -8.85 -20.77
CA TYR B 129 0.76 -7.38 -20.91
C TYR B 129 0.38 -6.70 -19.60
N ALA B 130 0.91 -5.49 -19.40
CA ALA B 130 0.40 -4.57 -18.34
C ALA B 130 -0.88 -3.94 -18.84
N THR B 131 -1.73 -3.56 -17.91
CA THR B 131 -3.03 -2.97 -18.27
C THR B 131 -3.31 -1.75 -17.45
N PHE B 132 -3.97 -0.79 -18.04
CA PHE B 132 -4.47 0.38 -17.30
C PHE B 132 -5.89 0.67 -17.71
N VAL B 133 -6.83 0.35 -16.83
CA VAL B 133 -8.27 0.69 -17.09
C VAL B 133 -8.67 1.94 -16.33
N VAL B 134 -9.43 2.78 -16.99
CA VAL B 134 -9.81 4.08 -16.40
C VAL B 134 -11.29 4.18 -16.23
N ASP B 135 -11.69 5.00 -15.25
CA ASP B 135 -13.01 5.63 -15.25
C ASP B 135 -12.85 6.99 -15.89
N ARG B 136 -13.48 7.19 -17.02
CA ARG B 136 -13.60 8.51 -17.62
C ARG B 136 -14.24 9.51 -16.64
N LEU B 137 -13.88 10.77 -16.78
CA LEU B 137 -14.53 11.80 -15.98
C LEU B 137 -16.02 11.82 -16.27
N GLY B 138 -16.78 12.04 -15.23
CA GLY B 138 -18.25 11.90 -15.27
C GLY B 138 -18.75 10.57 -14.72
N THR B 139 -17.82 9.64 -14.51
CA THR B 139 -18.19 8.26 -14.19
C THR B 139 -17.34 7.71 -13.09
N GLY B 140 -17.88 6.67 -12.45
CA GLY B 140 -17.11 5.78 -11.62
C GLY B 140 -16.55 6.50 -10.42
N ASN B 141 -15.27 6.31 -10.16
CA ASN B 141 -14.57 7.04 -9.07
C ASN B 141 -13.81 8.28 -9.53
N SER B 142 -14.13 8.79 -10.70
CA SER B 142 -13.48 10.00 -11.18
C SER B 142 -14.27 11.21 -10.79
N THR B 143 -13.68 12.37 -11.01
CA THR B 143 -14.39 13.65 -10.86
C THR B 143 -15.63 13.66 -11.76
N VAL B 144 -16.73 14.13 -11.20
CA VAL B 144 -17.99 14.33 -11.96
C VAL B 144 -18.24 15.83 -12.10
N PRO B 145 -17.75 16.45 -13.17
CA PRO B 145 -17.89 17.88 -13.33
C PRO B 145 -19.21 18.26 -13.95
N PRO B 146 -19.47 19.57 -14.04
CA PRO B 146 -20.58 19.98 -14.92
C PRO B 146 -20.36 19.45 -16.34
N SER B 147 -21.42 19.06 -17.00
CA SER B 147 -21.31 18.38 -18.30
C SER B 147 -20.76 19.29 -19.41
N SER B 148 -20.94 20.59 -19.23
CA SER B 148 -20.51 21.60 -20.21
C SER B 148 -18.99 21.64 -20.36
N GLU B 149 -18.30 21.21 -19.31
CA GLU B 149 -16.82 21.15 -19.29
C GLU B 149 -16.22 19.91 -19.99
N LEU B 150 -17.07 18.93 -20.32
CA LEU B 150 -16.63 17.67 -20.99
C LEU B 150 -17.05 17.61 -22.43
N ASN B 151 -16.11 17.25 -23.27
CA ASN B 151 -16.37 16.83 -24.64
C ASN B 151 -15.23 15.92 -25.12
N LEU B 152 -15.41 15.34 -26.30
CA LEU B 152 -14.46 14.31 -26.78
C LEU B 152 -13.02 14.84 -26.86
N THR B 153 -12.86 16.05 -27.38
CA THR B 153 -11.52 16.71 -27.54
C THR B 153 -10.85 16.91 -26.19
N VAL B 154 -11.60 17.48 -25.28
CA VAL B 154 -11.15 17.58 -23.86
C VAL B 154 -10.73 16.24 -23.32
N GLU B 155 -11.55 15.23 -23.54
CA GLU B 155 -11.29 13.86 -22.99
C GLU B 155 -10.07 13.19 -23.65
N ALA B 156 -9.90 13.45 -24.94
CA ALA B 156 -8.74 12.94 -25.69
C ALA B 156 -7.42 13.52 -25.16
N ARG B 157 -7.45 14.79 -24.81
CA ARG B 157 -6.29 15.43 -24.20
C ARG B 157 -6.00 14.84 -22.83
N GLN B 158 -7.04 14.49 -22.12
CA GLN B 158 -6.89 13.86 -20.81
C GLN B 158 -6.20 12.48 -20.97
N MSE B 159 -6.61 11.72 -21.99
CA MSE B 159 -6.00 10.41 -22.30
C MSE B 159 -4.54 10.56 -22.70
O MSE B 159 -3.70 9.76 -22.30
CB MSE B 159 -6.73 9.66 -23.40
CG MSE B 159 -8.11 9.20 -22.94
SE MSE B 159 -8.13 8.27 -21.18
CE MSE B 159 -6.87 6.89 -21.75
N HIS B 160 -4.26 11.60 -23.47
CA HIS B 160 -2.88 11.97 -23.83
C HIS B 160 -1.98 12.19 -22.57
N GLU B 161 -2.55 12.81 -21.56
CA GLU B 161 -1.85 13.03 -20.28
C GLU B 161 -1.65 11.73 -19.51
N VAL B 162 -2.59 10.81 -19.65
CA VAL B 162 -2.45 9.43 -19.08
C VAL B 162 -1.33 8.64 -19.78
N VAL B 163 -1.36 8.65 -21.11
CA VAL B 163 -0.31 8.02 -21.92
C VAL B 163 1.09 8.54 -21.49
N GLN B 164 1.24 9.86 -21.43
CA GLN B 164 2.51 10.47 -20.99
C GLN B 164 2.88 10.01 -19.58
N GLY B 165 1.89 10.00 -18.73
CA GLY B 165 2.09 9.56 -17.34
C GLY B 165 2.64 8.15 -17.26
N LEU B 166 2.04 7.26 -18.05
CA LEU B 166 2.53 5.90 -18.18
C LEU B 166 3.98 5.80 -18.78
N ARG B 167 4.27 6.58 -19.82
CA ARG B 167 5.56 6.49 -20.52
C ARG B 167 6.65 6.93 -19.55
N THR B 168 6.41 8.03 -18.88
CA THR B 168 7.42 8.61 -17.94
C THR B 168 7.56 7.87 -16.61
N GLY B 169 6.55 7.11 -16.22
CA GLY B 169 6.59 6.41 -14.90
C GLY B 169 5.91 7.19 -13.80
N ARG B 170 5.44 8.37 -14.13
CA ARG B 170 4.60 9.16 -13.20
C ARG B 170 3.38 8.38 -12.73
N ILE B 171 2.78 7.65 -13.62
CA ILE B 171 1.83 6.60 -13.27
C ILE B 171 2.57 5.28 -13.25
N GLY B 172 2.62 4.65 -12.08
CA GLY B 172 3.11 3.27 -11.97
C GLY B 172 4.59 3.09 -11.69
N GLY B 173 5.36 4.18 -11.69
CA GLY B 173 6.77 4.15 -11.22
C GLY B 173 7.81 3.61 -12.21
N THR B 174 7.49 2.53 -12.92
CA THR B 174 8.49 1.87 -13.82
C THR B 174 8.71 2.63 -15.11
N GLY B 175 7.66 3.25 -15.62
CA GLY B 175 7.71 3.80 -17.00
C GLY B 175 7.55 2.68 -18.02
N PHE B 176 6.93 2.97 -19.16
CA PHE B 176 6.57 1.93 -20.18
C PHE B 176 7.07 2.37 -21.54
N GLY B 177 7.69 1.44 -22.22
CA GLY B 177 8.27 1.71 -23.53
C GLY B 177 7.25 1.72 -24.64
N LYS B 178 6.26 0.87 -24.51
CA LYS B 178 5.14 0.84 -25.47
C LYS B 178 3.75 1.02 -24.80
N VAL B 179 2.92 1.80 -25.46
CA VAL B 179 1.58 2.08 -24.97
C VAL B 179 0.54 1.87 -26.05
N VAL B 180 -0.35 0.92 -25.80
CA VAL B 180 -1.46 0.61 -26.69
C VAL B 180 -2.74 1.17 -26.13
N LEU B 181 -3.48 1.80 -26.97
CA LEU B 181 -4.65 2.43 -26.55
C LEU B 181 -5.87 1.67 -27.13
N ALA B 182 -6.78 1.27 -26.25
CA ALA B 182 -7.94 0.45 -26.64
C ALA B 182 -9.26 1.12 -26.25
N GLY B 183 -10.22 1.09 -27.15
CA GLY B 183 -11.50 1.77 -26.94
C GLY B 183 -12.72 0.93 -27.22
N TYR B 184 -13.86 1.43 -26.75
CA TYR B 184 -15.19 0.81 -26.95
C TYR B 184 -16.30 1.90 -27.10
N SER B 185 -17.15 1.78 -28.13
CA SER B 185 -18.33 2.75 -28.34
C SER B 185 -17.64 4.14 -28.50
N LEU B 186 -18.10 5.14 -27.78
CA LEU B 186 -17.46 6.48 -27.82
C LEU B 186 -16.06 6.51 -27.18
N GLY B 187 -15.73 5.47 -26.43
CA GLY B 187 -14.34 5.27 -25.95
C GLY B 187 -13.37 5.17 -27.13
N SER B 188 -13.85 4.60 -28.21
CA SER B 188 -13.04 4.46 -29.42
C SER B 188 -12.84 5.77 -30.13
N ALA B 189 -13.82 6.66 -30.00
CA ALA B 189 -13.74 8.00 -30.64
C ALA B 189 -12.72 8.86 -29.91
N VAL B 190 -12.73 8.75 -28.60
CA VAL B 190 -11.71 9.37 -27.75
C VAL B 190 -10.31 8.85 -28.13
N THR B 191 -10.23 7.55 -28.25
CA THR B 191 -9.00 6.85 -28.60
C THR B 191 -8.46 7.31 -29.98
N SER B 192 -9.37 7.41 -30.92
CA SER B 192 -9.02 7.82 -32.26
C SER B 192 -8.54 9.26 -32.29
N ILE B 193 -9.26 10.14 -31.60
CA ILE B 193 -8.89 11.56 -31.54
C ILE B 193 -7.50 11.70 -30.93
N GLU B 194 -7.28 10.98 -29.85
CA GLU B 194 -6.02 11.03 -29.11
C GLU B 194 -4.87 10.68 -30.05
N ALA B 195 -4.98 9.53 -30.66
CA ALA B 195 -3.93 9.00 -31.52
C ALA B 195 -3.70 9.94 -32.70
N SER B 196 -4.79 10.41 -33.23
CA SER B 196 -4.78 11.29 -34.41
C SER B 196 -4.11 12.65 -34.09
N THR B 197 -4.37 13.15 -32.90
CA THR B 197 -3.88 14.46 -32.49
C THR B 197 -2.42 14.40 -32.01
N PHE B 198 -2.13 13.49 -31.10
CA PHE B 198 -0.85 13.48 -30.37
C PHE B 198 0.19 12.49 -30.89
N HIS B 199 -0.23 11.51 -31.68
CA HIS B 199 0.69 10.48 -32.21
C HIS B 199 1.70 9.92 -31.16
N ASP B 200 1.22 9.68 -29.94
CA ASP B 200 2.08 9.15 -28.86
C ASP B 200 1.69 7.75 -28.37
N VAL B 201 1.10 6.96 -29.27
CA VAL B 201 0.75 5.54 -29.00
C VAL B 201 1.24 4.65 -30.10
N ASP B 202 1.52 3.42 -29.72
CA ASP B 202 2.20 2.47 -30.60
C ASP B 202 1.22 1.61 -31.39
N ALA B 203 -0.02 1.60 -30.94
CA ALA B 203 -1.09 0.88 -31.62
C ALA B 203 -2.42 1.22 -31.01
N VAL B 204 -3.45 0.88 -31.73
CA VAL B 204 -4.79 1.32 -31.44
C VAL B 204 -5.80 0.16 -31.67
N LEU B 205 -6.60 -0.08 -30.65
CA LEU B 205 -7.68 -1.08 -30.71
C LEU B 205 -9.04 -0.38 -30.69
N ILE B 206 -9.78 -0.52 -31.77
CA ILE B 206 -11.06 0.18 -31.97
C ILE B 206 -12.16 -0.85 -31.90
N THR B 207 -13.03 -0.72 -30.93
CA THR B 207 -14.15 -1.67 -30.80
C THR B 207 -15.47 -0.98 -30.77
N ALA B 208 -16.43 -1.58 -31.44
CA ALA B 208 -17.83 -1.17 -31.38
C ALA B 208 -18.03 0.29 -31.83
N LEU B 209 -17.31 0.67 -32.85
CA LEU B 209 -17.48 1.99 -33.43
C LEU B 209 -17.07 1.97 -34.85
N GLY B 210 -18.02 2.20 -35.69
CA GLY B 210 -17.75 2.32 -37.11
C GLY B 210 -18.11 3.69 -37.64
N HIS B 211 -17.78 3.94 -38.87
CA HIS B 211 -18.01 5.24 -39.50
C HIS B 211 -19.44 5.44 -40.04
N TYR B 212 -20.17 4.34 -40.18
CA TYR B 212 -21.62 4.36 -40.45
C TYR B 212 -22.34 3.84 -39.24
N ASN B 213 -23.39 4.52 -38.84
CA ASN B 213 -24.18 4.05 -37.75
C ASN B 213 -25.63 3.89 -38.14
N ASN B 214 -26.34 3.09 -37.36
CA ASN B 214 -27.75 2.82 -37.57
C ASN B 214 -28.59 3.83 -36.77
N PRO B 215 -29.22 4.82 -37.47
CA PRO B 215 -29.95 5.87 -36.75
C PRO B 215 -31.10 5.33 -35.92
N ALA B 216 -31.70 4.22 -36.35
CA ALA B 216 -32.82 3.60 -35.61
C ALA B 216 -32.32 2.98 -34.28
N GLY B 217 -31.12 2.46 -34.32
CA GLY B 217 -30.43 1.99 -33.14
C GLY B 217 -30.06 3.11 -32.21
N THR B 218 -29.54 4.18 -32.76
CA THR B 218 -29.25 5.42 -31.98
C THR B 218 -30.51 5.94 -31.30
N GLN B 219 -31.56 6.08 -32.08
CA GLN B 219 -32.84 6.62 -31.60
C GLN B 219 -33.43 5.71 -30.52
N ALA B 220 -33.25 4.41 -30.68
CA ALA B 220 -33.71 3.44 -29.69
C ALA B 220 -33.05 3.69 -28.30
N ILE B 221 -31.79 4.09 -28.29
CA ILE B 221 -31.09 4.40 -26.98
C ILE B 221 -31.70 5.64 -26.37
N ILE B 222 -31.91 6.63 -27.21
CA ILE B 222 -32.51 7.91 -26.77
C ILE B 222 -33.90 7.66 -26.15
N ASP B 223 -34.71 6.86 -26.81
CA ASP B 223 -36.03 6.43 -26.27
C ASP B 223 -35.91 5.74 -24.88
N ASN B 224 -34.79 5.08 -24.65
CA ASN B 224 -34.53 4.40 -23.36
C ASN B 224 -33.56 5.16 -22.46
N GLY B 225 -33.42 6.44 -22.73
CA GLY B 225 -32.60 7.31 -21.90
C GLY B 225 -33.36 7.91 -20.72
N LEU B 226 -32.60 8.19 -19.67
CA LEU B 226 -33.11 8.60 -18.36
C LEU B 226 -32.02 9.48 -17.71
N SER B 227 -32.39 10.43 -16.86
CA SER B 227 -31.39 11.10 -15.99
C SER B 227 -30.90 10.14 -14.90
N PRO B 228 -29.60 10.15 -14.61
CA PRO B 228 -29.12 9.31 -13.51
C PRO B 228 -29.76 9.63 -12.18
N ASN B 229 -30.34 10.80 -12.08
CA ASN B 229 -31.07 11.20 -10.84
C ASN B 229 -32.39 10.46 -10.61
N ASP B 230 -32.94 9.89 -11.67
CA ASP B 230 -34.15 9.05 -11.57
C ASP B 230 -33.85 7.54 -11.67
N ASP B 231 -32.59 7.17 -11.62
CA ASP B 231 -32.15 5.78 -11.86
C ASP B 231 -31.69 5.10 -10.55
N PRO B 232 -32.18 3.89 -10.27
CA PRO B 232 -31.95 3.30 -8.95
C PRO B 232 -30.49 2.93 -8.64
N VAL B 233 -29.73 2.64 -9.66
CA VAL B 233 -28.26 2.39 -9.49
C VAL B 233 -27.44 3.67 -9.23
N LEU B 234 -27.82 4.77 -9.85
CA LEU B 234 -27.00 6.02 -9.83
C LEU B 234 -27.55 7.19 -8.98
N LYS B 235 -28.82 7.11 -8.59
CA LYS B 235 -29.56 8.22 -7.83
C LYS B 235 -28.72 8.99 -6.85
N ASP B 236 -28.14 8.25 -5.94
CA ASP B 236 -27.63 8.85 -4.71
C ASP B 236 -26.12 9.17 -4.74
N ARG B 237 -25.50 8.98 -5.88
CA ARG B 237 -24.04 9.18 -6.03
C ARG B 237 -23.72 10.63 -6.14
N HIS B 238 -24.48 11.32 -6.97
CA HIS B 238 -24.29 12.75 -7.25
C HIS B 238 -25.64 13.38 -7.56
N HIS B 239 -25.69 14.69 -7.48
CA HIS B 239 -26.77 15.43 -8.16
C HIS B 239 -26.23 15.79 -9.53
N TYR B 240 -26.66 15.04 -10.51
CA TYR B 240 -26.16 15.20 -11.85
C TYR B 240 -26.87 16.33 -12.50
N ASP B 241 -26.16 17.11 -13.30
CA ASP B 241 -26.82 18.15 -14.07
C ASP B 241 -27.53 17.57 -15.30
N ASP B 242 -28.18 18.47 -16.04
CA ASP B 242 -29.10 18.12 -17.14
C ASP B 242 -28.39 17.52 -18.35
N GLY B 243 -27.07 17.68 -18.42
CA GLY B 243 -26.28 17.16 -19.55
C GLY B 243 -25.87 15.68 -19.41
N TYR B 244 -26.23 15.06 -18.27
CA TYR B 244 -25.96 13.63 -18.02
C TYR B 244 -27.19 12.74 -18.28
N ALA B 245 -26.94 11.58 -18.85
CA ALA B 245 -27.99 10.55 -19.05
C ALA B 245 -27.43 9.17 -18.72
N THR B 246 -28.32 8.23 -18.52
CA THR B 246 -27.97 6.82 -18.51
C THR B 246 -29.10 6.05 -19.17
N THR B 247 -29.05 4.73 -19.09
CA THR B 247 -30.07 3.88 -19.73
C THR B 247 -31.16 3.49 -18.73
N LYS B 248 -32.37 3.28 -19.24
CA LYS B 248 -33.49 2.72 -18.42
C LYS B 248 -33.19 1.30 -17.98
N PRO B 249 -33.52 0.96 -16.72
CA PRO B 249 -33.33 -0.40 -16.25
C PRO B 249 -34.03 -1.43 -17.12
N GLY B 250 -33.29 -2.46 -17.52
CA GLY B 250 -33.87 -3.53 -18.34
C GLY B 250 -33.74 -3.30 -19.83
N SER B 251 -33.33 -2.10 -20.22
CA SER B 251 -33.24 -1.73 -21.66
C SER B 251 -31.93 -2.15 -22.36
N ARG B 252 -30.86 -2.30 -21.60
CA ARG B 252 -29.49 -2.59 -22.20
C ARG B 252 -29.48 -3.86 -23.01
N LYS B 253 -30.20 -4.87 -22.52
CA LYS B 253 -30.41 -6.15 -23.25
C LYS B 253 -30.74 -5.90 -24.73
N HIS B 254 -31.67 -5.00 -24.97
CA HIS B 254 -32.18 -4.75 -26.33
C HIS B 254 -31.29 -3.74 -27.07
N VAL B 255 -31.14 -2.57 -26.49
CA VAL B 255 -30.56 -1.42 -27.21
C VAL B 255 -29.06 -1.52 -27.42
N PHE B 256 -28.39 -2.33 -26.59
CA PHE B 256 -26.94 -2.67 -26.76
C PHE B 256 -26.66 -4.13 -27.24
N TYR B 257 -27.27 -5.08 -26.60
CA TYR B 257 -26.94 -6.50 -26.85
C TYR B 257 -27.88 -7.20 -27.81
N ALA B 258 -28.85 -6.46 -28.32
CA ALA B 258 -29.71 -6.92 -29.48
C ALA B 258 -30.45 -8.24 -29.16
N ASP B 259 -30.69 -8.45 -27.87
CA ASP B 259 -31.42 -9.62 -27.34
C ASP B 259 -30.77 -10.96 -27.71
N ARG B 260 -29.48 -10.92 -28.01
CA ARG B 260 -28.75 -12.14 -28.39
C ARG B 260 -28.43 -12.91 -27.14
N PRO B 261 -28.19 -14.21 -27.26
CA PRO B 261 -27.89 -15.07 -26.08
C PRO B 261 -26.77 -14.52 -25.23
N MSE B 262 -27.05 -14.32 -23.93
CA MSE B 262 -26.10 -13.83 -22.97
C MSE B 262 -26.33 -14.50 -21.67
O MSE B 262 -27.43 -14.87 -21.33
CB MSE B 262 -26.36 -12.35 -22.68
CG MSE B 262 -26.30 -11.29 -23.81
SE MSE B 262 -24.72 -10.12 -23.82
CE MSE B 262 -24.19 -10.00 -21.99
N ASP B 263 -25.29 -14.63 -20.89
CA ASP B 263 -25.42 -15.18 -19.54
C ASP B 263 -26.25 -14.19 -18.67
N PRO B 264 -27.28 -14.70 -17.94
CA PRO B 264 -28.08 -13.76 -17.08
C PRO B 264 -27.23 -13.01 -16.03
N GLY B 265 -26.21 -13.68 -15.53
CA GLY B 265 -25.26 -13.10 -14.61
C GLY B 265 -24.52 -11.90 -15.19
N VAL B 266 -24.17 -12.01 -16.46
CA VAL B 266 -23.57 -10.90 -17.22
C VAL B 266 -24.55 -9.72 -17.42
N LEU B 267 -25.78 -10.00 -17.82
CA LEU B 267 -26.80 -8.90 -17.98
C LEU B 267 -27.00 -8.11 -16.69
N ALA B 268 -27.16 -8.82 -15.59
CA ALA B 268 -27.40 -8.22 -14.29
C ALA B 268 -26.18 -7.47 -13.80
N THR B 269 -25.02 -8.07 -13.91
CA THR B 269 -23.77 -7.41 -13.51
C THR B 269 -23.56 -6.11 -14.32
N ASP B 270 -23.89 -6.16 -15.62
CA ASP B 270 -23.77 -5.01 -16.49
C ASP B 270 -24.73 -3.91 -16.09
N GLU B 271 -25.97 -4.28 -15.84
CA GLU B 271 -26.97 -3.30 -15.35
C GLU B 271 -26.52 -2.69 -13.98
N LEU B 272 -25.98 -3.51 -13.10
CA LEU B 272 -25.51 -3.01 -11.77
C LEU B 272 -24.22 -2.17 -11.81
N THR B 273 -23.45 -2.28 -12.89
CA THR B 273 -22.15 -1.56 -13.02
C THR B 273 -22.19 -0.53 -14.09
N LYS B 274 -23.38 -0.20 -14.53
CA LYS B 274 -23.57 0.86 -15.52
C LYS B 274 -23.25 2.23 -14.94
N ASP B 275 -23.25 3.23 -15.80
CA ASP B 275 -22.89 4.60 -15.39
C ASP B 275 -23.52 5.68 -16.26
N ALA B 276 -23.21 6.92 -15.91
CA ALA B 276 -23.74 8.10 -16.63
C ALA B 276 -22.84 8.48 -17.79
N ASN B 277 -23.42 9.12 -18.79
CA ASN B 277 -22.63 9.80 -19.81
C ASN B 277 -23.09 11.23 -20.05
N VAL B 278 -22.18 12.00 -20.64
CA VAL B 278 -22.47 13.29 -21.19
C VAL B 278 -22.98 13.11 -22.61
N PHE B 279 -24.28 13.07 -22.76
CA PHE B 279 -24.91 12.65 -24.02
C PHE B 279 -24.67 13.50 -25.30
N THR B 280 -24.41 14.78 -25.17
CA THR B 280 -24.08 15.62 -26.38
C THR B 280 -22.79 15.17 -27.11
N GLU B 281 -21.90 14.50 -26.39
CA GLU B 281 -20.69 13.86 -27.03
C GLU B 281 -21.06 12.91 -28.21
N ALA B 282 -22.17 12.21 -28.08
CA ALA B 282 -22.66 11.31 -29.15
C ALA B 282 -22.98 12.07 -30.45
N ALA B 283 -23.34 13.34 -30.33
CA ALA B 283 -23.67 14.18 -31.53
C ALA B 283 -22.46 14.88 -32.16
N ASP B 284 -21.29 14.69 -31.57
CA ASP B 284 -20.05 15.36 -32.00
C ASP B 284 -19.62 14.82 -33.38
N PRO B 285 -19.59 15.68 -34.41
CA PRO B 285 -19.17 15.21 -35.74
C PRO B 285 -17.78 14.54 -35.77
N LEU B 286 -16.94 14.84 -34.78
CA LEU B 286 -15.61 14.19 -34.67
C LEU B 286 -15.68 12.62 -34.54
N VAL B 287 -16.80 12.11 -34.00
CA VAL B 287 -17.02 10.63 -33.84
C VAL B 287 -16.87 9.85 -35.16
N ILE B 288 -17.37 10.43 -36.23
CA ILE B 288 -17.31 9.78 -37.54
C ILE B 288 -16.49 10.54 -38.59
N ASP B 289 -15.74 11.56 -38.16
CA ASP B 289 -14.97 12.41 -39.11
C ASP B 289 -13.77 11.61 -39.69
N PRO B 290 -13.71 11.45 -41.02
CA PRO B 290 -12.63 10.68 -41.64
C PRO B 290 -11.26 11.32 -41.46
N ALA B 291 -11.22 12.62 -41.27
CA ALA B 291 -9.96 13.32 -40.95
C ALA B 291 -9.26 12.73 -39.71
N VAL B 292 -10.05 12.34 -38.73
CA VAL B 292 -9.51 11.76 -37.49
C VAL B 292 -8.81 10.42 -37.78
N SER B 293 -9.56 9.47 -38.33
CA SER B 293 -9.06 8.11 -38.52
C SER B 293 -7.97 8.00 -39.60
N ARG B 294 -8.18 8.71 -40.71
CA ARG B 294 -7.24 8.70 -41.87
C ARG B 294 -5.81 9.22 -41.46
N ALA B 295 -5.74 10.03 -40.42
CA ALA B 295 -4.44 10.57 -39.91
C ALA B 295 -3.67 9.61 -38.94
N ILE B 296 -4.30 8.51 -38.56
CA ILE B 296 -3.68 7.57 -37.60
C ILE B 296 -2.69 6.65 -38.29
N ASP B 297 -1.46 6.68 -37.79
CA ASP B 297 -0.30 6.11 -38.51
C ASP B 297 0.39 4.98 -37.73
N VAL B 298 -0.34 4.40 -36.78
CA VAL B 298 0.09 3.14 -36.14
C VAL B 298 -0.85 2.02 -36.47
N PRO B 299 -0.45 0.78 -36.17
CA PRO B 299 -1.33 -0.33 -36.45
C PRO B 299 -2.67 -0.20 -35.73
N VAL B 300 -3.71 -0.50 -36.48
CA VAL B 300 -5.08 -0.48 -35.99
C VAL B 300 -5.74 -1.85 -36.12
N MSE B 301 -6.41 -2.22 -35.06
CA MSE B 301 -7.39 -3.28 -35.16
C MSE B 301 -8.77 -2.71 -34.98
O MSE B 301 -9.01 -1.91 -34.09
CB MSE B 301 -7.23 -4.34 -34.11
CG MSE B 301 -8.25 -5.43 -34.48
SE MSE B 301 -7.79 -7.01 -33.53
CE MSE B 301 -9.45 -7.98 -33.45
N PHE B 302 -9.68 -3.24 -35.78
CA PHE B 302 -11.07 -2.84 -35.79
C PHE B 302 -11.99 -4.04 -35.50
N ALA B 303 -12.73 -3.96 -34.41
CA ALA B 303 -13.61 -5.07 -34.03
C ALA B 303 -15.07 -4.64 -33.92
N LEU B 304 -15.93 -5.52 -34.37
CA LEU B 304 -17.37 -5.26 -34.38
C LEU B 304 -18.17 -6.54 -34.29
N GLY B 305 -19.34 -6.43 -33.70
CA GLY B 305 -20.27 -7.56 -33.62
C GLY B 305 -21.23 -7.57 -34.79
N ASP B 306 -21.52 -8.74 -35.33
CA ASP B 306 -22.37 -8.81 -36.58
C ASP B 306 -23.86 -8.59 -36.29
N ARG B 307 -24.23 -8.52 -35.02
CA ARG B 307 -25.60 -8.12 -34.59
C ARG B 307 -25.66 -6.78 -33.82
N ASP B 308 -24.63 -5.98 -33.97
CA ASP B 308 -24.53 -4.70 -33.28
C ASP B 308 -25.64 -3.75 -33.77
N PRO B 309 -26.63 -3.45 -32.90
CA PRO B 309 -27.81 -2.69 -33.29
C PRO B 309 -27.56 -1.22 -33.51
N LEU B 310 -26.45 -0.72 -33.02
CA LEU B 310 -26.05 0.66 -33.27
C LEU B 310 -25.35 0.91 -34.60
N MSE B 311 -24.68 -0.11 -35.12
CA MSE B 311 -23.91 0.01 -36.39
C MSE B 311 -24.58 -0.70 -37.54
O MSE B 311 -24.78 -0.13 -38.61
CB MSE B 311 -22.48 -0.57 -36.19
CG MSE B 311 -21.74 -0.02 -34.97
SE MSE B 311 -21.47 1.94 -35.05
CE MSE B 311 -21.74 2.52 -33.17
N CYS B 312 -24.88 -1.98 -37.33
CA CYS B 312 -25.27 -2.90 -38.40
C CYS B 312 -26.65 -2.66 -38.94
N GLY B 313 -26.77 -2.90 -40.24
CA GLY B 313 -28.06 -2.83 -40.95
C GLY B 313 -27.85 -2.47 -42.44
N ASP B 314 -28.86 -2.76 -43.23
CA ASP B 314 -28.89 -2.39 -44.65
C ASP B 314 -28.68 -0.88 -44.89
N GLY B 315 -27.59 -0.52 -45.58
CA GLY B 315 -27.28 0.90 -45.86
C GLY B 315 -26.48 1.60 -44.76
N TYR B 316 -26.14 0.85 -43.73
CA TYR B 316 -25.32 1.38 -42.65
C TYR B 316 -24.03 0.59 -42.60
N GLU B 317 -23.55 0.25 -41.41
CA GLU B 317 -22.35 -0.56 -41.30
C GLU B 317 -22.61 -1.95 -41.85
N ASP B 318 -21.70 -2.42 -42.67
CA ASP B 318 -21.86 -3.67 -43.44
C ASP B 318 -21.35 -4.86 -42.61
N CYS B 319 -22.29 -5.56 -42.00
CA CYS B 319 -21.96 -6.69 -41.11
C CYS B 319 -22.22 -8.04 -41.78
N SER B 320 -22.36 -8.02 -43.11
CA SER B 320 -22.66 -9.25 -43.89
C SER B 320 -21.50 -10.25 -43.90
N SER B 321 -20.28 -9.75 -43.81
CA SER B 321 -19.07 -10.60 -43.71
C SER B 321 -17.88 -9.77 -43.25
N GLN B 322 -16.89 -10.45 -42.71
CA GLN B 322 -15.65 -9.78 -42.27
C GLN B 322 -14.98 -9.04 -43.46
N ALA B 323 -14.99 -9.68 -44.62
CA ALA B 323 -14.40 -9.08 -45.83
C ALA B 323 -15.15 -7.83 -46.24
N ALA B 324 -16.47 -7.90 -46.20
CA ALA B 324 -17.31 -6.77 -46.63
C ALA B 324 -17.12 -5.57 -45.68
N LEU B 325 -17.00 -5.89 -44.39
CA LEU B 325 -16.75 -4.89 -43.35
C LEU B 325 -15.39 -4.19 -43.56
N ARG B 326 -14.37 -4.98 -43.80
CA ARG B 326 -13.02 -4.45 -44.12
C ARG B 326 -13.07 -3.52 -45.35
N ALA B 327 -13.77 -3.98 -46.38
CA ALA B 327 -13.86 -3.20 -47.64
C ALA B 327 -14.51 -1.84 -47.42
N GLN B 328 -15.45 -1.81 -46.52
CA GLN B 328 -16.19 -0.57 -46.20
C GLN B 328 -15.42 0.40 -45.31
N GLU B 329 -14.67 -0.13 -44.37
CA GLU B 329 -13.92 0.69 -43.39
C GLU B 329 -12.52 1.08 -43.86
N ALA B 330 -11.93 0.26 -44.70
CA ALA B 330 -10.53 0.48 -45.18
C ALA B 330 -10.24 1.90 -45.68
N PRO B 331 -11.11 2.46 -46.55
CA PRO B 331 -10.93 3.88 -46.97
C PRO B 331 -10.71 4.91 -45.86
N PHE B 332 -11.10 4.57 -44.63
CA PHE B 332 -11.01 5.49 -43.47
C PHE B 332 -9.73 5.35 -42.65
N TRP B 333 -8.88 4.42 -43.02
CA TRP B 333 -7.64 4.09 -42.23
C TRP B 333 -6.40 4.04 -43.11
N THR B 334 -6.27 5.04 -43.95
CA THR B 334 -5.31 5.02 -45.05
C THR B 334 -3.85 5.27 -44.64
N SER B 335 -3.65 5.95 -43.53
CA SER B 335 -2.27 6.12 -42.96
C SER B 335 -1.78 4.94 -42.09
N ALA B 336 -2.63 3.97 -41.86
CA ALA B 336 -2.30 2.88 -40.91
C ALA B 336 -1.42 1.88 -41.60
N PRO B 337 -0.26 1.55 -41.02
CA PRO B 337 0.64 0.57 -41.69
C PRO B 337 0.02 -0.82 -41.77
N SER B 338 -0.92 -1.07 -40.88
CA SER B 338 -1.74 -2.27 -40.99
C SER B 338 -3.15 -2.04 -40.46
N PHE B 339 -4.09 -2.78 -41.02
CA PHE B 339 -5.49 -2.66 -40.64
C PHE B 339 -6.08 -4.02 -40.52
N ASP B 340 -6.26 -4.46 -39.29
CA ASP B 340 -6.87 -5.76 -39.03
C ASP B 340 -8.30 -5.61 -38.63
N VAL B 341 -9.10 -6.62 -38.98
CA VAL B 341 -10.55 -6.55 -38.79
C VAL B 341 -11.03 -7.86 -38.21
N ILE B 342 -11.83 -7.79 -37.15
CA ILE B 342 -12.58 -8.98 -36.68
C ILE B 342 -14.11 -8.73 -36.55
N LEU B 343 -14.88 -9.59 -37.20
CA LEU B 343 -16.33 -9.53 -37.15
C LEU B 343 -16.76 -10.68 -36.27
N VAL B 344 -17.33 -10.34 -35.11
CA VAL B 344 -17.69 -11.35 -34.11
C VAL B 344 -19.13 -11.83 -34.35
N GLU B 345 -19.27 -13.13 -34.48
CA GLU B 345 -20.55 -13.73 -34.89
C GLU B 345 -21.53 -13.76 -33.75
N ASP B 346 -22.77 -13.45 -34.06
CA ASP B 346 -23.90 -13.45 -33.11
C ASP B 346 -23.71 -12.50 -31.89
N ALA B 347 -23.03 -11.39 -32.12
CA ALA B 347 -22.62 -10.45 -31.03
C ALA B 347 -23.14 -9.07 -31.28
N GLY B 348 -23.73 -8.51 -30.24
CA GLY B 348 -24.19 -7.16 -30.28
C GLY B 348 -23.04 -6.18 -30.05
N HIS B 349 -23.38 -5.05 -29.47
CA HIS B 349 -22.46 -3.96 -29.26
C HIS B 349 -21.31 -4.34 -28.29
N GLY B 350 -21.66 -5.01 -27.20
CA GLY B 350 -20.69 -5.31 -26.12
C GLY B 350 -19.84 -6.56 -26.31
N LEU B 351 -18.70 -6.43 -27.00
CA LEU B 351 -17.91 -7.61 -27.45
C LEU B 351 -17.27 -8.32 -26.31
N ASN B 352 -16.92 -7.57 -25.26
CA ASN B 352 -16.38 -8.17 -24.06
C ASN B 352 -17.35 -9.11 -23.30
N LEU B 353 -18.65 -8.96 -23.54
CA LEU B 353 -19.69 -9.56 -22.67
C LEU B 353 -20.45 -10.75 -23.27
N VAL B 354 -20.16 -11.04 -24.52
CA VAL B 354 -20.90 -12.06 -25.28
C VAL B 354 -20.34 -13.47 -24.99
N PRO B 355 -21.17 -14.52 -25.18
CA PRO B 355 -20.72 -15.89 -24.90
C PRO B 355 -19.51 -16.32 -25.69
N ASN B 356 -19.42 -15.88 -26.94
CA ASN B 356 -18.23 -16.20 -27.79
C ASN B 356 -17.16 -15.09 -27.79
N THR B 357 -17.01 -14.44 -26.67
CA THR B 357 -16.02 -13.35 -26.53
C THR B 357 -14.53 -13.81 -26.69
N ARG B 358 -14.26 -15.08 -26.42
CA ARG B 358 -12.88 -15.60 -26.46
C ARG B 358 -12.26 -15.50 -27.86
N VAL B 359 -13.08 -15.67 -28.86
CA VAL B 359 -12.65 -15.58 -30.28
C VAL B 359 -12.02 -14.22 -30.52
N TYR B 360 -12.63 -13.23 -29.90
CA TYR B 360 -12.28 -11.83 -30.05
C TYR B 360 -11.05 -11.47 -29.19
N GLN B 361 -11.04 -12.03 -28.00
CA GLN B 361 -9.90 -11.92 -27.09
C GLN B 361 -8.64 -12.48 -27.73
N ASP B 362 -8.80 -13.66 -28.31
CA ASP B 362 -7.68 -14.38 -28.94
C ASP B 362 -7.16 -13.62 -30.11
N ALA B 363 -8.07 -13.10 -30.92
CA ALA B 363 -7.65 -12.35 -32.11
C ALA B 363 -6.93 -11.06 -31.70
N SER B 364 -7.41 -10.44 -30.63
CA SER B 364 -6.78 -9.22 -30.10
C SER B 364 -5.39 -9.47 -29.52
N ARG B 365 -5.25 -10.56 -28.81
CA ARG B 365 -3.97 -10.95 -28.23
C ARG B 365 -2.97 -11.24 -29.32
N ASP B 366 -3.39 -12.03 -30.31
CA ASP B 366 -2.53 -12.40 -31.46
C ASP B 366 -2.05 -11.19 -32.20
N TRP B 367 -2.95 -10.24 -32.37
CA TRP B 367 -2.63 -8.95 -32.98
C TRP B 367 -1.58 -8.15 -32.18
N LEU B 368 -1.83 -8.00 -30.90
CA LEU B 368 -0.83 -7.35 -30.01
C LEU B 368 0.52 -8.00 -30.13
N ASP B 369 0.54 -9.33 -30.06
CA ASP B 369 1.80 -10.08 -30.08
C ASP B 369 2.52 -9.78 -31.41
N ARG B 370 1.75 -9.69 -32.48
CA ARG B 370 2.29 -9.47 -33.81
C ARG B 370 2.84 -8.06 -34.05
N VAL B 371 2.27 -7.10 -33.38
CA VAL B 371 2.38 -5.70 -33.77
C VAL B 371 3.17 -4.83 -32.73
N VAL B 372 3.15 -5.23 -31.48
CA VAL B 372 3.98 -4.59 -30.41
C VAL B 372 4.75 -5.55 -29.57
N GLY B 373 4.14 -6.67 -29.20
CA GLY B 373 4.73 -7.55 -28.19
C GLY B 373 4.67 -6.93 -26.81
N HIS B 374 5.05 -7.68 -25.80
CA HIS B 374 4.89 -7.22 -24.38
C HIS B 374 6.19 -6.79 -23.72
N GLY B 375 7.28 -6.76 -24.51
CA GLY B 375 8.63 -6.61 -23.96
C GLY B 375 9.15 -7.92 -23.35
N SER C 61 3.71 4.20 31.02
CA SER C 61 4.05 3.72 29.65
C SER C 61 5.20 4.57 29.02
N ALA C 62 5.46 5.80 29.52
CA ALA C 62 6.73 6.53 29.18
C ALA C 62 7.59 6.91 30.39
N ILE C 63 8.89 7.04 30.14
CA ILE C 63 9.88 7.41 31.18
C ILE C 63 10.33 8.85 31.00
N CYS C 64 10.08 9.65 32.03
CA CYS C 64 10.15 11.11 31.96
C CYS C 64 10.99 11.70 33.09
N ARG C 65 11.69 12.77 32.77
CA ARG C 65 12.47 13.51 33.76
C ARG C 65 12.52 14.95 33.40
N ALA C 66 12.13 15.78 34.34
CA ALA C 66 12.24 17.23 34.20
C ALA C 66 13.66 17.72 34.53
N THR C 67 14.08 18.78 33.86
CA THR C 67 15.35 19.50 34.17
C THR C 67 15.22 20.97 33.92
N THR C 68 16.25 21.70 34.30
CA THR C 68 16.43 23.07 33.87
C THR C 68 17.66 23.16 32.99
N VAL C 69 17.59 24.03 32.00
CA VAL C 69 18.73 24.33 31.10
C VAL C 69 19.17 25.76 31.26
N GLU C 70 20.45 25.96 31.49
CA GLU C 70 21.03 27.30 31.49
C GLU C 70 21.05 27.81 30.04
N VAL C 71 20.47 28.98 29.83
CA VAL C 71 20.34 29.57 28.47
C VAL C 71 20.70 31.06 28.48
N THR C 72 21.20 31.57 27.37
CA THR C 72 21.68 32.97 27.32
C THR C 72 20.55 33.95 27.45
N LEU C 73 20.74 34.89 28.36
CA LEU C 73 19.72 35.86 28.79
C LEU C 73 20.42 37.15 29.14
N GLY C 74 20.33 38.10 28.23
CA GLY C 74 20.93 39.40 28.47
C GLY C 74 22.41 39.29 28.73
N LYS C 75 22.89 39.97 29.78
CA LYS C 75 24.34 39.93 30.14
C LYS C 75 24.75 38.55 30.55
N GLY C 76 23.91 37.91 31.35
CA GLY C 76 24.20 36.59 31.89
C GLY C 76 23.38 35.46 31.26
N THR C 77 22.82 34.63 32.12
CA THR C 77 22.00 33.51 31.70
C THR C 77 20.69 33.40 32.53
N GLY C 78 19.73 32.67 31.97
CA GLY C 78 18.53 32.28 32.71
C GLY C 78 18.26 30.78 32.63
N LYS C 79 17.30 30.35 33.42
CA LYS C 79 16.94 28.91 33.53
C LYS C 79 15.65 28.60 32.77
N MSE C 80 15.74 27.63 31.88
CA MSE C 80 14.60 27.14 31.09
C MSE C 80 14.22 25.77 31.53
O MSE C 80 15.02 24.84 31.45
CB MSE C 80 14.93 27.06 29.62
CG MSE C 80 13.62 26.96 28.84
SE MSE C 80 13.88 26.76 26.90
CE MSE C 80 14.55 28.57 26.52
N TRP C 81 13.01 25.62 32.03
CA TRP C 81 12.51 24.33 32.44
C TRP C 81 12.08 23.51 31.23
N GLY C 82 12.37 22.23 31.30
CA GLY C 82 11.98 21.29 30.24
C GLY C 82 11.80 19.87 30.76
N GLU C 83 11.04 19.08 30.04
CA GLU C 83 10.84 17.67 30.40
C GLU C 83 11.19 16.75 29.21
N LEU C 84 12.07 15.81 29.48
CA LEU C 84 12.52 14.84 28.49
C LEU C 84 11.86 13.54 28.78
N CYS C 85 11.21 12.98 27.77
CA CYS C 85 10.52 11.69 27.89
C CYS C 85 10.91 10.78 26.75
N ARG C 86 11.13 9.51 27.08
CA ARG C 86 11.36 8.45 26.08
C ARG C 86 10.29 7.41 26.19
N PRO C 87 10.05 6.67 25.10
CA PRO C 87 9.23 5.47 25.27
C PRO C 87 9.94 4.50 26.19
N ALA C 88 9.16 3.80 27.00
CA ALA C 88 9.71 2.85 27.98
C ALA C 88 10.43 1.70 27.28
N GLY C 89 11.59 1.36 27.80
CA GLY C 89 12.42 0.28 27.25
C GLY C 89 13.04 0.55 25.89
N SER C 90 13.21 1.82 25.58
CA SER C 90 13.71 2.25 24.25
C SER C 90 14.60 3.43 24.38
N SER C 91 15.46 3.62 23.39
CA SER C 91 16.29 4.80 23.32
C SER C 91 16.31 5.39 21.91
N PRO C 92 15.33 6.27 21.59
CA PRO C 92 15.23 6.79 20.23
C PRO C 92 16.39 7.67 19.87
N ASP C 93 16.69 7.73 18.58
CA ASP C 93 17.73 8.61 18.06
C ASP C 93 17.14 9.96 17.64
N THR C 94 15.83 9.99 17.46
CA THR C 94 15.12 11.24 17.18
C THR C 94 14.40 11.77 18.42
N VAL C 95 14.61 13.05 18.68
CA VAL C 95 13.87 13.78 19.69
C VAL C 95 13.10 14.92 19.04
N VAL C 96 11.86 15.09 19.47
CA VAL C 96 11.00 16.17 19.02
C VAL C 96 10.87 17.20 20.13
N THR C 97 11.40 18.38 19.87
CA THR C 97 11.33 19.51 20.81
C THR C 97 10.16 20.45 20.48
N MSE C 98 9.38 20.76 21.50
CA MSE C 98 8.09 21.47 21.31
C MSE C 98 8.00 22.76 22.03
O MSE C 98 8.25 22.86 23.24
CB MSE C 98 6.93 20.60 21.75
CG MSE C 98 6.95 19.32 20.93
SE MSE C 98 5.86 17.89 21.74
CE MSE C 98 4.62 18.17 20.33
N VAL C 99 7.63 23.79 21.28
CA VAL C 99 7.68 25.18 21.76
C VAL C 99 6.30 25.76 21.74
N HIS C 100 5.81 26.10 22.92
CA HIS C 100 4.42 26.57 23.07
C HIS C 100 4.29 28.02 22.61
N GLY C 101 3.05 28.44 22.49
CA GLY C 101 2.73 29.81 22.11
C GLY C 101 2.42 30.75 23.26
N ALA C 102 2.00 31.95 22.88
CA ALA C 102 1.75 33.04 23.83
C ALA C 102 0.51 32.79 24.73
N THR C 103 0.73 32.95 26.03
CA THR C 103 -0.27 32.69 27.10
C THR C 103 -0.48 31.20 27.35
N TYR C 104 0.41 30.40 26.78
CA TYR C 104 0.53 28.99 27.12
C TYR C 104 1.88 28.70 27.82
N ASN C 105 2.01 27.48 28.29
CA ASN C 105 3.31 26.94 28.66
C ASN C 105 3.42 25.52 28.12
N HIS C 106 4.28 24.70 28.71
CA HIS C 106 4.45 23.30 28.25
C HIS C 106 3.16 22.46 28.22
N ASN C 107 2.19 22.82 29.06
CA ASN C 107 0.89 22.08 29.11
C ASN C 107 0.19 21.95 27.78
N TYR C 108 0.34 22.96 26.93
CA TYR C 108 -0.24 22.92 25.58
C TYR C 108 0.18 21.65 24.80
N TRP C 109 1.46 21.34 24.88
CA TRP C 109 2.03 20.20 24.12
C TRP C 109 1.98 18.88 24.90
N ASP C 110 1.67 18.94 26.19
CA ASP C 110 1.47 17.73 27.02
C ASP C 110 0.30 17.90 27.96
N PHE C 111 -0.86 17.88 27.39
CA PHE C 111 -2.07 18.35 28.07
C PHE C 111 -2.50 17.34 29.13
N PRO C 112 -2.79 17.80 30.36
CA PRO C 112 -3.05 16.89 31.45
C PRO C 112 -4.52 16.42 31.59
N TYR C 113 -5.42 16.89 30.74
CA TYR C 113 -6.82 16.35 30.70
C TYR C 113 -6.99 15.40 29.57
N GLN C 114 -7.44 14.20 29.89
CA GLN C 114 -7.59 13.12 28.91
C GLN C 114 -6.38 13.00 28.00
N PRO C 115 -5.20 12.74 28.59
CA PRO C 115 -3.96 12.80 27.81
C PRO C 115 -3.89 11.81 26.69
N ASP C 116 -4.52 10.66 26.86
CA ASP C 116 -4.54 9.63 25.78
C ASP C 116 -5.20 10.15 24.54
N LYS C 117 -5.99 11.20 24.69
CA LYS C 117 -6.55 11.93 23.56
C LYS C 117 -5.76 13.20 23.21
N TYR C 118 -5.49 14.04 24.20
CA TYR C 118 -5.06 15.45 23.94
C TYR C 118 -3.56 15.72 24.06
N SER C 119 -2.82 14.77 24.59
CA SER C 119 -1.39 14.97 24.81
C SER C 119 -0.58 14.58 23.60
N PHE C 120 -0.12 15.59 22.87
CA PHE C 120 0.67 15.38 21.66
C PHE C 120 2.00 14.66 22.01
N ARG C 121 2.62 15.12 23.08
CA ARG C 121 3.83 14.51 23.64
C ARG C 121 3.65 13.00 23.82
N LYS C 122 2.58 12.64 24.52
CA LYS C 122 2.26 11.21 24.78
C LYS C 122 2.07 10.40 23.49
N MSE C 123 1.38 10.97 22.53
CA MSE C 123 1.18 10.36 21.23
C MSE C 123 2.54 10.08 20.58
O MSE C 123 2.75 9.01 20.00
CB MSE C 123 0.28 11.27 20.41
CG MSE C 123 -0.04 10.73 19.05
SE MSE C 123 1.42 11.13 17.76
CE MSE C 123 1.40 13.14 17.64
N LEU C 124 3.45 11.03 20.68
CA LEU C 124 4.81 10.89 20.05
C LEU C 124 5.65 9.80 20.67
N ASN C 125 5.66 9.75 22.00
CA ASN C 125 6.32 8.66 22.71
C ASN C 125 5.75 7.31 22.30
N GLY C 126 4.44 7.23 22.23
CA GLY C 126 3.74 6.00 21.79
C GLY C 126 4.08 5.60 20.37
N ALA C 127 4.41 6.59 19.54
CA ALA C 127 4.91 6.37 18.17
C ALA C 127 6.43 6.10 18.12
N GLY C 128 7.06 6.03 19.28
CA GLY C 128 8.53 5.70 19.39
C GLY C 128 9.52 6.87 19.38
N TYR C 129 9.00 8.09 19.40
CA TYR C 129 9.87 9.27 19.42
C TYR C 129 10.15 9.73 20.85
N ALA C 130 11.33 10.28 21.04
CA ALA C 130 11.64 11.02 22.26
C ALA C 130 11.04 12.39 22.15
N THR C 131 10.81 13.04 23.29
CA THR C 131 10.15 14.33 23.30
C THR C 131 10.80 15.23 24.31
N PHE C 132 10.85 16.52 24.00
CA PHE C 132 11.30 17.51 24.96
C PHE C 132 10.40 18.72 24.91
N VAL C 133 9.58 18.88 25.93
CA VAL C 133 8.68 20.04 26.03
C VAL C 133 9.25 21.07 26.99
N VAL C 134 9.14 22.33 26.63
CA VAL C 134 9.75 23.41 27.42
C VAL C 134 8.70 24.39 27.92
N ASP C 135 9.02 25.02 29.04
CA ASP C 135 8.42 26.29 29.42
C ASP C 135 9.37 27.35 28.92
N ARG C 136 8.90 28.15 27.99
CA ARG C 136 9.61 29.38 27.60
C ARG C 136 9.87 30.30 28.80
N LEU C 137 10.95 31.06 28.73
CA LEU C 137 11.22 32.01 29.78
C LEU C 137 10.06 33.01 29.85
N GLY C 138 9.73 33.39 31.07
CA GLY C 138 8.56 34.23 31.33
C GLY C 138 7.37 33.41 31.78
N THR C 139 7.48 32.09 31.63
CA THR C 139 6.36 31.20 31.88
C THR C 139 6.75 30.02 32.73
N GLY C 140 5.74 29.42 33.33
CA GLY C 140 5.80 28.09 33.87
C GLY C 140 6.78 28.02 35.00
N ASN C 141 7.65 27.03 34.94
CA ASN C 141 8.75 26.89 35.94
C ASN C 141 10.07 27.46 35.50
N SER C 142 10.05 28.30 34.49
CA SER C 142 11.28 28.91 34.01
C SER C 142 11.50 30.23 34.72
N THR C 143 12.67 30.79 34.49
CA THR C 143 12.99 32.15 34.94
C THR C 143 11.98 33.12 34.37
N VAL C 144 11.54 34.05 35.20
CA VAL C 144 10.64 35.15 34.75
C VAL C 144 11.40 36.47 34.83
N PRO C 145 12.02 36.90 33.72
CA PRO C 145 12.87 38.07 33.77
C PRO C 145 12.08 39.32 33.50
N PRO C 146 12.73 40.49 33.61
CA PRO C 146 12.09 41.66 33.05
C PRO C 146 11.77 41.43 31.58
N SER C 147 10.65 41.95 31.13
CA SER C 147 10.14 41.69 29.77
C SER C 147 11.02 42.32 28.66
N SER C 148 11.72 43.37 29.02
CA SER C 148 12.63 44.07 28.08
C SER C 148 13.77 43.16 27.59
N GLU C 149 14.13 42.17 28.41
CA GLU C 149 15.24 41.22 28.12
C GLU C 149 14.82 40.10 27.19
N LEU C 150 13.50 39.98 26.95
CA LEU C 150 12.94 38.92 26.06
C LEU C 150 12.44 39.46 24.74
N ASN C 151 12.83 38.81 23.68
CA ASN C 151 12.23 38.95 22.35
C ASN C 151 12.46 37.66 21.52
N LEU C 152 11.85 37.60 20.35
CA LEU C 152 11.82 36.35 19.55
C LEU C 152 13.22 35.87 19.18
N THR C 153 14.07 36.81 18.78
CA THR C 153 15.48 36.52 18.45
C THR C 153 16.26 35.93 19.65
N VAL C 154 16.18 36.62 20.77
CA VAL C 154 16.74 36.12 22.03
C VAL C 154 16.23 34.71 22.33
N GLU C 155 14.92 34.50 22.18
CA GLU C 155 14.29 33.20 22.49
C GLU C 155 14.69 32.10 21.51
N ALA C 156 14.86 32.48 20.25
CA ALA C 156 15.36 31.54 19.20
C ALA C 156 16.77 31.04 19.50
N ARG C 157 17.61 31.95 19.99
CA ARG C 157 18.97 31.58 20.40
C ARG C 157 18.96 30.64 21.60
N GLN C 158 18.00 30.85 22.47
CA GLN C 158 17.80 29.96 23.65
C GLN C 158 17.40 28.55 23.21
N MSE C 159 16.50 28.46 22.23
CA MSE C 159 16.13 27.15 21.61
C MSE C 159 17.28 26.47 20.91
O MSE C 159 17.44 25.26 20.99
CB MSE C 159 14.99 27.29 20.61
CG MSE C 159 13.70 27.69 21.30
SE MSE C 159 13.25 26.59 22.92
CE MSE C 159 12.65 28.15 23.96
N HIS C 160 18.09 27.27 20.22
CA HIS C 160 19.33 26.77 19.60
C HIS C 160 20.24 26.07 20.65
N GLU C 161 20.32 26.65 21.82
CA GLU C 161 21.13 26.12 22.91
C GLU C 161 20.55 24.83 23.47
N VAL C 162 19.23 24.76 23.46
CA VAL C 162 18.50 23.49 23.80
C VAL C 162 18.77 22.36 22.76
N VAL C 163 18.63 22.69 21.49
CA VAL C 163 18.92 21.76 20.37
C VAL C 163 20.35 21.17 20.51
N GLN C 164 21.34 22.07 20.66
CA GLN C 164 22.75 21.63 20.90
C GLN C 164 22.87 20.74 22.14
N GLY C 165 22.21 21.16 23.19
CA GLY C 165 22.20 20.38 24.45
C GLY C 165 21.71 18.97 24.22
N LEU C 166 20.62 18.86 23.49
CA LEU C 166 20.07 17.55 23.07
C LEU C 166 20.99 16.72 22.14
N ARG C 167 21.58 17.37 21.14
CA ARG C 167 22.47 16.67 20.18
C ARG C 167 23.72 16.09 20.92
N THR C 168 24.33 16.90 21.76
CA THR C 168 25.56 16.49 22.50
C THR C 168 25.32 15.51 23.64
N GLY C 169 24.10 15.48 24.14
CA GLY C 169 23.78 14.64 25.34
C GLY C 169 23.89 15.39 26.67
N ARG C 170 24.24 16.64 26.60
CA ARG C 170 24.23 17.52 27.80
C ARG C 170 22.88 17.57 28.47
N ILE C 171 21.84 17.58 27.65
CA ILE C 171 20.49 17.31 28.09
C ILE C 171 20.20 15.87 27.76
N GLY C 172 20.00 15.07 28.79
CA GLY C 172 19.48 13.70 28.62
C GLY C 172 20.50 12.57 28.50
N GLY C 173 21.78 12.90 28.41
CA GLY C 173 22.86 11.90 28.53
C GLY C 173 23.18 11.06 27.28
N THR C 174 22.16 10.65 26.55
CA THR C 174 22.36 9.76 25.34
C THR C 174 22.87 10.49 24.12
N GLY C 175 22.47 11.73 23.97
CA GLY C 175 22.75 12.47 22.74
C GLY C 175 21.76 11.98 21.69
N PHE C 176 21.32 12.88 20.83
CA PHE C 176 20.28 12.56 19.82
C PHE C 176 20.82 12.88 18.43
N GLY C 177 20.66 11.93 17.54
CA GLY C 177 21.17 12.07 16.17
C GLY C 177 20.30 12.96 15.32
N LYS C 178 19.01 12.91 15.58
CA LYS C 178 18.05 13.82 14.91
C LYS C 178 17.21 14.65 15.90
N VAL C 179 17.00 15.90 15.53
CA VAL C 179 16.20 16.83 16.34
C VAL C 179 15.19 17.53 15.50
N VAL C 180 13.93 17.33 15.86
CA VAL C 180 12.80 18.02 15.20
C VAL C 180 12.28 19.10 16.10
N LEU C 181 12.05 20.24 15.52
CA LEU C 181 11.59 21.39 16.28
C LEU C 181 10.17 21.72 15.90
N ALA C 182 9.31 21.78 16.89
CA ALA C 182 7.85 21.93 16.67
C ALA C 182 7.34 23.15 17.40
N GLY C 183 6.50 23.91 16.73
CA GLY C 183 5.98 25.17 17.31
C GLY C 183 4.49 25.37 17.19
N TYR C 184 4.00 26.35 17.95
CA TYR C 184 2.57 26.71 18.01
C TYR C 184 2.41 28.22 18.24
N SER C 185 1.57 28.90 17.45
CA SER C 185 1.29 30.41 17.61
C SER C 185 2.70 31.04 17.48
N LEU C 186 3.08 31.89 18.39
CA LEU C 186 4.42 32.51 18.37
C LEU C 186 5.55 31.54 18.66
N GLY C 187 5.21 30.39 19.18
CA GLY C 187 6.18 29.29 19.31
C GLY C 187 6.75 28.88 17.95
N SER C 188 5.90 28.98 16.93
CA SER C 188 6.29 28.68 15.56
C SER C 188 7.20 29.73 14.93
N ALA C 189 7.03 30.96 15.35
CA ALA C 189 7.92 32.06 14.92
C ALA C 189 9.31 31.89 15.50
N VAL C 190 9.36 31.53 16.77
CA VAL C 190 10.64 31.18 17.45
C VAL C 190 11.31 30.03 16.69
N THR C 191 10.52 29.03 16.41
CA THR C 191 10.97 27.84 15.74
C THR C 191 11.54 28.17 14.35
N SER C 192 10.83 29.01 13.64
CA SER C 192 11.24 29.42 12.27
C SER C 192 12.50 30.24 12.29
N ILE C 193 12.56 31.21 13.18
CA ILE C 193 13.80 32.00 13.36
C ILE C 193 15.01 31.11 13.70
N GLU C 194 14.79 30.18 14.62
CA GLU C 194 15.85 29.25 15.07
C GLU C 194 16.41 28.47 13.88
N ALA C 195 15.52 27.83 13.17
CA ALA C 195 15.90 26.98 12.04
C ALA C 195 16.56 27.81 10.94
N SER C 196 16.00 28.98 10.73
CA SER C 196 16.45 29.90 9.69
C SER C 196 17.85 30.44 10.01
N THR C 197 18.09 30.72 11.26
CA THR C 197 19.37 31.28 11.71
C THR C 197 20.47 30.22 11.83
N PHE C 198 20.17 29.14 12.54
CA PHE C 198 21.21 28.18 12.98
C PHE C 198 21.30 26.90 12.15
N HIS C 199 20.26 26.59 11.40
CA HIS C 199 20.25 25.38 10.52
C HIS C 199 20.71 24.09 11.22
N ASP C 200 20.31 23.91 12.47
CA ASP C 200 20.75 22.73 13.27
C ASP C 200 19.60 21.82 13.69
N VAL C 201 18.54 21.82 12.88
CA VAL C 201 17.42 20.90 13.04
C VAL C 201 17.08 20.18 11.74
N ASP C 202 16.58 18.96 11.90
CA ASP C 202 16.41 18.01 10.80
C ASP C 202 15.05 18.16 10.16
N ALA C 203 14.15 18.83 10.86
CA ALA C 203 12.80 19.11 10.37
C ALA C 203 12.08 20.06 11.28
N VAL C 204 11.02 20.62 10.78
CA VAL C 204 10.34 21.72 11.39
C VAL C 204 8.80 21.55 11.28
N LEU C 205 8.13 21.63 12.44
CA LEU C 205 6.65 21.53 12.51
C LEU C 205 6.08 22.89 12.91
N ILE C 206 5.35 23.48 11.99
CA ILE C 206 4.80 24.83 12.17
C ILE C 206 3.31 24.73 12.38
N THR C 207 2.83 25.16 13.53
CA THR C 207 1.36 25.09 13.81
C THR C 207 0.82 26.42 14.19
N ALA C 208 -0.35 26.72 13.67
CA ALA C 208 -1.15 27.89 14.08
C ALA C 208 -0.43 29.20 13.83
N LEU C 209 0.30 29.26 12.75
CA LEU C 209 0.99 30.50 12.39
C LEU C 209 1.16 30.57 10.91
N GLY C 210 0.51 31.51 10.32
CA GLY C 210 0.62 31.75 8.89
C GLY C 210 1.17 33.13 8.61
N HIS C 211 1.43 33.39 7.35
CA HIS C 211 2.05 34.66 6.94
C HIS C 211 1.06 35.80 6.74
N TYR C 212 -0.21 35.44 6.63
CA TYR C 212 -1.33 36.43 6.68
C TYR C 212 -2.10 36.23 7.95
N ASN C 213 -2.44 37.31 8.62
CA ASN C 213 -3.22 37.21 9.84
C ASN C 213 -4.44 38.11 9.80
N ASN C 214 -5.40 37.76 10.61
CA ASN C 214 -6.67 38.46 10.67
C ASN C 214 -6.61 39.53 11.76
N PRO C 215 -6.54 40.81 11.37
CA PRO C 215 -6.40 41.89 12.38
C PRO C 215 -7.54 41.97 13.39
N ALA C 216 -8.73 41.58 12.96
CA ALA C 216 -9.93 41.61 13.86
C ALA C 216 -9.81 40.55 14.96
N GLY C 217 -9.19 39.45 14.59
CA GLY C 217 -8.88 38.40 15.53
C GLY C 217 -7.80 38.83 16.49
N THR C 218 -6.77 39.46 15.96
CA THR C 218 -5.67 40.04 16.77
C THR C 218 -6.23 41.05 17.77
N GLN C 219 -7.07 41.92 17.28
CA GLN C 219 -7.65 42.99 18.09
C GLN C 219 -8.52 42.41 19.20
N ALA C 220 -9.20 41.34 18.87
CA ALA C 220 -10.09 40.68 19.83
C ALA C 220 -9.29 40.14 21.05
N ILE C 221 -8.06 39.66 20.81
CA ILE C 221 -7.18 39.22 21.94
C ILE C 221 -6.79 40.42 22.80
N ILE C 222 -6.42 41.50 22.14
CA ILE C 222 -6.01 42.73 22.82
C ILE C 222 -7.13 43.26 23.72
N ASP C 223 -8.34 43.28 23.20
CA ASP C 223 -9.55 43.63 23.99
C ASP C 223 -9.72 42.73 25.23
N ASN C 224 -9.29 41.49 25.11
CA ASN C 224 -9.36 40.53 26.24
C ASN C 224 -8.05 40.29 26.98
N GLY C 225 -7.14 41.22 26.84
CA GLY C 225 -5.84 41.16 27.53
C GLY C 225 -5.84 41.86 28.87
N LEU C 226 -4.96 41.43 29.74
CA LEU C 226 -4.78 42.08 31.05
C LEU C 226 -3.45 41.61 31.67
N SER C 227 -3.01 42.30 32.70
CA SER C 227 -1.80 41.92 33.43
C SER C 227 -1.99 40.65 34.28
N PRO C 228 -0.97 39.76 34.29
CA PRO C 228 -1.05 38.58 35.14
C PRO C 228 -1.17 38.90 36.63
N ASN C 229 -0.87 40.14 36.99
CA ASN C 229 -1.06 40.61 38.41
C ASN C 229 -2.49 40.79 38.82
N ASP C 230 -3.38 40.91 37.85
CA ASP C 230 -4.83 41.03 38.12
C ASP C 230 -5.59 39.77 37.76
N ASP C 231 -4.86 38.72 37.48
CA ASP C 231 -5.47 37.45 37.01
C ASP C 231 -5.44 36.37 38.12
N PRO C 232 -6.57 35.69 38.36
CA PRO C 232 -6.63 34.81 39.54
C PRO C 232 -5.70 33.58 39.48
N VAL C 233 -5.40 33.13 38.27
CA VAL C 233 -4.52 31.96 38.09
C VAL C 233 -3.05 32.33 38.30
N LEU C 234 -2.67 33.53 37.92
CA LEU C 234 -1.26 33.94 37.87
C LEU C 234 -0.84 34.96 38.94
N LYS C 235 -1.82 35.64 39.55
CA LYS C 235 -1.57 36.81 40.51
C LYS C 235 -0.47 36.52 41.58
N ASP C 236 -0.47 35.29 42.12
CA ASP C 236 0.36 34.90 43.29
C ASP C 236 1.74 34.29 42.95
N ARG C 237 2.06 34.19 41.68
CA ARG C 237 3.33 33.55 41.25
C ARG C 237 4.49 34.48 41.28
N HIS C 238 4.28 35.67 40.74
CA HIS C 238 5.32 36.68 40.55
C HIS C 238 4.71 38.05 40.60
N HIS C 239 5.54 39.04 40.85
CA HIS C 239 5.16 40.40 40.53
C HIS C 239 5.67 40.67 39.12
N TYR C 240 4.77 40.59 38.17
CA TYR C 240 5.12 40.77 36.76
C TYR C 240 5.26 42.24 36.43
N ASP C 241 6.21 42.59 35.59
CA ASP C 241 6.31 43.95 35.12
C ASP C 241 5.27 44.24 34.02
N ASP C 242 5.27 45.48 33.57
CA ASP C 242 4.25 46.05 32.66
C ASP C 242 4.30 45.46 31.25
N GLY C 243 5.38 44.79 30.91
CA GLY C 243 5.50 44.15 29.58
C GLY C 243 4.85 42.77 29.43
N TYR C 244 4.29 42.25 30.54
CA TYR C 244 3.61 40.93 30.56
C TYR C 244 2.08 41.07 30.50
N ALA C 245 1.47 40.19 29.76
CA ALA C 245 0.00 40.09 29.70
C ALA C 245 -0.43 38.63 29.72
N THR C 246 -1.70 38.43 30.01
CA THR C 246 -2.36 37.15 29.78
C THR C 246 -3.78 37.44 29.33
N THR C 247 -4.59 36.39 29.19
CA THR C 247 -5.98 36.53 28.71
C THR C 247 -6.96 36.67 29.85
N LYS C 248 -8.07 37.37 29.61
CA LYS C 248 -9.19 37.47 30.59
C LYS C 248 -9.84 36.11 30.81
N PRO C 249 -10.14 35.78 32.07
CA PRO C 249 -10.85 34.52 32.35
C PRO C 249 -12.15 34.37 31.54
N GLY C 250 -12.32 33.21 30.92
CA GLY C 250 -13.48 32.94 30.09
C GLY C 250 -13.38 33.36 28.63
N SER C 251 -12.35 34.12 28.30
CA SER C 251 -12.21 34.70 26.92
C SER C 251 -11.58 33.73 25.88
N ARG C 252 -10.80 32.78 26.37
CA ARG C 252 -10.01 31.90 25.44
C ARG C 252 -10.91 31.13 24.47
N LYS C 253 -12.06 30.69 24.96
CA LYS C 253 -13.13 30.05 24.14
C LYS C 253 -13.36 30.78 22.81
N HIS C 254 -13.51 32.09 22.90
CA HIS C 254 -13.86 32.96 21.74
C HIS C 254 -12.62 33.34 20.95
N VAL C 255 -11.69 33.98 21.64
CA VAL C 255 -10.54 34.61 20.95
C VAL C 255 -9.55 33.64 20.36
N PHE C 256 -9.48 32.44 20.90
CA PHE C 256 -8.60 31.34 20.37
C PHE C 256 -9.40 30.22 19.64
N TYR C 257 -10.42 29.73 20.28
CA TYR C 257 -11.09 28.50 19.80
C TYR C 257 -12.32 28.77 18.97
N ALA C 258 -12.64 30.06 18.79
CA ALA C 258 -13.69 30.54 17.83
C ALA C 258 -15.08 30.00 18.15
N ASP C 259 -15.31 29.72 19.43
CA ASP C 259 -16.58 29.14 19.93
C ASP C 259 -17.00 27.85 19.20
N ARG C 260 -16.02 27.13 18.67
CA ARG C 260 -16.28 25.83 18.07
C ARG C 260 -16.42 24.79 19.16
N PRO C 261 -17.11 23.69 18.87
CA PRO C 261 -17.32 22.64 19.89
C PRO C 261 -16.01 22.18 20.55
N MSE C 262 -15.97 22.23 21.89
CA MSE C 262 -14.88 21.69 22.68
C MSE C 262 -15.32 21.08 23.91
O MSE C 262 -16.36 21.43 24.41
CB MSE C 262 -13.97 22.81 23.01
CG MSE C 262 -13.19 22.96 21.74
SE MSE C 262 -11.58 23.87 21.83
CE MSE C 262 -10.78 23.39 23.62
N ASP C 263 -14.55 20.16 24.43
CA ASP C 263 -14.88 19.51 25.67
C ASP C 263 -14.76 20.58 26.80
N PRO C 264 -15.83 20.76 27.60
CA PRO C 264 -15.73 21.70 28.75
C PRO C 264 -14.52 21.44 29.67
N GLY C 265 -14.19 20.17 29.87
CA GLY C 265 -13.01 19.78 30.64
C GLY C 265 -11.72 20.34 30.07
N VAL C 266 -11.63 20.35 28.75
CA VAL C 266 -10.49 20.95 28.02
C VAL C 266 -10.45 22.49 28.22
N LEU C 267 -11.61 23.13 28.08
CA LEU C 267 -11.68 24.62 28.29
C LEU C 267 -11.21 25.05 29.66
N ALA C 268 -11.68 24.35 30.66
CA ALA C 268 -11.34 24.63 32.06
C ALA C 268 -9.88 24.31 32.38
N THR C 269 -9.43 23.15 31.95
CA THR C 269 -8.00 22.78 32.11
C THR C 269 -7.07 23.80 31.40
N ASP C 270 -7.50 24.25 30.21
CA ASP C 270 -6.73 25.26 29.46
C ASP C 270 -6.68 26.57 30.20
N GLU C 271 -7.82 27.00 30.71
CA GLU C 271 -7.88 28.26 31.50
C GLU C 271 -7.04 28.13 32.79
N LEU C 272 -7.07 26.99 33.42
CA LEU C 272 -6.24 26.76 34.65
C LEU C 272 -4.73 26.58 34.41
N THR C 273 -4.35 26.26 33.19
CA THR C 273 -2.92 26.02 32.83
C THR C 273 -2.37 27.07 31.92
N LYS C 274 -3.08 28.16 31.80
CA LYS C 274 -2.64 29.29 30.99
C LYS C 274 -1.46 30.00 31.63
N ASP C 275 -0.91 30.96 30.93
CA ASP C 275 0.30 31.64 31.40
C ASP C 275 0.45 33.05 30.83
N ALA C 276 1.53 33.71 31.21
CA ALA C 276 1.85 35.07 30.78
C ALA C 276 2.65 35.08 29.49
N ASN C 277 2.53 36.16 28.74
CA ASN C 277 3.46 36.44 27.64
C ASN C 277 4.02 37.85 27.66
N VAL C 278 5.14 38.00 26.98
CA VAL C 278 5.70 39.27 26.67
C VAL C 278 5.07 39.79 25.36
N PHE C 279 4.05 40.62 25.51
CA PHE C 279 3.13 40.96 24.41
C PHE C 279 3.71 41.74 23.21
N THR C 280 4.77 42.51 23.41
CA THR C 280 5.45 43.19 22.27
C THR C 280 6.04 42.20 21.21
N GLU C 281 6.34 40.98 21.63
CA GLU C 281 6.79 39.90 20.69
C GLU C 281 5.79 39.69 19.51
N ALA C 282 4.50 39.80 19.82
CA ALA C 282 3.43 39.69 18.80
C ALA C 282 3.56 40.76 17.69
N ALA C 283 4.15 41.90 18.02
CA ALA C 283 4.30 43.02 17.04
C ALA C 283 5.61 42.94 16.23
N ASP C 284 6.43 41.94 16.52
CA ASP C 284 7.77 41.78 15.88
C ASP C 284 7.60 41.44 14.39
N PRO C 285 8.10 42.30 13.48
CA PRO C 285 7.97 42.00 12.03
C PRO C 285 8.58 40.66 11.61
N LEU C 286 9.49 40.14 12.42
CA LEU C 286 10.09 38.79 12.16
C LEU C 286 9.05 37.63 12.12
N VAL C 287 7.92 37.81 12.82
CA VAL C 287 6.82 36.79 12.86
C VAL C 287 6.31 36.41 11.46
N ILE C 288 6.20 37.41 10.60
CA ILE C 288 5.68 37.19 9.24
C ILE C 288 6.70 37.52 8.12
N ASP C 289 7.96 37.76 8.50
CA ASP C 289 9.01 38.14 7.50
C ASP C 289 9.34 36.92 6.60
N PRO C 290 9.17 37.07 5.27
CA PRO C 290 9.44 35.95 4.34
C PRO C 290 10.90 35.53 4.29
N ALA C 291 11.78 36.45 4.63
CA ALA C 291 13.23 36.13 4.72
C ALA C 291 13.50 34.98 5.71
N VAL C 292 12.73 34.95 6.79
CA VAL C 292 12.88 33.88 7.81
C VAL C 292 12.52 32.51 7.23
N SER C 293 11.29 32.39 6.75
CA SER C 293 10.76 31.08 6.28
C SER C 293 11.41 30.58 4.98
N ARG C 294 11.63 31.50 4.05
CA ARG C 294 12.24 31.17 2.72
C ARG C 294 13.67 30.59 2.86
N ALA C 295 14.35 30.94 3.94
CA ALA C 295 15.72 30.42 4.22
C ALA C 295 15.77 29.02 4.86
N ILE C 296 14.62 28.50 5.26
CA ILE C 296 14.57 27.17 5.92
C ILE C 296 14.68 26.03 4.90
N ASP C 297 15.69 25.19 5.11
CA ASP C 297 16.14 24.17 4.12
C ASP C 297 16.02 22.71 4.61
N VAL C 298 15.18 22.50 5.61
CA VAL C 298 14.76 21.12 5.98
C VAL C 298 13.26 20.94 5.72
N PRO C 299 12.78 19.69 5.80
CA PRO C 299 11.37 19.45 5.60
C PRO C 299 10.51 20.20 6.60
N VAL C 300 9.48 20.81 6.08
CA VAL C 300 8.53 21.57 6.88
C VAL C 300 7.11 21.01 6.77
N MSE C 301 6.47 20.88 7.90
CA MSE C 301 5.04 20.68 7.93
C MSE C 301 4.37 21.90 8.47
O MSE C 301 4.79 22.46 9.44
CB MSE C 301 4.57 19.54 8.76
CG MSE C 301 3.05 19.41 8.52
SE MSE C 301 2.48 17.71 9.22
CE MSE C 301 0.58 18.02 9.53
N PHE C 302 3.27 22.24 7.86
CA PHE C 302 2.48 23.42 8.19
C PHE C 302 1.04 23.00 8.55
N ALA C 303 0.63 23.28 9.77
CA ALA C 303 -0.73 22.92 10.21
C ALA C 303 -1.54 24.09 10.66
N LEU C 304 -2.81 24.08 10.29
CA LEU C 304 -3.73 25.17 10.62
C LEU C 304 -5.16 24.67 10.74
N GLY C 305 -5.91 25.33 11.60
CA GLY C 305 -7.34 25.04 11.76
C GLY C 305 -8.17 25.89 10.80
N ASP C 306 -9.18 25.28 10.19
CA ASP C 306 -9.99 26.01 9.19
C ASP C 306 -10.96 27.04 9.79
N ARG C 307 -11.09 27.07 11.12
CA ARG C 307 -11.83 28.14 11.83
C ARG C 307 -10.95 29.05 12.72
N ASP C 308 -9.65 29.04 12.46
CA ASP C 308 -8.66 29.78 13.26
C ASP C 308 -8.93 31.30 13.15
N PRO C 309 -9.41 31.93 14.25
CA PRO C 309 -9.88 33.31 14.19
C PRO C 309 -8.76 34.31 14.05
N LEU C 310 -7.54 33.87 14.32
CA LEU C 310 -6.35 34.76 14.21
C LEU C 310 -5.80 34.83 12.80
N MSE C 311 -6.00 33.77 12.04
CA MSE C 311 -5.45 33.65 10.65
C MSE C 311 -6.53 33.76 9.58
O MSE C 311 -6.44 34.58 8.67
CB MSE C 311 -4.73 32.30 10.47
CG MSE C 311 -3.71 31.98 11.58
SE MSE C 311 -2.26 33.30 11.76
CE MSE C 311 -1.94 33.51 9.87
N CYS C 312 -7.55 32.94 9.72
CA CYS C 312 -8.56 32.74 8.66
C CYS C 312 -9.50 33.92 8.47
N GLY C 313 -9.88 34.12 7.22
CA GLY C 313 -10.86 35.14 6.83
C GLY C 313 -10.62 35.66 5.40
N ASP C 314 -11.64 36.28 4.84
CA ASP C 314 -11.59 36.89 3.50
C ASP C 314 -10.48 37.94 3.41
N GLY C 315 -9.51 37.69 2.54
CA GLY C 315 -8.36 38.62 2.35
C GLY C 315 -7.20 38.37 3.31
N TYR C 316 -7.32 37.33 4.12
CA TYR C 316 -6.24 36.96 5.04
C TYR C 316 -5.79 35.55 4.71
N GLU C 317 -5.54 34.73 5.72
CA GLU C 317 -5.13 33.35 5.47
C GLU C 317 -6.30 32.57 4.86
N ASP C 318 -5.99 31.83 3.82
CA ASP C 318 -6.98 31.13 2.98
C ASP C 318 -7.27 29.75 3.54
N CYS C 319 -8.37 29.65 4.25
CA CYS C 319 -8.76 28.37 4.94
C CYS C 319 -9.87 27.62 4.19
N SER C 320 -10.11 27.98 2.94
CA SER C 320 -11.22 27.40 2.14
C SER C 320 -10.98 25.92 1.79
N SER C 321 -9.72 25.56 1.67
CA SER C 321 -9.33 24.15 1.38
C SER C 321 -7.84 23.96 1.64
N GLN C 322 -7.46 22.71 1.88
CA GLN C 322 -6.06 22.37 2.08
C GLN C 322 -5.20 22.80 0.88
N ALA C 323 -5.71 22.58 -0.32
CA ALA C 323 -4.98 22.95 -1.56
C ALA C 323 -4.80 24.44 -1.67
N ALA C 324 -5.84 25.18 -1.33
CA ALA C 324 -5.80 26.66 -1.46
C ALA C 324 -4.80 27.23 -0.47
N LEU C 325 -4.79 26.63 0.72
CA LEU C 325 -3.87 27.03 1.80
C LEU C 325 -2.42 26.80 1.39
N ARG C 326 -2.15 25.63 0.87
CA ARG C 326 -0.81 25.28 0.35
C ARG C 326 -0.37 26.25 -0.74
N ALA C 327 -1.27 26.56 -1.64
CA ALA C 327 -0.95 27.46 -2.78
C ALA C 327 -0.55 28.84 -2.27
N GLN C 328 -1.20 29.27 -1.20
CA GLN C 328 -0.97 30.59 -0.64
C GLN C 328 0.35 30.66 0.16
N GLU C 329 0.66 29.58 0.86
CA GLU C 329 1.84 29.56 1.77
C GLU C 329 3.12 29.12 1.03
N ALA C 330 2.96 28.31 0.01
CA ALA C 330 4.12 27.74 -0.73
C ALA C 330 5.22 28.76 -1.10
N PRO C 331 4.84 29.95 -1.63
CA PRO C 331 5.83 30.99 -1.96
C PRO C 331 6.76 31.37 -0.84
N PHE C 332 6.35 31.09 0.39
CA PHE C 332 7.13 31.46 1.62
C PHE C 332 8.11 30.37 2.12
N TRP C 333 8.13 29.23 1.45
CA TRP C 333 8.91 28.06 1.92
C TRP C 333 9.74 27.45 0.80
N THR C 334 10.41 28.32 0.08
CA THR C 334 11.01 27.95 -1.23
C THR C 334 12.30 27.14 -1.11
N SER C 335 13.01 27.27 0.01
CA SER C 335 14.22 26.43 0.28
C SER C 335 13.91 25.07 0.88
N ALA C 336 12.66 24.80 1.19
CA ALA C 336 12.31 23.55 1.89
C ALA C 336 12.28 22.42 0.87
N PRO C 337 13.02 21.32 1.11
CA PRO C 337 12.94 20.17 0.20
C PRO C 337 11.54 19.55 0.10
N SER C 338 10.76 19.75 1.13
CA SER C 338 9.34 19.36 1.09
C SER C 338 8.51 20.28 1.94
N PHE C 339 7.28 20.44 1.53
CA PHE C 339 6.34 21.28 2.23
C PHE C 339 5.04 20.57 2.33
N ASP C 340 4.76 20.00 3.48
CA ASP C 340 3.46 19.37 3.72
C ASP C 340 2.51 20.30 4.45
N VAL C 341 1.23 20.13 4.19
CA VAL C 341 0.19 21.04 4.73
C VAL C 341 -1.01 20.24 5.21
N ILE C 342 -1.48 20.55 6.41
CA ILE C 342 -2.75 19.98 6.92
C ILE C 342 -3.72 21.09 7.39
N LEU C 343 -4.94 21.04 6.86
CA LEU C 343 -6.07 21.90 7.34
C LEU C 343 -6.92 21.07 8.16
N VAL C 344 -7.06 21.45 9.40
CA VAL C 344 -7.90 20.70 10.33
C VAL C 344 -9.30 21.25 10.34
N GLU C 345 -10.26 20.37 10.12
CA GLU C 345 -11.64 20.77 9.98
C GLU C 345 -12.29 21.09 11.30
N ASP C 346 -13.07 22.15 11.28
CA ASP C 346 -13.82 22.64 12.46
C ASP C 346 -12.92 22.94 13.70
N ALA C 347 -11.73 23.44 13.42
CA ALA C 347 -10.74 23.72 14.46
C ALA C 347 -10.31 25.19 14.46
N GLY C 348 -10.29 25.76 15.63
CA GLY C 348 -9.75 27.07 15.84
C GLY C 348 -8.22 27.04 15.91
N HIS C 349 -7.69 27.95 16.69
CA HIS C 349 -6.26 28.16 16.83
C HIS C 349 -5.52 26.96 17.50
N GLY C 350 -6.10 26.43 18.56
CA GLY C 350 -5.46 25.37 19.36
C GLY C 350 -5.64 23.95 18.87
N LEU C 351 -4.78 23.52 17.95
CA LEU C 351 -4.99 22.23 17.24
C LEU C 351 -4.88 21.05 18.16
N ASN C 352 -4.04 21.15 19.16
CA ASN C 352 -3.88 20.05 20.12
C ASN C 352 -5.12 19.81 20.99
N LEU C 353 -6.02 20.79 21.05
CA LEU C 353 -7.14 20.78 22.07
C LEU C 353 -8.57 20.54 21.51
N VAL C 354 -8.66 20.44 20.20
CA VAL C 354 -9.95 20.30 19.53
C VAL C 354 -10.42 18.84 19.56
N PRO C 355 -11.75 18.62 19.49
CA PRO C 355 -12.27 17.24 19.46
C PRO C 355 -11.67 16.38 18.37
N ASN C 356 -11.35 17.01 17.27
CA ASN C 356 -10.91 16.34 16.06
C ASN C 356 -9.35 16.39 15.91
N THR C 357 -8.69 16.42 17.05
CA THR C 357 -7.23 16.54 17.09
C THR C 357 -6.44 15.31 16.57
N ARG C 358 -7.01 14.13 16.65
CA ARG C 358 -6.27 12.87 16.26
C ARG C 358 -5.91 12.84 14.77
N VAL C 359 -6.75 13.45 13.95
CA VAL C 359 -6.49 13.54 12.50
C VAL C 359 -5.17 14.26 12.27
N TYR C 360 -4.95 15.27 13.08
CA TYR C 360 -3.76 16.12 13.03
C TYR C 360 -2.52 15.42 13.63
N GLN C 361 -2.75 14.73 14.74
CA GLN C 361 -1.72 13.92 15.38
C GLN C 361 -1.22 12.85 14.43
N ASP C 362 -2.16 12.20 13.77
CA ASP C 362 -1.85 11.10 12.85
C ASP C 362 -1.08 11.61 11.67
N ALA C 363 -1.48 12.76 11.15
CA ALA C 363 -0.81 13.32 9.97
C ALA C 363 0.61 13.74 10.32
N SER C 364 0.77 14.27 11.53
CA SER C 364 2.10 14.69 12.04
C SER C 364 3.02 13.48 12.24
N ARG C 365 2.46 12.41 12.75
CA ARG C 365 3.24 11.21 13.02
C ARG C 365 3.71 10.60 11.71
N ASP C 366 2.78 10.50 10.76
CA ASP C 366 3.07 9.95 9.42
C ASP C 366 4.17 10.74 8.76
N TRP C 367 4.10 12.03 8.91
CA TRP C 367 5.11 12.94 8.36
C TRP C 367 6.50 12.69 8.99
N LEU C 368 6.55 12.65 10.30
CA LEU C 368 7.78 12.33 11.03
C LEU C 368 8.38 11.02 10.57
N ASP C 369 7.54 10.01 10.48
CA ASP C 369 7.98 8.68 10.04
C ASP C 369 8.58 8.77 8.62
N ARG C 370 7.98 9.58 7.79
CA ARG C 370 8.40 9.72 6.39
C ARG C 370 9.72 10.46 6.21
N VAL C 371 9.98 11.39 7.08
CA VAL C 371 10.93 12.47 6.83
C VAL C 371 12.19 12.41 7.76
N VAL C 372 12.02 11.83 8.94
CA VAL C 372 13.16 11.57 9.86
C VAL C 372 13.20 10.17 10.43
N GLY C 373 12.05 9.62 10.77
CA GLY C 373 12.01 8.34 11.50
C GLY C 373 12.52 8.54 12.92
N HIS C 374 12.39 7.51 13.74
CA HIS C 374 12.71 7.62 15.19
C HIS C 374 14.02 6.93 15.63
N GLY C 375 14.69 6.24 14.70
CA GLY C 375 15.97 5.55 15.02
C GLY C 375 15.81 4.15 15.58
N LEU C 376 14.70 3.49 15.23
CA LEU C 376 14.44 2.09 15.62
C LEU C 376 13.66 1.37 14.53
N SER D 61 16.29 -15.08 -25.72
CA SER D 61 16.63 -16.29 -24.88
C SER D 61 16.07 -16.26 -23.41
N ALA D 62 16.47 -15.25 -22.62
CA ALA D 62 15.95 -15.10 -21.21
C ALA D 62 15.34 -13.75 -20.89
N ILE D 63 14.47 -13.75 -19.88
CA ILE D 63 13.77 -12.54 -19.40
C ILE D 63 14.34 -12.08 -18.08
N CYS D 64 14.85 -10.86 -18.08
CA CYS D 64 15.72 -10.34 -16.99
C CYS D 64 15.21 -8.99 -16.49
N ARG D 65 15.39 -8.75 -15.21
CA ARG D 65 15.10 -7.46 -14.62
C ARG D 65 16.04 -7.19 -13.45
N ALA D 66 16.70 -6.06 -13.50
CA ALA D 66 17.58 -5.62 -12.40
C ALA D 66 16.76 -4.93 -11.31
N THR D 67 17.25 -5.03 -10.09
CA THR D 67 16.66 -4.34 -8.95
C THR D 67 17.73 -3.99 -7.90
N THR D 68 17.34 -3.17 -6.93
CA THR D 68 18.12 -2.98 -5.72
C THR D 68 17.36 -3.56 -4.54
N VAL D 69 18.09 -4.12 -3.60
CA VAL D 69 17.50 -4.70 -2.40
C VAL D 69 18.01 -3.92 -1.20
N GLU D 70 17.10 -3.45 -0.36
CA GLU D 70 17.51 -2.86 0.93
C GLU D 70 17.95 -3.96 1.88
N VAL D 71 19.08 -3.74 2.49
CA VAL D 71 19.80 -4.78 3.17
C VAL D 71 20.45 -4.19 4.43
N THR D 72 20.52 -4.97 5.52
CA THR D 72 21.12 -4.43 6.77
C THR D 72 22.61 -4.09 6.50
N LEU D 73 22.88 -2.80 6.30
CA LEU D 73 24.25 -2.28 6.23
C LEU D 73 24.78 -2.02 7.62
N GLY D 74 24.68 -3.02 8.51
CA GLY D 74 25.23 -2.93 9.90
C GLY D 74 24.51 -1.87 10.76
N LYS D 75 24.53 -0.68 10.23
CA LYS D 75 23.83 0.48 10.81
C LYS D 75 22.35 0.19 11.15
N GLY D 76 21.58 -0.48 10.25
CA GLY D 76 21.77 -0.52 8.72
C GLY D 76 21.21 0.78 8.12
N THR D 77 20.67 0.87 6.88
CA THR D 77 20.61 -0.14 5.79
C THR D 77 21.45 0.34 4.58
N GLY D 78 21.78 -0.58 3.69
CA GLY D 78 22.38 -0.25 2.36
C GLY D 78 21.64 -0.89 1.21
N LYS D 79 22.03 -0.50 0.01
CA LYS D 79 21.43 -1.01 -1.25
C LYS D 79 22.32 -2.02 -1.96
N MSE D 80 21.76 -3.18 -2.22
CA MSE D 80 22.44 -4.24 -2.99
C MSE D 80 21.80 -4.39 -4.34
O MSE D 80 20.64 -4.72 -4.45
CB MSE D 80 22.34 -5.59 -2.27
CG MSE D 80 23.38 -6.54 -2.85
SE MSE D 80 23.30 -8.36 -2.09
CE MSE D 80 23.98 -7.90 -0.28
N TRP D 81 22.59 -4.19 -5.38
CA TRP D 81 22.11 -4.43 -6.74
C TRP D 81 22.08 -5.90 -7.08
N GLY D 82 21.07 -6.28 -7.81
CA GLY D 82 20.94 -7.65 -8.27
C GLY D 82 20.11 -7.78 -9.52
N GLU D 83 20.32 -8.85 -10.26
CA GLU D 83 19.52 -9.10 -11.47
C GLU D 83 18.85 -10.46 -11.41
N LEU D 84 17.56 -10.46 -11.61
CA LEU D 84 16.76 -11.69 -11.65
C LEU D 84 16.43 -12.03 -13.08
N CYS D 85 16.77 -13.26 -13.49
CA CYS D 85 16.44 -13.76 -14.85
C CYS D 85 15.74 -15.08 -14.77
N ARG D 86 14.74 -15.25 -15.62
CA ARG D 86 14.03 -16.53 -15.82
C ARG D 86 14.21 -16.99 -17.25
N PRO D 87 14.11 -18.32 -17.51
CA PRO D 87 13.98 -18.73 -18.88
C PRO D 87 12.71 -18.16 -19.46
N ALA D 88 12.75 -17.83 -20.75
CA ALA D 88 11.58 -17.24 -21.44
C ALA D 88 10.42 -18.23 -21.51
N GLY D 89 9.23 -17.73 -21.23
CA GLY D 89 8.00 -18.55 -21.26
C GLY D 89 7.91 -19.60 -20.16
N SER D 90 8.59 -19.36 -19.05
CA SER D 90 8.66 -20.33 -17.93
C SER D 90 8.70 -19.62 -16.62
N SER D 91 8.29 -20.32 -15.58
CA SER D 91 8.39 -19.80 -14.22
C SER D 91 8.94 -20.88 -13.26
N PRO D 92 10.28 -20.97 -13.15
CA PRO D 92 10.88 -22.00 -12.32
C PRO D 92 10.56 -21.84 -10.86
N ASP D 93 10.55 -22.95 -10.14
CA ASP D 93 10.38 -22.92 -8.67
C ASP D 93 11.74 -22.85 -7.95
N THR D 94 12.80 -23.16 -8.68
CA THR D 94 14.17 -23.04 -8.16
C THR D 94 14.87 -21.82 -8.72
N VAL D 95 15.47 -21.07 -7.83
CA VAL D 95 16.32 -19.97 -8.18
C VAL D 95 17.72 -20.21 -7.64
N VAL D 96 18.71 -19.89 -8.47
CA VAL D 96 20.13 -20.01 -8.09
C VAL D 96 20.73 -18.64 -7.90
N THR D 97 21.09 -18.35 -6.66
CA THR D 97 21.69 -17.07 -6.30
C THR D 97 23.21 -17.16 -6.24
N MSE D 98 23.85 -16.22 -6.92
CA MSE D 98 25.30 -16.29 -7.17
C MSE D 98 26.06 -15.15 -6.57
O MSE D 98 25.78 -14.00 -6.84
CB MSE D 98 25.60 -16.39 -8.63
CG MSE D 98 24.91 -17.63 -9.19
SE MSE D 98 24.77 -17.62 -11.14
CE MSE D 98 26.10 -18.96 -11.18
N VAL D 99 27.08 -15.49 -5.82
CA VAL D 99 27.85 -14.53 -5.06
C VAL D 99 29.29 -14.54 -5.54
N HIS D 100 29.73 -13.40 -6.04
CA HIS D 100 31.06 -13.28 -6.62
C HIS D 100 32.13 -13.16 -5.55
N GLY D 101 33.38 -13.27 -5.99
CA GLY D 101 34.53 -13.15 -5.09
C GLY D 101 35.20 -11.79 -5.11
N ALA D 102 36.32 -11.73 -4.39
CA ALA D 102 37.07 -10.48 -4.16
C ALA D 102 37.75 -9.94 -5.42
N THR D 103 37.53 -8.65 -5.64
CA THR D 103 37.96 -7.93 -6.89
C THR D 103 37.13 -8.32 -8.14
N TYR D 104 36.03 -9.01 -7.92
CA TYR D 104 35.01 -9.20 -8.94
C TYR D 104 33.69 -8.50 -8.57
N ASN D 105 32.76 -8.55 -9.49
CA ASN D 105 31.37 -8.20 -9.21
C ASN D 105 30.47 -9.22 -9.93
N HIS D 106 29.22 -8.88 -10.16
CA HIS D 106 28.29 -9.81 -10.82
C HIS D 106 28.78 -10.33 -12.17
N ASN D 107 29.65 -9.57 -12.85
CA ASN D 107 30.16 -10.00 -14.19
C ASN D 107 30.82 -11.37 -14.22
N TYR D 108 31.43 -11.75 -13.11
CA TYR D 108 32.06 -13.06 -13.00
C TYR D 108 31.05 -14.20 -13.27
N TRP D 109 29.87 -14.07 -12.71
CA TRP D 109 28.82 -15.10 -12.85
C TRP D 109 27.90 -14.90 -14.10
N ASP D 110 27.98 -13.74 -14.73
CA ASP D 110 27.29 -13.50 -16.02
C ASP D 110 28.17 -12.74 -16.99
N PHE D 111 29.12 -13.43 -17.52
CA PHE D 111 30.27 -12.82 -18.22
C PHE D 111 29.85 -12.32 -19.58
N PRO D 112 30.20 -11.07 -19.91
CA PRO D 112 29.64 -10.44 -21.12
C PRO D 112 30.43 -10.68 -22.42
N TYR D 113 31.52 -11.43 -22.34
CA TYR D 113 32.27 -11.84 -23.53
C TYR D 113 31.94 -13.28 -23.85
N GLN D 114 31.45 -13.50 -25.07
CA GLN D 114 31.06 -14.83 -25.55
C GLN D 114 30.20 -15.53 -24.48
N PRO D 115 29.07 -14.92 -24.12
CA PRO D 115 28.26 -15.44 -23.02
C PRO D 115 27.73 -16.86 -23.22
N ASP D 116 27.45 -17.23 -24.46
CA ASP D 116 26.99 -18.62 -24.76
C ASP D 116 28.03 -19.65 -24.32
N LYS D 117 29.27 -19.21 -24.18
CA LYS D 117 30.33 -20.06 -23.64
C LYS D 117 30.61 -19.79 -22.16
N TYR D 118 30.81 -18.52 -21.80
CA TYR D 118 31.39 -18.15 -20.46
C TYR D 118 30.38 -17.70 -19.41
N SER D 119 29.14 -17.47 -19.80
CA SER D 119 28.13 -16.98 -18.84
C SER D 119 27.45 -18.15 -18.13
N PHE D 120 27.80 -18.33 -16.88
CA PHE D 120 27.21 -19.40 -16.06
C PHE D 120 25.69 -19.17 -15.86
N ARG D 121 25.35 -17.92 -15.58
CA ARG D 121 23.93 -17.48 -15.44
C ARG D 121 23.11 -17.94 -16.64
N LYS D 122 23.62 -17.63 -17.83
CA LYS D 122 22.96 -17.99 -19.10
C LYS D 122 22.80 -19.49 -19.25
N MSE D 123 23.84 -20.22 -18.93
CA MSE D 123 23.79 -21.70 -18.97
C MSE D 123 22.70 -22.23 -18.05
O MSE D 123 21.92 -23.11 -18.44
CB MSE D 123 25.17 -22.21 -18.61
CG MSE D 123 25.28 -23.72 -18.64
SE MSE D 123 24.59 -24.50 -16.95
CE MSE D 123 25.87 -23.85 -15.57
N LEU D 124 22.57 -21.63 -16.89
CA LEU D 124 21.51 -22.04 -15.93
C LEU D 124 20.09 -21.78 -16.42
N ASN D 125 19.85 -20.59 -16.93
CA ASN D 125 18.54 -20.26 -17.53
C ASN D 125 18.20 -21.24 -18.64
N GLY D 126 19.21 -21.54 -19.46
CA GLY D 126 19.05 -22.52 -20.56
C GLY D 126 18.73 -23.93 -20.07
N ALA D 127 19.23 -24.23 -18.89
CA ALA D 127 18.90 -25.48 -18.18
C ALA D 127 17.56 -25.41 -17.41
N GLY D 128 16.86 -24.30 -17.52
CA GLY D 128 15.50 -24.13 -16.90
C GLY D 128 15.48 -23.55 -15.47
N TYR D 129 16.63 -23.13 -14.97
CA TYR D 129 16.69 -22.51 -13.64
C TYR D 129 16.54 -20.99 -13.70
N ALA D 130 15.93 -20.44 -12.66
CA ALA D 130 15.96 -18.99 -12.45
C ALA D 130 17.28 -18.64 -11.82
N THR D 131 17.70 -17.39 -11.99
CA THR D 131 19.02 -16.96 -11.49
C THR D 131 18.92 -15.61 -10.85
N PHE D 132 19.72 -15.38 -9.85
CA PHE D 132 19.85 -14.06 -9.24
C PHE D 132 21.31 -13.75 -8.97
N VAL D 133 21.90 -12.87 -9.77
CA VAL D 133 23.30 -12.46 -9.56
C VAL D 133 23.34 -11.13 -8.88
N VAL D 134 24.26 -10.99 -7.94
CA VAL D 134 24.36 -9.76 -7.14
C VAL D 134 25.70 -9.06 -7.34
N ASP D 135 25.69 -7.75 -7.15
CA ASP D 135 26.89 -7.00 -6.78
C ASP D 135 26.89 -6.92 -5.26
N ARG D 136 27.90 -7.51 -4.65
CA ARG D 136 28.17 -7.32 -3.21
C ARG D 136 28.39 -5.85 -2.88
N LEU D 137 28.05 -5.48 -1.67
CA LEU D 137 28.30 -4.11 -1.23
C LEU D 137 29.78 -3.83 -1.27
N GLY D 138 30.11 -2.62 -1.68
CA GLY D 138 31.51 -2.23 -1.98
C GLY D 138 31.83 -2.26 -3.47
N THR D 139 30.93 -2.85 -4.25
CA THR D 139 31.23 -3.15 -5.65
C THR D 139 30.09 -2.78 -6.54
N GLY D 140 30.43 -2.63 -7.82
CA GLY D 140 29.45 -2.65 -8.90
C GLY D 140 28.49 -1.51 -8.79
N ASN D 141 27.23 -1.81 -8.93
CA ASN D 141 26.15 -0.82 -8.70
C ASN D 141 25.56 -0.83 -7.27
N SER D 142 26.25 -1.39 -6.32
CA SER D 142 25.73 -1.42 -4.95
C SER D 142 26.28 -0.26 -4.17
N THR D 143 25.75 -0.08 -2.98
CA THR D 143 26.29 0.88 -2.03
C THR D 143 27.76 0.57 -1.79
N VAL D 144 28.57 1.61 -1.77
CA VAL D 144 29.99 1.50 -1.39
C VAL D 144 30.20 2.22 -0.03
N PRO D 145 30.11 1.47 1.07
CA PRO D 145 30.22 2.09 2.37
C PRO D 145 31.65 2.20 2.83
N PRO D 146 31.87 2.87 3.97
CA PRO D 146 33.18 2.71 4.61
C PRO D 146 33.50 1.22 4.82
N SER D 147 34.75 0.86 4.66
CA SER D 147 35.17 -0.56 4.68
C SER D 147 35.04 -1.21 6.07
N SER D 148 35.12 -0.38 7.09
CA SER D 148 34.98 -0.84 8.50
C SER D 148 33.60 -1.46 8.78
N GLU D 149 32.60 -1.05 7.99
CA GLU D 149 31.21 -1.54 8.15
C GLU D 149 30.93 -2.88 7.48
N LEU D 150 31.88 -3.33 6.66
CA LEU D 150 31.75 -4.62 5.92
C LEU D 150 32.67 -5.69 6.46
N ASN D 151 32.10 -6.85 6.67
CA ASN D 151 32.85 -8.08 6.91
C ASN D 151 31.99 -9.28 6.49
N LEU D 152 32.60 -10.47 6.52
CA LEU D 152 31.94 -11.67 5.98
C LEU D 152 30.60 -11.97 6.69
N THR D 153 30.59 -11.84 8.00
CA THR D 153 29.37 -12.09 8.81
C THR D 153 28.25 -11.12 8.43
N VAL D 154 28.60 -9.85 8.40
CA VAL D 154 27.67 -8.81 7.92
C VAL D 154 27.13 -9.18 6.55
N GLU D 155 28.02 -9.57 5.66
CA GLU D 155 27.64 -9.87 4.25
C GLU D 155 26.79 -11.11 4.14
N ALA D 156 27.07 -12.08 4.99
CA ALA D 156 26.27 -13.33 5.05
C ALA D 156 24.83 -13.06 5.49
N ARG D 157 24.66 -12.16 6.44
CA ARG D 157 23.32 -11.74 6.88
C ARG D 157 22.59 -11.00 5.77
N GLN D 158 23.33 -10.24 4.98
CA GLN D 158 22.78 -9.55 3.80
C GLN D 158 22.26 -10.56 2.77
N MSE D 159 23.04 -11.62 2.54
CA MSE D 159 22.61 -12.73 1.63
C MSE D 159 21.41 -13.46 2.15
O MSE D 159 20.52 -13.82 1.38
CB MSE D 159 23.73 -13.74 1.39
CG MSE D 159 24.87 -13.13 0.58
SE MSE D 159 24.29 -12.15 -1.06
CE MSE D 159 25.56 -10.67 -0.78
N HIS D 160 21.38 -13.68 3.45
CA HIS D 160 20.19 -14.26 4.13
C HIS D 160 18.91 -13.44 3.86
N GLU D 161 19.04 -12.14 3.89
CA GLU D 161 17.93 -11.24 3.56
C GLU D 161 17.51 -11.35 2.09
N VAL D 162 18.48 -11.55 1.21
CA VAL D 162 18.20 -11.81 -0.25
C VAL D 162 17.45 -13.15 -0.43
N VAL D 163 17.95 -14.18 0.21
CA VAL D 163 17.30 -15.52 0.16
C VAL D 163 15.82 -15.42 0.59
N GLN D 164 15.59 -14.81 1.75
CA GLN D 164 14.20 -14.57 2.24
C GLN D 164 13.38 -13.77 1.24
N GLY D 165 14.01 -12.74 0.68
CA GLY D 165 13.37 -11.89 -0.33
C GLY D 165 12.89 -12.70 -1.51
N LEU D 166 13.75 -13.58 -1.97
CA LEU D 166 13.42 -14.53 -3.05
C LEU D 166 12.32 -15.57 -2.67
N ARG D 167 12.42 -16.15 -1.46
CA ARG D 167 11.43 -17.18 -1.04
C ARG D 167 10.02 -16.55 -0.95
N THR D 168 9.93 -15.38 -0.33
CA THR D 168 8.63 -14.70 -0.11
C THR D 168 8.05 -14.03 -1.35
N GLY D 169 8.89 -13.74 -2.33
CA GLY D 169 8.42 -13.02 -3.55
C GLY D 169 8.59 -11.51 -3.47
N ARG D 170 9.10 -11.05 -2.35
CA ARG D 170 9.51 -9.65 -2.19
C ARG D 170 10.49 -9.22 -3.29
N ILE D 171 11.41 -10.11 -3.63
CA ILE D 171 12.22 -10.00 -4.84
C ILE D 171 11.59 -10.88 -5.88
N GLY D 172 11.12 -10.27 -6.95
CA GLY D 172 10.70 -11.01 -8.15
C GLY D 172 9.23 -11.36 -8.24
N GLY D 173 8.47 -11.10 -7.17
CA GLY D 173 6.99 -11.24 -7.20
C GLY D 173 6.41 -12.66 -7.05
N THR D 174 6.99 -13.64 -7.74
CA THR D 174 6.43 -15.03 -7.78
C THR D 174 6.65 -15.77 -6.48
N GLY D 175 7.77 -15.51 -5.83
CA GLY D 175 8.23 -16.35 -4.72
C GLY D 175 8.86 -17.62 -5.29
N PHE D 176 9.88 -18.14 -4.59
CA PHE D 176 10.57 -19.37 -5.06
C PHE D 176 10.53 -20.44 -3.97
N GLY D 177 10.19 -21.64 -4.38
CA GLY D 177 10.13 -22.78 -3.45
C GLY D 177 11.49 -23.32 -3.06
N LYS D 178 12.43 -23.27 -3.98
CA LYS D 178 13.82 -23.68 -3.70
C LYS D 178 14.85 -22.60 -4.05
N VAL D 179 15.85 -22.49 -3.21
CA VAL D 179 16.89 -21.50 -3.38
C VAL D 179 18.24 -22.14 -3.21
N VAL D 180 19.03 -22.07 -4.26
CA VAL D 180 20.42 -22.55 -4.24
C VAL D 180 21.36 -21.38 -4.15
N LEU D 181 22.33 -21.49 -3.29
CA LEU D 181 23.30 -20.43 -3.09
C LEU D 181 24.67 -20.86 -3.63
N ALA D 182 25.22 -20.06 -4.51
CA ALA D 182 26.47 -20.41 -5.23
C ALA D 182 27.52 -19.33 -5.02
N GLY D 183 28.74 -19.75 -4.74
CA GLY D 183 29.81 -18.83 -4.42
C GLY D 183 31.11 -19.07 -5.16
N TYR D 184 31.99 -18.07 -5.07
CA TYR D 184 33.31 -18.08 -5.72
C TYR D 184 34.34 -17.31 -4.88
N SER D 185 35.53 -17.90 -4.65
CA SER D 185 36.63 -17.22 -3.86
C SER D 185 35.96 -16.89 -2.49
N LEU D 186 36.11 -15.66 -2.00
CA LEU D 186 35.46 -15.25 -0.70
C LEU D 186 33.91 -15.16 -0.80
N GLY D 187 33.38 -15.18 -2.01
CA GLY D 187 31.94 -15.38 -2.22
C GLY D 187 31.46 -16.71 -1.63
N SER D 188 32.32 -17.70 -1.69
CA SER D 188 32.02 -19.03 -1.15
C SER D 188 32.05 -19.06 0.36
N ALA D 189 32.89 -18.22 0.94
CA ALA D 189 32.95 -18.09 2.41
C ALA D 189 31.66 -17.44 2.95
N VAL D 190 31.23 -16.43 2.25
CA VAL D 190 29.94 -15.77 2.55
C VAL D 190 28.83 -16.80 2.48
N THR D 191 28.86 -17.54 1.41
CA THR D 191 27.85 -18.56 1.11
C THR D 191 27.81 -19.63 2.23
N SER D 192 28.98 -20.05 2.64
CA SER D 192 29.12 -21.05 3.69
C SER D 192 28.64 -20.54 5.04
N ILE D 193 29.06 -19.34 5.40
CA ILE D 193 28.59 -18.71 6.63
C ILE D 193 27.06 -18.58 6.64
N GLU D 194 26.52 -18.12 5.52
CA GLU D 194 25.05 -17.93 5.38
C GLU D 194 24.31 -19.24 5.65
N ALA D 195 24.68 -20.26 4.91
CA ALA D 195 24.04 -21.57 5.00
C ALA D 195 24.22 -22.18 6.41
N SER D 196 25.41 -22.01 6.93
CA SER D 196 25.77 -22.51 8.26
C SER D 196 24.98 -21.82 9.39
N THR D 197 24.77 -20.52 9.23
CA THR D 197 24.08 -19.69 10.23
C THR D 197 22.56 -19.82 10.15
N PHE D 198 22.02 -19.65 8.97
CA PHE D 198 20.55 -19.48 8.79
C PHE D 198 19.82 -20.72 8.29
N HIS D 199 20.54 -21.67 7.73
CA HIS D 199 19.92 -22.94 7.22
C HIS D 199 18.66 -22.72 6.36
N ASP D 200 18.70 -21.72 5.50
CA ASP D 200 17.51 -21.39 4.67
C ASP D 200 17.79 -21.52 3.18
N VAL D 201 18.71 -22.40 2.84
CA VAL D 201 18.98 -22.76 1.43
C VAL D 201 18.96 -24.28 1.23
N ASP D 202 18.56 -24.66 0.04
CA ASP D 202 18.28 -26.05 -0.30
C ASP D 202 19.53 -26.78 -0.80
N ALA D 203 20.53 -26.01 -1.19
CA ALA D 203 21.81 -26.56 -1.65
C ALA D 203 22.82 -25.44 -1.81
N VAL D 204 24.08 -25.85 -1.89
CA VAL D 204 25.20 -24.96 -1.81
C VAL D 204 26.29 -25.35 -2.83
N LEU D 205 26.67 -24.37 -3.65
CA LEU D 205 27.75 -24.54 -4.66
C LEU D 205 28.98 -23.74 -4.25
N ILE D 206 30.06 -24.45 -3.96
CA ILE D 206 31.28 -23.85 -3.41
C ILE D 206 32.34 -23.91 -4.48
N THR D 207 32.81 -22.74 -4.93
CA THR D 207 33.85 -22.72 -5.97
C THR D 207 35.04 -21.92 -5.57
N ALA D 208 36.21 -22.46 -5.89
CA ALA D 208 37.47 -21.75 -5.74
C ALA D 208 37.75 -21.35 -4.28
N LEU D 209 37.40 -22.22 -3.36
CA LEU D 209 37.69 -21.99 -1.96
C LEU D 209 37.81 -23.28 -1.23
N GLY D 210 38.98 -23.55 -0.77
CA GLY D 210 39.23 -24.75 0.01
C GLY D 210 39.68 -24.39 1.41
N HIS D 211 39.79 -25.40 2.25
CA HIS D 211 40.18 -25.20 3.65
C HIS D 211 41.67 -25.08 3.89
N TYR D 212 42.47 -25.48 2.91
CA TYR D 212 43.93 -25.25 2.89
C TYR D 212 44.22 -24.27 1.81
N ASN D 213 45.06 -23.30 2.08
CA ASN D 213 45.46 -22.35 1.05
C ASN D 213 46.98 -22.23 0.92
N ASN D 214 47.39 -21.76 -0.23
CA ASN D 214 48.81 -21.60 -0.55
C ASN D 214 49.28 -20.17 -0.20
N PRO D 215 50.12 -20.03 0.86
CA PRO D 215 50.54 -18.68 1.30
C PRO D 215 51.36 -17.90 0.29
N ALA D 216 52.10 -18.60 -0.55
CA ALA D 216 52.86 -17.95 -1.66
C ALA D 216 51.92 -17.35 -2.73
N GLY D 217 50.82 -18.03 -2.97
CA GLY D 217 49.78 -17.53 -3.83
C GLY D 217 49.07 -16.32 -3.25
N THR D 218 48.74 -16.42 -1.97
CA THR D 218 48.16 -15.29 -1.22
C THR D 218 49.07 -14.07 -1.27
N GLN D 219 50.33 -14.30 -0.98
CA GLN D 219 51.34 -13.23 -0.96
C GLN D 219 51.52 -12.58 -2.33
N ALA D 220 51.42 -13.39 -3.36
CA ALA D 220 51.52 -12.89 -4.73
C ALA D 220 50.40 -11.87 -5.08
N ILE D 221 49.21 -12.09 -4.54
CA ILE D 221 48.09 -11.12 -4.76
C ILE D 221 48.39 -9.82 -4.02
N ILE D 222 48.85 -9.95 -2.80
CA ILE D 222 49.20 -8.78 -1.96
C ILE D 222 50.26 -7.93 -2.66
N ASP D 223 51.29 -8.57 -3.19
CA ASP D 223 52.33 -7.87 -4.01
C ASP D 223 51.72 -7.12 -5.21
N ASN D 224 50.64 -7.64 -5.74
CA ASN D 224 49.94 -7.02 -6.90
C ASN D 224 48.68 -6.27 -6.53
N GLY D 225 48.58 -5.91 -5.27
CA GLY D 225 47.46 -5.11 -4.77
C GLY D 225 47.72 -3.62 -4.90
N LEU D 226 46.65 -2.86 -5.03
CA LEU D 226 46.72 -1.39 -4.93
C LEU D 226 45.33 -0.81 -4.65
N SER D 227 45.30 0.46 -4.30
CA SER D 227 44.03 1.15 -4.05
C SER D 227 43.26 1.38 -5.35
N PRO D 228 41.94 1.18 -5.32
CA PRO D 228 41.13 1.53 -6.51
C PRO D 228 41.21 2.99 -6.93
N ASN D 229 41.64 3.85 -6.02
CA ASN D 229 41.89 5.28 -6.37
C ASN D 229 43.07 5.52 -7.31
N ASP D 230 43.98 4.56 -7.38
CA ASP D 230 45.14 4.63 -8.32
C ASP D 230 44.99 3.71 -9.52
N ASP D 231 43.80 3.15 -9.69
CA ASP D 231 43.54 2.17 -10.74
C ASP D 231 42.70 2.77 -11.88
N PRO D 232 43.15 2.61 -13.13
CA PRO D 232 42.46 3.28 -14.23
C PRO D 232 40.99 2.87 -14.48
N VAL D 233 40.64 1.64 -14.13
CA VAL D 233 39.25 1.17 -14.30
C VAL D 233 38.34 1.74 -13.22
N LEU D 234 38.85 1.89 -12.02
CA LEU D 234 38.00 2.23 -10.82
C LEU D 234 38.15 3.66 -10.28
N LYS D 235 39.21 4.36 -10.71
CA LYS D 235 39.56 5.73 -10.18
C LYS D 235 38.36 6.63 -9.86
N ASP D 236 37.53 6.78 -10.85
CA ASP D 236 36.58 7.89 -10.88
C ASP D 236 35.18 7.52 -10.36
N ARG D 237 35.04 6.30 -9.87
CA ARG D 237 33.73 5.78 -9.44
C ARG D 237 33.37 6.27 -8.06
N HIS D 238 34.35 6.18 -7.17
CA HIS D 238 34.20 6.59 -5.77
C HIS D 238 35.53 7.09 -5.24
N HIS D 239 35.48 7.81 -4.12
CA HIS D 239 36.66 8.02 -3.30
C HIS D 239 36.65 6.90 -2.32
N TYR D 240 37.46 5.88 -2.59
CA TYR D 240 37.51 4.73 -1.73
C TYR D 240 38.36 5.02 -0.53
N ASP D 241 37.95 4.53 0.62
CA ASP D 241 38.82 4.63 1.79
C ASP D 241 39.93 3.56 1.77
N ASP D 242 40.75 3.61 2.81
CA ASP D 242 42.01 2.86 2.90
C ASP D 242 41.82 1.36 3.05
N GLY D 243 40.59 0.94 3.39
CA GLY D 243 40.28 -0.49 3.55
C GLY D 243 39.94 -1.23 2.25
N TYR D 244 39.92 -0.51 1.13
CA TYR D 244 39.63 -1.08 -0.22
C TYR D 244 40.90 -1.31 -1.04
N ALA D 245 40.93 -2.42 -1.74
CA ALA D 245 42.00 -2.72 -2.70
C ALA D 245 41.42 -3.30 -3.97
N THR D 246 42.22 -3.26 -5.02
CA THR D 246 41.97 -4.08 -6.21
C THR D 246 43.30 -4.64 -6.71
N THR D 247 43.28 -5.27 -7.86
CA THR D 247 44.52 -5.83 -8.45
C THR D 247 45.19 -4.84 -9.41
N LYS D 248 46.49 -4.96 -9.53
CA LYS D 248 47.27 -4.19 -10.53
C LYS D 248 46.89 -4.63 -11.96
N PRO D 249 46.75 -3.66 -12.89
CA PRO D 249 46.50 -3.99 -14.28
C PRO D 249 47.51 -4.96 -14.85
N GLY D 250 47.00 -6.01 -15.50
CA GLY D 250 47.84 -7.04 -16.12
C GLY D 250 48.20 -8.21 -15.21
N SER D 251 47.95 -8.06 -13.92
CA SER D 251 48.41 -9.05 -12.92
C SER D 251 47.46 -10.26 -12.78
N ARG D 252 46.19 -10.08 -13.12
CA ARG D 252 45.16 -11.13 -12.87
C ARG D 252 45.50 -12.42 -13.59
N LYS D 253 46.04 -12.29 -14.79
CA LYS D 253 46.58 -13.45 -15.58
C LYS D 253 47.41 -14.41 -14.72
N HIS D 254 48.31 -13.84 -13.95
CA HIS D 254 49.27 -14.62 -13.14
C HIS D 254 48.67 -15.03 -11.79
N VAL D 255 48.27 -14.04 -11.02
CA VAL D 255 47.91 -14.26 -9.61
C VAL D 255 46.61 -15.03 -9.40
N PHE D 256 45.73 -14.97 -10.40
CA PHE D 256 44.45 -15.75 -10.40
C PHE D 256 44.45 -16.95 -11.39
N TYR D 257 44.84 -16.70 -12.62
CA TYR D 257 44.66 -17.70 -13.69
C TYR D 257 45.91 -18.52 -13.95
N ALA D 258 46.97 -18.24 -13.19
CA ALA D 258 48.20 -19.07 -13.17
C ALA D 258 48.88 -19.19 -14.55
N ASP D 259 48.67 -18.19 -15.38
CA ASP D 259 49.21 -18.12 -16.76
C ASP D 259 48.80 -19.29 -17.66
N ARG D 260 47.69 -19.94 -17.32
CA ARG D 260 47.20 -21.09 -18.09
C ARG D 260 46.48 -20.54 -19.31
N PRO D 261 46.36 -21.36 -20.37
CA PRO D 261 45.75 -20.91 -21.62
C PRO D 261 44.38 -20.31 -21.42
N MSE D 262 44.17 -19.09 -21.93
CA MSE D 262 42.90 -18.38 -21.84
C MSE D 262 42.68 -17.52 -23.05
O MSE D 262 43.60 -17.10 -23.71
CB MSE D 262 42.95 -17.65 -20.53
CG MSE D 262 41.62 -17.13 -20.09
SE MSE D 262 41.91 -16.82 -18.15
CE MSE D 262 41.44 -18.38 -17.06
N ASP D 263 41.43 -17.30 -23.40
CA ASP D 263 41.11 -16.42 -24.53
C ASP D 263 41.54 -14.97 -24.16
N PRO D 264 42.30 -14.28 -25.06
CA PRO D 264 42.67 -12.89 -24.77
C PRO D 264 41.48 -11.99 -24.49
N GLY D 265 40.40 -12.23 -25.21
CA GLY D 265 39.14 -11.48 -25.03
C GLY D 265 38.56 -11.60 -23.63
N VAL D 266 38.69 -12.81 -23.07
CA VAL D 266 38.34 -13.07 -21.68
C VAL D 266 39.25 -12.31 -20.70
N LEU D 267 40.55 -12.36 -20.93
CA LEU D 267 41.49 -11.64 -20.02
C LEU D 267 41.20 -10.14 -19.94
N ALA D 268 41.02 -9.54 -21.08
CA ALA D 268 40.76 -8.12 -21.21
C ALA D 268 39.40 -7.75 -20.61
N THR D 269 38.38 -8.49 -20.98
CA THR D 269 37.03 -8.29 -20.41
C THR D 269 37.04 -8.42 -18.86
N ASP D 270 37.80 -9.39 -18.36
CA ASP D 270 37.94 -9.59 -16.93
C ASP D 270 38.63 -8.40 -16.28
N GLU D 271 39.72 -7.96 -16.86
CA GLU D 271 40.44 -6.77 -16.35
C GLU D 271 39.50 -5.51 -16.42
N LEU D 272 38.75 -5.36 -17.47
CA LEU D 272 37.80 -4.21 -17.60
C LEU D 272 36.56 -4.26 -16.69
N THR D 273 36.24 -5.43 -16.17
CA THR D 273 35.03 -5.63 -15.32
C THR D 273 35.39 -5.98 -13.90
N LYS D 274 36.64 -5.80 -13.57
CA LYS D 274 37.10 -6.05 -12.21
C LYS D 274 36.54 -5.03 -11.23
N ASP D 275 36.82 -5.22 -9.96
CA ASP D 275 36.24 -4.36 -8.91
C ASP D 275 37.07 -4.32 -7.64
N ALA D 276 36.61 -3.53 -6.69
CA ALA D 276 37.30 -3.36 -5.39
C ALA D 276 36.87 -4.43 -4.39
N ASN D 277 37.75 -4.74 -3.46
CA ASN D 277 37.34 -5.49 -2.25
C ASN D 277 37.76 -4.85 -0.97
N VAL D 278 37.07 -5.24 0.09
CA VAL D 278 37.48 -4.95 1.45
C VAL D 278 38.48 -6.02 1.91
N PHE D 279 39.77 -5.72 1.81
CA PHE D 279 40.83 -6.72 1.90
C PHE D 279 41.00 -7.44 3.25
N THR D 280 40.63 -6.81 4.35
CA THR D 280 40.71 -7.48 5.68
C THR D 280 39.79 -8.73 5.80
N GLU D 281 38.74 -8.79 4.97
CA GLU D 281 37.86 -10.01 4.88
C GLU D 281 38.67 -11.28 4.56
N ALA D 282 39.70 -11.13 3.74
CA ALA D 282 40.61 -12.27 3.41
C ALA D 282 41.34 -12.84 4.62
N ALA D 283 41.56 -12.02 5.63
CA ALA D 283 42.27 -12.47 6.89
C ALA D 283 41.31 -13.04 7.95
N ASP D 284 40.01 -13.04 7.65
CA ASP D 284 38.98 -13.51 8.61
C ASP D 284 39.14 -15.03 8.84
N PRO D 285 39.42 -15.46 10.08
CA PRO D 285 39.51 -16.91 10.36
C PRO D 285 38.25 -17.73 9.96
N LEU D 286 37.09 -17.07 9.86
CA LEU D 286 35.83 -17.74 9.44
C LEU D 286 35.91 -18.38 8.03
N VAL D 287 36.80 -17.85 7.18
CA VAL D 287 36.99 -18.34 5.79
C VAL D 287 37.35 -19.83 5.78
N ILE D 288 38.18 -20.24 6.72
CA ILE D 288 38.64 -21.63 6.78
C ILE D 288 38.23 -22.36 8.07
N ASP D 289 37.34 -21.77 8.85
CA ASP D 289 36.92 -22.38 10.14
C ASP D 289 36.03 -23.63 9.87
N PRO D 290 36.43 -24.82 10.40
CA PRO D 290 35.68 -26.06 10.13
C PRO D 290 34.29 -26.07 10.76
N ALA D 291 34.14 -25.29 11.81
CA ALA D 291 32.80 -25.12 12.44
C ALA D 291 31.75 -24.60 11.44
N VAL D 292 32.17 -23.73 10.52
CA VAL D 292 31.24 -23.19 9.50
C VAL D 292 30.76 -24.30 8.56
N SER D 293 31.71 -24.97 7.91
CA SER D 293 31.37 -25.96 6.87
C SER D 293 30.73 -27.24 7.43
N ARG D 294 31.25 -27.70 8.56
CA ARG D 294 30.77 -28.97 9.21
C ARG D 294 29.30 -28.87 9.64
N ALA D 295 28.84 -27.64 9.87
CA ALA D 295 27.40 -27.40 10.27
C ALA D 295 26.40 -27.36 9.09
N ILE D 296 26.91 -27.37 7.87
CA ILE D 296 26.04 -27.27 6.69
C ILE D 296 25.40 -28.61 6.38
N ASP D 297 24.07 -28.60 6.33
CA ASP D 297 23.24 -29.84 6.27
C ASP D 297 22.41 -30.00 5.01
N VAL D 298 22.76 -29.27 3.97
CA VAL D 298 22.17 -29.50 2.61
C VAL D 298 23.23 -30.01 1.65
N PRO D 299 22.81 -30.51 0.48
CA PRO D 299 23.78 -30.96 -0.49
C PRO D 299 24.78 -29.87 -0.87
N VAL D 300 26.03 -30.26 -0.90
CA VAL D 300 27.13 -29.39 -1.29
C VAL D 300 27.86 -29.92 -2.52
N MSE D 301 28.13 -29.01 -3.44
CA MSE D 301 29.11 -29.27 -4.47
C MSE D 301 30.30 -28.40 -4.24
O MSE D 301 30.19 -27.23 -3.98
CB MSE D 301 28.65 -29.01 -5.86
CG MSE D 301 29.78 -29.51 -6.77
SE MSE D 301 29.16 -29.61 -8.57
CE MSE D 301 28.62 -31.47 -8.69
N PHE D 302 31.46 -29.01 -4.44
CA PHE D 302 32.74 -28.35 -4.26
C PHE D 302 33.55 -28.39 -5.57
N ALA D 303 33.90 -27.22 -6.07
CA ALA D 303 34.65 -27.13 -7.36
C ALA D 303 35.94 -26.36 -7.26
N LEU D 304 36.95 -26.88 -7.90
CA LEU D 304 38.31 -26.32 -7.83
C LEU D 304 39.09 -26.59 -9.06
N GLY D 305 39.96 -25.67 -9.39
CA GLY D 305 40.87 -25.83 -10.55
C GLY D 305 42.16 -26.49 -10.12
N ASP D 306 42.66 -27.43 -10.91
CA ASP D 306 43.89 -28.17 -10.51
C ASP D 306 45.18 -27.34 -10.61
N ARG D 307 45.08 -26.15 -11.19
CA ARG D 307 46.24 -25.19 -11.24
C ARG D 307 45.98 -23.90 -10.44
N ASP D 308 45.00 -23.96 -9.55
CA ASP D 308 44.58 -22.83 -8.75
C ASP D 308 45.74 -22.38 -7.85
N PRO D 309 46.33 -21.21 -8.14
CA PRO D 309 47.55 -20.78 -7.45
C PRO D 309 47.34 -20.35 -5.99
N LEU D 310 46.10 -20.06 -5.65
CA LEU D 310 45.75 -19.69 -4.25
C LEU D 310 45.57 -20.90 -3.31
N MSE D 311 45.15 -22.04 -3.88
CA MSE D 311 44.84 -23.27 -3.08
C MSE D 311 45.89 -24.35 -3.26
O MSE D 311 46.47 -24.86 -2.30
CB MSE D 311 43.50 -23.84 -3.48
CG MSE D 311 42.36 -22.82 -3.51
SE MSE D 311 42.04 -21.94 -1.80
CE MSE D 311 42.16 -23.54 -0.72
N CYS D 312 46.16 -24.68 -4.51
CA CYS D 312 46.97 -25.87 -4.85
C CYS D 312 48.44 -25.71 -4.55
N GLY D 313 49.03 -26.83 -4.16
CA GLY D 313 50.47 -26.93 -3.93
C GLY D 313 50.80 -28.01 -2.90
N ASP D 314 52.04 -28.47 -2.98
CA ASP D 314 52.59 -29.48 -2.07
C ASP D 314 52.50 -28.99 -0.62
N GLY D 315 51.71 -29.67 0.21
CA GLY D 315 51.48 -29.27 1.62
C GLY D 315 50.24 -28.37 1.84
N TYR D 316 49.52 -28.08 0.77
CA TYR D 316 48.32 -27.24 0.86
C TYR D 316 47.12 -28.00 0.31
N GLU D 317 46.27 -27.35 -0.49
CA GLU D 317 45.14 -28.06 -1.10
C GLU D 317 45.64 -29.07 -2.13
N ASP D 318 45.09 -30.27 -2.04
CA ASP D 318 45.56 -31.45 -2.80
C ASP D 318 44.84 -31.50 -4.15
N CYS D 319 45.54 -31.04 -5.17
CA CYS D 319 44.99 -30.97 -6.53
C CYS D 319 45.52 -32.10 -7.45
N SER D 320 46.12 -33.12 -6.85
CA SER D 320 46.74 -34.25 -7.63
C SER D 320 45.69 -35.10 -8.37
N SER D 321 44.48 -35.16 -7.81
CA SER D 321 43.36 -35.86 -8.45
C SER D 321 42.03 -35.46 -7.79
N GLN D 322 40.94 -35.68 -8.50
CA GLN D 322 39.61 -35.44 -7.94
C GLN D 322 39.35 -36.27 -6.67
N ALA D 323 39.82 -37.51 -6.68
CA ALA D 323 39.64 -38.41 -5.50
C ALA D 323 40.41 -37.93 -4.29
N ALA D 324 41.62 -37.49 -4.54
CA ALA D 324 42.52 -37.04 -3.46
C ALA D 324 41.94 -35.79 -2.84
N LEU D 325 41.40 -34.93 -3.69
CA LEU D 325 40.80 -33.66 -3.26
C LEU D 325 39.58 -33.93 -2.36
N ARG D 326 38.74 -34.84 -2.81
CA ARG D 326 37.57 -35.27 -2.04
C ARG D 326 37.96 -35.83 -0.68
N ALA D 327 38.96 -36.67 -0.68
CA ALA D 327 39.44 -37.29 0.56
C ALA D 327 39.91 -36.22 1.57
N GLN D 328 40.50 -35.17 1.06
CA GLN D 328 41.07 -34.11 1.90
C GLN D 328 39.98 -33.17 2.45
N GLU D 329 38.98 -32.88 1.62
CA GLU D 329 37.92 -31.91 1.99
C GLU D 329 36.76 -32.56 2.73
N ALA D 330 36.51 -33.83 2.45
CA ALA D 330 35.38 -34.57 3.07
C ALA D 330 35.22 -34.36 4.60
N PRO D 331 36.32 -34.47 5.39
CA PRO D 331 36.24 -34.25 6.86
C PRO D 331 35.61 -32.92 7.28
N PHE D 332 35.59 -31.95 6.36
CA PHE D 332 35.04 -30.59 6.63
C PHE D 332 33.54 -30.42 6.31
N TRP D 333 32.91 -31.45 5.78
CA TRP D 333 31.51 -31.35 5.29
C TRP D 333 30.63 -32.48 5.81
N THR D 334 30.75 -32.73 7.09
CA THR D 334 30.27 -33.99 7.70
C THR D 334 28.77 -34.01 7.89
N SER D 335 28.15 -32.84 8.01
CA SER D 335 26.66 -32.74 8.08
C SER D 335 25.96 -32.76 6.73
N ALA D 336 26.72 -32.76 5.65
CA ALA D 336 26.12 -32.66 4.30
C ALA D 336 25.59 -34.01 3.87
N PRO D 337 24.31 -34.10 3.47
CA PRO D 337 23.76 -35.41 3.01
C PRO D 337 24.44 -35.94 1.74
N SER D 338 25.06 -35.05 1.01
CA SER D 338 25.91 -35.43 -0.11
C SER D 338 27.01 -34.42 -0.33
N PHE D 339 28.12 -34.91 -0.83
CA PHE D 339 29.26 -34.09 -1.09
C PHE D 339 29.82 -34.45 -2.42
N ASP D 340 29.55 -33.63 -3.40
CA ASP D 340 30.11 -33.83 -4.74
C ASP D 340 31.32 -32.94 -4.97
N VAL D 341 32.22 -33.41 -5.79
CA VAL D 341 33.50 -32.73 -6.03
C VAL D 341 33.79 -32.74 -7.51
N ILE D 342 34.17 -31.59 -8.06
CA ILE D 342 34.76 -31.53 -9.40
C ILE D 342 36.14 -30.80 -9.43
N LEU D 343 37.11 -31.47 -10.01
CA LEU D 343 38.46 -30.94 -10.15
C LEU D 343 38.62 -30.63 -11.61
N VAL D 344 38.76 -29.37 -11.92
CA VAL D 344 38.81 -28.94 -13.31
C VAL D 344 40.26 -28.91 -13.80
N GLU D 345 40.50 -29.60 -14.89
CA GLU D 345 41.86 -29.79 -15.38
C GLU D 345 42.36 -28.56 -16.07
N ASP D 346 43.63 -28.26 -15.80
CA ASP D 346 44.35 -27.11 -16.42
C ASP D 346 43.66 -25.74 -16.16
N ALA D 347 43.04 -25.62 -14.99
CA ALA D 347 42.28 -24.41 -14.63
C ALA D 347 42.84 -23.77 -13.37
N GLY D 348 43.00 -22.47 -13.44
CA GLY D 348 43.37 -21.68 -12.28
C GLY D 348 42.17 -21.42 -11.38
N HIS D 349 42.21 -20.29 -10.73
CA HIS D 349 41.19 -19.87 -9.75
C HIS D 349 39.77 -19.63 -10.39
N GLY D 350 39.76 -18.94 -11.52
CA GLY D 350 38.47 -18.53 -12.16
C GLY D 350 37.80 -19.57 -13.07
N LEU D 351 37.01 -20.45 -12.48
CA LEU D 351 36.49 -21.63 -13.19
C LEU D 351 35.53 -21.24 -14.29
N ASN D 352 34.81 -20.16 -14.09
CA ASN D 352 33.88 -19.67 -15.12
C ASN D 352 34.55 -19.19 -16.40
N LEU D 353 35.84 -18.89 -16.33
CA LEU D 353 36.54 -18.13 -17.40
C LEU D 353 37.56 -18.94 -18.26
N VAL D 354 37.74 -20.21 -17.89
CA VAL D 354 38.77 -21.08 -18.51
C VAL D 354 38.21 -21.73 -19.78
N PRO D 355 39.10 -22.13 -20.73
CA PRO D 355 38.65 -22.67 -22.02
C PRO D 355 37.83 -23.92 -21.88
N ASN D 356 38.17 -24.75 -20.90
CA ASN D 356 37.35 -25.98 -20.62
C ASN D 356 36.28 -25.80 -19.50
N THR D 357 35.69 -24.62 -19.44
CA THR D 357 34.68 -24.32 -18.42
C THR D 357 33.39 -25.16 -18.56
N ARG D 358 33.11 -25.65 -19.75
CA ARG D 358 31.84 -26.38 -20.00
C ARG D 358 31.75 -27.67 -19.21
N VAL D 359 32.89 -28.29 -18.97
CA VAL D 359 32.97 -29.51 -18.18
C VAL D 359 32.41 -29.26 -16.79
N TYR D 360 32.74 -28.09 -16.28
CA TYR D 360 32.37 -27.62 -14.94
C TYR D 360 30.88 -27.14 -14.87
N GLN D 361 30.49 -26.44 -15.91
CA GLN D 361 29.09 -26.06 -16.11
C GLN D 361 28.18 -27.27 -16.15
N ASP D 362 28.60 -28.26 -16.92
CA ASP D 362 27.81 -29.49 -17.10
C ASP D 362 27.68 -30.22 -15.80
N ALA D 363 28.76 -30.32 -15.08
CA ALA D 363 28.77 -31.09 -13.84
C ALA D 363 27.90 -30.40 -12.80
N SER D 364 27.91 -29.08 -12.82
CA SER D 364 27.07 -28.26 -11.93
C SER D 364 25.59 -28.38 -12.23
N ARG D 365 25.28 -28.39 -13.51
CA ARG D 365 23.89 -28.51 -13.96
C ARG D 365 23.35 -29.88 -13.58
N ASP D 366 24.15 -30.91 -13.86
CA ASP D 366 23.77 -32.32 -13.56
C ASP D 366 23.50 -32.49 -12.10
N TRP D 367 24.34 -31.85 -11.30
CA TRP D 367 24.19 -31.85 -9.83
C TRP D 367 22.89 -31.18 -9.39
N LEU D 368 22.63 -29.99 -9.88
CA LEU D 368 21.38 -29.27 -9.60
C LEU D 368 20.17 -30.13 -9.94
N ASP D 369 20.22 -30.73 -11.12
CA ASP D 369 19.10 -31.56 -11.60
C ASP D 369 18.87 -32.71 -10.63
N ARG D 370 19.97 -33.26 -10.15
CA ARG D 370 19.93 -34.44 -9.28
C ARG D 370 19.44 -34.13 -7.86
N VAL D 371 19.72 -32.94 -7.38
CA VAL D 371 19.60 -32.66 -5.92
C VAL D 371 18.46 -31.67 -5.57
N VAL D 372 18.11 -30.80 -6.51
CA VAL D 372 16.93 -29.89 -6.33
C VAL D 372 15.94 -29.91 -7.48
N GLY D 373 16.43 -30.00 -8.70
CA GLY D 373 15.56 -29.81 -9.87
C GLY D 373 15.09 -28.35 -9.98
N HIS D 374 14.45 -28.03 -11.08
CA HIS D 374 14.06 -26.61 -11.35
C HIS D 374 12.59 -26.29 -11.12
N GLY D 375 11.80 -27.30 -10.76
CA GLY D 375 10.35 -27.16 -10.58
C GLY D 375 9.73 -27.43 -11.95
N LEU D 376 8.98 -26.45 -12.47
CA LEU D 376 8.43 -26.50 -13.88
C LEU D 376 8.18 -27.91 -14.40
#